data_5Z8Q
#
_entry.id   5Z8Q
#
_entity_poly.entity_id   1
_entity_poly.type   'polypeptide(L)'
_entity_poly.pdbx_seq_one_letter_code
;SKEEDEKESQRIASKNQLESIAYSLKNTISEAGDKLEQADKDTVTKKAEETISWLDSNTTASKEEFDDKLKELQDIANPI
MSKLYQAGGAPGGAAGGAPGG
;
_entity_poly.pdbx_strand_id   A
#
# COMPACT_ATOMS: atom_id res chain seq x y z
N SER A 1 25.25 5.07 20.96
CA SER A 1 24.15 5.04 21.89
C SER A 1 23.07 4.04 21.41
N LYS A 2 22.15 3.71 22.28
CA LYS A 2 21.04 2.82 21.93
C LYS A 2 20.03 3.52 21.01
N GLU A 3 19.92 4.83 21.16
CA GLU A 3 18.89 5.66 20.49
C GLU A 3 18.92 5.52 18.97
N GLU A 4 20.08 5.65 18.37
CA GLU A 4 20.21 5.52 16.94
C GLU A 4 19.84 4.13 16.47
N ASP A 5 20.30 3.12 17.20
CA ASP A 5 20.05 1.72 16.87
C ASP A 5 18.56 1.42 16.85
N GLU A 6 17.88 1.97 17.83
CA GLU A 6 16.44 1.84 17.95
C GLU A 6 15.74 2.46 16.76
N LYS A 7 16.12 3.67 16.44
CA LYS A 7 15.51 4.39 15.34
C LYS A 7 15.81 3.71 14.01
N GLU A 8 17.06 3.29 13.81
CA GLU A 8 17.47 2.65 12.56
C GLU A 8 16.71 1.37 12.31
N SER A 9 16.61 0.54 13.31
CA SER A 9 15.93 -0.73 13.19
C SER A 9 14.43 -0.52 12.87
N GLN A 10 13.86 0.55 13.40
CA GLN A 10 12.47 0.89 13.11
C GLN A 10 12.34 1.40 11.68
N ARG A 11 13.32 2.16 11.23
CA ARG A 11 13.34 2.66 9.86
C ARG A 11 13.42 1.51 8.87
N ILE A 12 14.20 0.49 9.24
CA ILE A 12 14.30 -0.73 8.44
C ILE A 12 12.94 -1.40 8.33
N ALA A 13 12.31 -1.60 9.48
CA ALA A 13 11.00 -2.23 9.54
C ALA A 13 9.96 -1.43 8.74
N SER A 14 10.00 -0.11 8.90
CA SER A 14 9.10 0.78 8.21
C SER A 14 9.31 0.69 6.69
N LYS A 15 10.58 0.72 6.24
CA LYS A 15 10.89 0.60 4.81
C LYS A 15 10.35 -0.70 4.27
N ASN A 16 10.69 -1.77 4.95
CA ASN A 16 10.33 -3.12 4.53
C ASN A 16 8.81 -3.26 4.41
N GLN A 17 8.08 -2.85 5.43
CA GLN A 17 6.64 -3.00 5.44
C GLN A 17 5.97 -2.08 4.41
N LEU A 18 6.45 -0.86 4.31
CA LEU A 18 5.93 0.12 3.35
C LEU A 18 6.15 -0.39 1.92
N GLU A 19 7.33 -0.94 1.68
CA GLU A 19 7.70 -1.53 0.40
C GLU A 19 6.74 -2.68 0.07
N SER A 20 6.53 -3.55 1.05
CA SER A 20 5.65 -4.70 0.89
C SER A 20 4.22 -4.26 0.53
N ILE A 21 3.73 -3.21 1.20
CA ILE A 21 2.40 -2.70 0.96
C ILE A 21 2.25 -2.12 -0.45
N ALA A 22 3.30 -1.49 -0.96
CA ALA A 22 3.28 -0.96 -2.32
C ALA A 22 3.09 -2.11 -3.32
N TYR A 23 3.81 -3.21 -3.09
CA TYR A 23 3.66 -4.39 -3.93
C TYR A 23 2.29 -5.03 -3.74
N SER A 24 1.79 -4.96 -2.51
CA SER A 24 0.48 -5.52 -2.17
C SER A 24 -0.64 -4.79 -2.94
N LEU A 25 -0.50 -3.48 -3.07
CA LEU A 25 -1.45 -2.65 -3.80
C LEU A 25 -1.49 -3.08 -5.27
N LYS A 26 -0.32 -3.31 -5.85
CA LYS A 26 -0.26 -3.75 -7.24
C LYS A 26 -0.76 -5.20 -7.37
N ASN A 27 -0.46 -6.01 -6.37
CA ASN A 27 -0.89 -7.43 -6.30
C ASN A 27 -2.42 -7.50 -6.27
N THR A 28 -3.02 -6.58 -5.56
CA THR A 28 -4.46 -6.50 -5.48
C THR A 28 -5.05 -6.13 -6.86
N ILE A 29 -4.42 -5.18 -7.55
CA ILE A 29 -4.83 -4.81 -8.89
C ILE A 29 -4.69 -5.96 -9.90
N SER A 30 -3.80 -6.90 -9.62
CA SER A 30 -3.59 -8.06 -10.46
C SER A 30 -4.88 -8.91 -10.61
N GLU A 31 -5.81 -8.81 -9.65
CA GLU A 31 -7.06 -9.55 -9.76
C GLU A 31 -8.21 -8.57 -10.05
N ALA A 32 -7.87 -7.31 -10.04
CA ALA A 32 -8.80 -6.22 -10.18
C ALA A 32 -9.09 -5.85 -11.62
N GLY A 33 -8.47 -6.57 -12.56
CA GLY A 33 -8.55 -6.29 -14.01
C GLY A 33 -9.89 -5.76 -14.50
N ASP A 34 -10.94 -6.55 -14.36
CA ASP A 34 -12.27 -6.17 -14.83
C ASP A 34 -13.08 -5.45 -13.73
N LYS A 35 -12.56 -5.50 -12.54
CA LYS A 35 -13.25 -4.98 -11.37
C LYS A 35 -12.99 -3.49 -11.16
N LEU A 36 -11.87 -3.03 -11.65
CA LEU A 36 -11.54 -1.62 -11.56
C LEU A 36 -11.40 -1.03 -12.92
N GLU A 37 -11.43 0.27 -12.96
CA GLU A 37 -11.32 1.00 -14.17
C GLU A 37 -9.85 1.29 -14.38
N GLN A 38 -9.46 1.59 -15.58
CA GLN A 38 -8.05 1.76 -15.89
C GLN A 38 -7.45 2.96 -15.19
N ALA A 39 -8.25 4.00 -15.01
CA ALA A 39 -7.78 5.24 -14.40
C ALA A 39 -7.45 5.10 -12.92
N ASP A 40 -8.37 4.61 -12.13
CA ASP A 40 -8.15 4.47 -10.70
C ASP A 40 -7.15 3.38 -10.41
N LYS A 41 -7.15 2.36 -11.25
CA LYS A 41 -6.19 1.29 -11.18
C LYS A 41 -4.78 1.82 -11.39
N ASP A 42 -4.61 2.67 -12.41
CA ASP A 42 -3.29 3.24 -12.70
C ASP A 42 -2.89 4.18 -11.58
N THR A 43 -3.86 4.91 -11.05
CA THR A 43 -3.62 5.86 -9.98
C THR A 43 -2.97 5.19 -8.75
N VAL A 44 -3.54 4.07 -8.31
CA VAL A 44 -3.00 3.39 -7.15
C VAL A 44 -1.67 2.74 -7.41
N THR A 45 -1.57 1.98 -8.47
CA THR A 45 -0.36 1.28 -8.76
C THR A 45 0.79 2.23 -9.10
N LYS A 46 0.48 3.33 -9.80
CA LYS A 46 1.49 4.32 -10.14
C LYS A 46 2.02 4.92 -8.87
N LYS A 47 1.10 5.20 -7.94
CA LYS A 47 1.44 5.80 -6.68
C LYS A 47 2.30 4.82 -5.90
N ALA A 48 1.99 3.54 -6.01
CA ALA A 48 2.73 2.48 -5.35
C ALA A 48 4.17 2.47 -5.83
N GLU A 49 4.34 2.64 -7.12
CA GLU A 49 5.67 2.65 -7.71
C GLU A 49 6.41 3.91 -7.32
N GLU A 50 5.67 5.02 -7.19
CA GLU A 50 6.23 6.27 -6.70
C GLU A 50 6.69 6.06 -5.28
N THR A 51 5.93 5.29 -4.56
CA THR A 51 6.20 4.97 -3.19
C THR A 51 7.52 4.16 -3.06
N ILE A 52 7.70 3.22 -3.98
CA ILE A 52 8.92 2.42 -4.04
C ILE A 52 10.13 3.33 -4.37
N SER A 53 9.94 4.19 -5.35
CA SER A 53 10.97 5.14 -5.75
C SER A 53 11.28 6.13 -4.61
N TRP A 54 10.24 6.55 -3.89
CA TRP A 54 10.38 7.46 -2.76
C TRP A 54 11.26 6.83 -1.69
N LEU A 55 11.05 5.56 -1.43
CA LEU A 55 11.80 4.84 -0.41
C LEU A 55 13.29 4.80 -0.77
N ASP A 56 13.58 4.63 -2.03
CA ASP A 56 14.96 4.55 -2.50
C ASP A 56 15.60 5.95 -2.53
N SER A 57 14.80 6.94 -2.76
CA SER A 57 15.28 8.28 -2.85
C SER A 57 15.42 8.91 -1.46
N ASN A 58 14.58 8.48 -0.54
CA ASN A 58 14.47 9.10 0.76
C ASN A 58 14.68 8.11 1.84
N THR A 59 15.59 7.21 1.61
CA THR A 59 16.01 6.22 2.58
C THR A 59 16.55 6.95 3.83
N THR A 60 17.03 8.17 3.60
CA THR A 60 17.58 9.07 4.58
C THR A 60 16.49 9.80 5.40
N ALA A 61 15.22 9.40 5.24
CA ALA A 61 14.14 9.97 6.02
C ALA A 61 13.92 9.12 7.27
N SER A 62 13.28 9.67 8.28
CA SER A 62 13.07 8.95 9.53
C SER A 62 11.86 8.02 9.41
N LYS A 63 11.62 7.16 10.42
CA LYS A 63 10.50 6.20 10.32
C LYS A 63 9.14 6.91 10.36
N GLU A 64 9.14 8.11 10.92
CA GLU A 64 7.93 8.94 10.96
C GLU A 64 7.54 9.35 9.55
N GLU A 65 8.54 9.59 8.74
CA GLU A 65 8.37 9.99 7.37
C GLU A 65 7.96 8.79 6.51
N PHE A 66 8.51 7.62 6.81
CA PHE A 66 8.07 6.39 6.15
C PHE A 66 6.62 6.08 6.52
N ASP A 67 6.28 6.35 7.78
CA ASP A 67 4.90 6.23 8.25
C ASP A 67 4.01 7.19 7.49
N ASP A 68 4.49 8.41 7.31
CA ASP A 68 3.76 9.46 6.60
C ASP A 68 3.41 9.01 5.19
N LYS A 69 4.42 8.47 4.50
CA LYS A 69 4.25 7.93 3.17
C LYS A 69 3.22 6.79 3.17
N LEU A 70 3.32 5.93 4.16
CA LEU A 70 2.39 4.82 4.32
C LEU A 70 0.95 5.35 4.46
N LYS A 71 0.79 6.35 5.28
CA LYS A 71 -0.50 6.95 5.56
C LYS A 71 -1.11 7.58 4.30
N GLU A 72 -0.33 8.35 3.56
CA GLU A 72 -0.84 8.99 2.35
C GLU A 72 -1.07 7.99 1.22
N LEU A 73 -0.32 6.90 1.24
CA LEU A 73 -0.50 5.83 0.30
C LEU A 73 -1.85 5.16 0.60
N GLN A 74 -2.06 4.84 1.87
CA GLN A 74 -3.30 4.21 2.32
C GLN A 74 -4.50 5.10 2.07
N ASP A 75 -4.34 6.39 2.29
CA ASP A 75 -5.44 7.36 2.11
C ASP A 75 -5.96 7.39 0.69
N ILE A 76 -5.06 7.46 -0.27
CA ILE A 76 -5.44 7.52 -1.68
C ILE A 76 -5.91 6.14 -2.18
N ALA A 77 -5.31 5.10 -1.64
CA ALA A 77 -5.66 3.75 -2.03
C ALA A 77 -7.00 3.33 -1.44
N ASN A 78 -7.33 3.87 -0.28
CA ASN A 78 -8.55 3.52 0.46
C ASN A 78 -9.85 3.55 -0.39
N PRO A 79 -10.24 4.69 -1.04
CA PRO A 79 -11.48 4.75 -1.85
C PRO A 79 -11.43 3.79 -3.05
N ILE A 80 -10.25 3.64 -3.62
CA ILE A 80 -10.07 2.79 -4.78
C ILE A 80 -10.15 1.31 -4.37
N MET A 81 -9.63 0.98 -3.20
CA MET A 81 -9.79 -0.36 -2.64
C MET A 81 -11.26 -0.60 -2.33
N SER A 82 -11.93 0.43 -1.83
CA SER A 82 -13.31 0.35 -1.44
C SER A 82 -14.18 0.08 -2.66
N LYS A 83 -13.96 0.82 -3.76
CA LYS A 83 -14.75 0.62 -4.97
C LYS A 83 -14.51 -0.77 -5.56
N LEU A 84 -13.31 -1.28 -5.35
CA LEU A 84 -12.95 -2.63 -5.73
C LEU A 84 -13.75 -3.63 -4.88
N TYR A 85 -13.73 -3.42 -3.57
CA TYR A 85 -14.39 -4.30 -2.65
C TYR A 85 -15.90 -4.29 -2.84
N GLN A 86 -16.50 -3.14 -2.93
CA GLN A 86 -17.92 -3.08 -3.19
C GLN A 86 -18.22 -3.18 -4.68
N ALA A 87 -18.00 -4.37 -5.13
CA ALA A 87 -18.14 -4.81 -6.49
C ALA A 87 -18.06 -6.31 -6.47
N GLY A 88 -16.96 -6.79 -5.92
CA GLY A 88 -16.77 -8.21 -5.78
C GLY A 88 -15.56 -8.50 -4.95
N GLY A 89 -15.47 -7.82 -3.83
CA GLY A 89 -14.35 -8.00 -2.94
C GLY A 89 -14.78 -8.08 -1.50
N ALA A 90 -15.76 -7.28 -1.14
CA ALA A 90 -16.32 -7.30 0.19
C ALA A 90 -17.49 -8.25 0.17
N PRO A 91 -17.66 -9.07 1.20
CA PRO A 91 -18.76 -10.03 1.25
C PRO A 91 -20.11 -9.34 1.42
N GLY A 92 -20.91 -9.36 0.38
CA GLY A 92 -22.23 -8.79 0.44
C GLY A 92 -23.28 -9.89 0.44
N GLY A 93 -23.13 -10.80 -0.48
CA GLY A 93 -24.04 -11.90 -0.60
C GLY A 93 -24.06 -12.42 -2.01
N ALA A 94 -24.59 -11.62 -2.90
CA ALA A 94 -24.64 -11.96 -4.30
C ALA A 94 -23.44 -11.38 -5.01
N ALA A 95 -23.26 -10.08 -4.84
CA ALA A 95 -22.18 -9.33 -5.43
C ALA A 95 -22.02 -8.08 -4.61
N GLY A 96 -21.15 -7.19 -5.02
CA GLY A 96 -20.96 -5.95 -4.32
C GLY A 96 -22.13 -5.01 -4.52
N GLY A 97 -22.55 -4.38 -3.45
CA GLY A 97 -23.67 -3.49 -3.48
C GLY A 97 -23.39 -2.23 -4.26
N ALA A 98 -24.09 -2.07 -5.34
CA ALA A 98 -23.96 -0.92 -6.19
C ALA A 98 -24.55 0.30 -5.48
N PRO A 99 -23.91 1.48 -5.61
CA PRO A 99 -24.39 2.73 -4.97
C PRO A 99 -25.69 3.26 -5.59
N GLY A 100 -26.13 2.62 -6.64
CA GLY A 100 -27.36 3.00 -7.29
C GLY A 100 -27.12 3.81 -8.52
N GLY A 101 -26.86 5.07 -8.33
CA GLY A 101 -26.61 5.96 -9.42
C GLY A 101 -27.05 7.33 -9.05
N SER A 1 24.97 3.04 21.08
CA SER A 1 24.23 2.47 22.19
C SER A 1 22.96 1.79 21.66
N LYS A 2 22.11 1.29 22.55
CA LYS A 2 20.95 0.49 22.18
C LYS A 2 19.85 1.29 21.47
N GLU A 3 19.49 2.46 22.00
CA GLU A 3 18.37 3.25 21.49
C GLU A 3 18.48 3.62 20.02
N GLU A 4 19.64 4.01 19.61
CA GLU A 4 19.85 4.40 18.22
C GLU A 4 19.69 3.20 17.28
N ASP A 5 20.10 2.03 17.74
CA ASP A 5 19.99 0.79 16.97
C ASP A 5 18.54 0.35 16.93
N GLU A 6 17.84 0.59 18.03
CA GLU A 6 16.41 0.29 18.11
C GLU A 6 15.66 1.16 17.13
N LYS A 7 15.92 2.45 17.18
CA LYS A 7 15.29 3.41 16.30
C LYS A 7 15.63 3.14 14.83
N GLU A 8 16.88 2.78 14.55
CA GLU A 8 17.27 2.40 13.20
C GLU A 8 16.54 1.16 12.73
N SER A 9 16.39 0.19 13.59
CA SER A 9 15.69 -1.03 13.24
C SER A 9 14.20 -0.73 12.99
N GLN A 10 13.63 0.19 13.77
CA GLN A 10 12.26 0.65 13.57
C GLN A 10 12.15 1.36 12.23
N ARG A 11 13.16 2.16 11.93
CA ARG A 11 13.25 2.89 10.68
C ARG A 11 13.29 1.93 9.51
N ILE A 12 14.08 0.87 9.64
CA ILE A 12 14.16 -0.20 8.64
C ILE A 12 12.78 -0.81 8.46
N ALA A 13 12.16 -1.16 9.59
CA ALA A 13 10.84 -1.76 9.61
C ALA A 13 9.79 -0.84 8.98
N SER A 14 9.97 0.46 9.15
CA SER A 14 9.11 1.46 8.55
C SER A 14 9.29 1.44 7.03
N LYS A 15 10.56 1.48 6.56
CA LYS A 15 10.89 1.45 5.11
C LYS A 15 10.32 0.19 4.50
N ASN A 16 10.52 -0.90 5.22
CA ASN A 16 10.09 -2.22 4.84
C ASN A 16 8.56 -2.26 4.64
N GLN A 17 7.85 -1.52 5.49
CA GLN A 17 6.41 -1.52 5.50
C GLN A 17 5.80 -0.81 4.29
N LEU A 18 6.23 0.39 3.98
CA LEU A 18 5.63 1.09 2.85
C LEU A 18 6.01 0.46 1.52
N GLU A 19 7.17 -0.16 1.50
CA GLU A 19 7.63 -0.89 0.34
C GLU A 19 6.75 -2.12 0.11
N SER A 20 6.52 -2.89 1.17
CA SER A 20 5.75 -4.11 1.05
C SER A 20 4.27 -3.81 0.76
N ILE A 21 3.77 -2.74 1.35
CA ILE A 21 2.42 -2.31 1.10
C ILE A 21 2.25 -1.83 -0.35
N ALA A 22 3.28 -1.18 -0.89
CA ALA A 22 3.25 -0.75 -2.29
C ALA A 22 3.10 -1.95 -3.22
N TYR A 23 3.85 -3.01 -2.93
CA TYR A 23 3.76 -4.25 -3.68
C TYR A 23 2.38 -4.87 -3.49
N SER A 24 1.93 -4.90 -2.24
CA SER A 24 0.65 -5.46 -1.90
C SER A 24 -0.48 -4.72 -2.58
N LEU A 25 -0.36 -3.41 -2.69
CA LEU A 25 -1.36 -2.58 -3.33
C LEU A 25 -1.57 -3.03 -4.77
N LYS A 26 -0.47 -3.10 -5.51
CA LYS A 26 -0.54 -3.53 -6.90
C LYS A 26 -1.10 -4.93 -6.98
N ASN A 27 -0.55 -5.81 -6.15
CA ASN A 27 -0.92 -7.23 -6.13
C ASN A 27 -2.38 -7.46 -5.78
N THR A 28 -2.96 -6.57 -5.00
CA THR A 28 -4.36 -6.70 -4.62
C THR A 28 -5.24 -6.40 -5.85
N ILE A 29 -4.91 -5.34 -6.57
CA ILE A 29 -5.66 -4.98 -7.75
C ILE A 29 -5.38 -6.00 -8.89
N SER A 30 -4.17 -6.55 -8.89
CA SER A 30 -3.80 -7.60 -9.84
C SER A 30 -4.69 -8.85 -9.67
N GLU A 31 -5.21 -9.06 -8.46
CA GLU A 31 -6.10 -10.18 -8.21
C GLU A 31 -7.55 -9.82 -8.51
N ALA A 32 -7.78 -8.57 -8.80
CA ALA A 32 -9.09 -8.12 -9.20
C ALA A 32 -9.16 -8.11 -10.71
N GLY A 33 -8.25 -7.36 -11.33
CA GLY A 33 -8.15 -7.27 -12.77
C GLY A 33 -9.36 -6.64 -13.43
N ASP A 34 -10.32 -7.49 -13.78
CA ASP A 34 -11.54 -7.10 -14.49
C ASP A 34 -12.52 -6.44 -13.54
N LYS A 35 -12.35 -6.76 -12.29
CA LYS A 35 -13.29 -6.35 -11.25
C LYS A 35 -13.04 -4.93 -10.79
N LEU A 36 -11.92 -4.37 -11.16
CA LEU A 36 -11.59 -3.04 -10.75
C LEU A 36 -11.23 -2.24 -11.99
N GLU A 37 -11.63 -1.00 -12.02
CA GLU A 37 -11.54 -0.19 -13.21
C GLU A 37 -10.11 0.28 -13.50
N GLN A 38 -9.85 0.53 -14.76
CA GLN A 38 -8.52 0.82 -15.27
C GLN A 38 -7.91 2.09 -14.68
N ALA A 39 -8.67 3.18 -14.68
CA ALA A 39 -8.15 4.47 -14.20
C ALA A 39 -7.74 4.40 -12.73
N ASP A 40 -8.60 3.84 -11.91
CA ASP A 40 -8.33 3.68 -10.49
C ASP A 40 -7.25 2.63 -10.23
N LYS A 41 -7.20 1.61 -11.08
CA LYS A 41 -6.11 0.62 -11.07
C LYS A 41 -4.78 1.34 -11.29
N ASP A 42 -4.77 2.20 -12.29
CA ASP A 42 -3.60 2.97 -12.64
C ASP A 42 -3.25 3.93 -11.53
N THR A 43 -4.27 4.50 -10.91
CA THR A 43 -4.09 5.43 -9.82
C THR A 43 -3.28 4.79 -8.67
N VAL A 44 -3.73 3.65 -8.19
CA VAL A 44 -3.05 2.98 -7.09
C VAL A 44 -1.68 2.45 -7.45
N THR A 45 -1.57 1.74 -8.53
CA THR A 45 -0.31 1.20 -8.97
C THR A 45 0.73 2.29 -9.22
N LYS A 46 0.30 3.39 -9.80
CA LYS A 46 1.17 4.55 -10.05
C LYS A 46 1.60 5.19 -8.74
N LYS A 47 0.70 5.24 -7.76
CA LYS A 47 1.06 5.72 -6.43
C LYS A 47 2.07 4.79 -5.80
N ALA A 48 1.94 3.51 -6.10
CA ALA A 48 2.87 2.50 -5.63
C ALA A 48 4.23 2.74 -6.28
N GLU A 49 4.21 3.13 -7.54
CA GLU A 49 5.43 3.46 -8.27
C GLU A 49 6.13 4.65 -7.63
N GLU A 50 5.36 5.66 -7.24
CA GLU A 50 5.92 6.83 -6.60
C GLU A 50 6.50 6.42 -5.27
N THR A 51 5.83 5.52 -4.61
CA THR A 51 6.24 5.03 -3.34
C THR A 51 7.60 4.30 -3.41
N ILE A 52 7.75 3.45 -4.39
CA ILE A 52 9.00 2.70 -4.58
C ILE A 52 10.12 3.67 -5.01
N SER A 53 9.78 4.56 -5.92
CA SER A 53 10.70 5.55 -6.42
C SER A 53 11.13 6.49 -5.28
N TRP A 54 10.18 6.81 -4.39
CA TRP A 54 10.43 7.67 -3.26
C TRP A 54 11.50 7.06 -2.35
N LEU A 55 11.43 5.75 -2.17
CA LEU A 55 12.43 5.03 -1.36
C LEU A 55 13.81 5.18 -1.96
N ASP A 56 13.87 5.09 -3.28
CA ASP A 56 15.12 5.20 -4.03
C ASP A 56 15.66 6.61 -3.92
N SER A 57 14.77 7.56 -3.81
CA SER A 57 15.16 8.93 -3.78
C SER A 57 15.47 9.40 -2.34
N ASN A 58 14.72 8.90 -1.37
CA ASN A 58 14.77 9.43 -0.02
C ASN A 58 14.87 8.36 1.07
N THR A 59 15.60 7.27 0.82
CA THR A 59 15.79 6.23 1.86
C THR A 59 16.50 6.80 3.11
N THR A 60 17.23 7.88 2.92
CA THR A 60 17.94 8.55 3.97
C THR A 60 17.01 9.42 4.86
N ALA A 61 15.71 9.27 4.69
CA ALA A 61 14.73 9.99 5.47
C ALA A 61 14.51 9.30 6.82
N SER A 62 13.82 9.96 7.73
CA SER A 62 13.55 9.40 9.04
C SER A 62 12.28 8.52 8.97
N LYS A 63 12.02 7.73 10.01
CA LYS A 63 10.90 6.78 10.03
C LYS A 63 9.55 7.49 9.86
N GLU A 64 9.47 8.71 10.37
CA GLU A 64 8.27 9.54 10.29
C GLU A 64 7.91 9.81 8.84
N GLU A 65 8.92 10.04 8.03
CA GLU A 65 8.76 10.37 6.63
C GLU A 65 8.31 9.15 5.84
N PHE A 66 8.76 7.98 6.28
CA PHE A 66 8.34 6.72 5.66
C PHE A 66 6.91 6.41 6.05
N ASP A 67 6.58 6.69 7.30
CA ASP A 67 5.22 6.51 7.82
C ASP A 67 4.25 7.44 7.08
N ASP A 68 4.71 8.64 6.82
CA ASP A 68 3.95 9.64 6.04
C ASP A 68 3.60 9.09 4.66
N LYS A 69 4.58 8.43 4.05
CA LYS A 69 4.41 7.79 2.77
C LYS A 69 3.42 6.66 2.80
N LEU A 70 3.31 6.00 3.93
CA LEU A 70 2.35 4.93 4.08
C LEU A 70 0.97 5.57 4.15
N LYS A 71 0.88 6.65 4.90
CA LYS A 71 -0.35 7.39 5.07
C LYS A 71 -0.92 7.91 3.77
N GLU A 72 -0.12 8.63 2.99
CA GLU A 72 -0.64 9.17 1.74
C GLU A 72 -0.91 8.09 0.69
N LEU A 73 -0.16 7.00 0.75
CA LEU A 73 -0.37 5.86 -0.12
C LEU A 73 -1.76 5.27 0.17
N GLN A 74 -2.01 5.00 1.44
CA GLN A 74 -3.30 4.46 1.86
C GLN A 74 -4.41 5.47 1.67
N ASP A 75 -4.08 6.73 1.79
CA ASP A 75 -5.05 7.82 1.64
C ASP A 75 -5.66 7.82 0.26
N ILE A 76 -4.81 7.65 -0.74
CA ILE A 76 -5.27 7.64 -2.12
C ILE A 76 -5.85 6.26 -2.48
N ALA A 77 -5.32 5.21 -1.87
CA ALA A 77 -5.77 3.85 -2.15
C ALA A 77 -7.12 3.54 -1.49
N ASN A 78 -7.46 4.31 -0.47
CA ASN A 78 -8.70 4.13 0.31
C ASN A 78 -9.98 4.07 -0.58
N PRO A 79 -10.27 5.10 -1.45
CA PRO A 79 -11.43 5.06 -2.35
C PRO A 79 -11.37 3.89 -3.35
N ILE A 80 -10.17 3.48 -3.72
CA ILE A 80 -10.00 2.36 -4.65
C ILE A 80 -10.30 1.03 -3.93
N MET A 81 -10.06 1.00 -2.63
CA MET A 81 -10.40 -0.18 -1.85
C MET A 81 -11.89 -0.31 -1.67
N SER A 82 -12.56 0.83 -1.76
CA SER A 82 -14.00 0.86 -1.74
C SER A 82 -14.54 0.24 -3.05
N LYS A 83 -13.72 0.35 -4.12
CA LYS A 83 -14.05 -0.27 -5.39
C LYS A 83 -13.86 -1.77 -5.25
N LEU A 84 -12.65 -2.14 -4.79
CA LEU A 84 -12.25 -3.52 -4.62
C LEU A 84 -13.27 -4.28 -3.78
N TYR A 85 -13.53 -3.81 -2.57
CA TYR A 85 -14.39 -4.54 -1.63
C TYR A 85 -15.89 -4.56 -1.98
N GLN A 86 -16.27 -3.92 -3.06
CA GLN A 86 -17.67 -3.96 -3.48
C GLN A 86 -17.86 -4.62 -4.84
N ALA A 87 -16.94 -4.41 -5.74
CA ALA A 87 -17.06 -4.99 -7.07
C ALA A 87 -16.54 -6.42 -7.10
N GLY A 88 -15.63 -6.72 -6.22
CA GLY A 88 -15.06 -8.02 -6.12
C GLY A 88 -14.27 -8.12 -4.86
N GLY A 89 -14.98 -8.03 -3.75
CA GLY A 89 -14.33 -7.98 -2.48
C GLY A 89 -14.34 -9.30 -1.78
N ALA A 90 -14.11 -10.35 -2.54
CA ALA A 90 -14.05 -11.74 -2.05
C ALA A 90 -15.34 -12.15 -1.29
N PRO A 91 -16.39 -12.60 -2.02
CA PRO A 91 -17.61 -13.09 -1.39
C PRO A 91 -17.32 -14.29 -0.47
N GLY A 92 -17.59 -14.13 0.80
CA GLY A 92 -17.30 -15.14 1.77
C GLY A 92 -18.22 -15.02 2.96
N GLY A 93 -19.46 -14.81 2.67
CA GLY A 93 -20.46 -14.71 3.70
C GLY A 93 -21.74 -15.30 3.22
N ALA A 94 -22.08 -16.46 3.75
CA ALA A 94 -23.28 -17.22 3.40
C ALA A 94 -23.38 -17.44 1.90
N ALA A 95 -22.50 -18.27 1.39
CA ALA A 95 -22.45 -18.54 -0.03
C ALA A 95 -23.08 -19.88 -0.33
N GLY A 96 -23.29 -20.14 -1.60
CA GLY A 96 -23.87 -21.37 -2.02
C GLY A 96 -22.81 -22.40 -2.29
N GLY A 97 -22.04 -22.72 -1.28
CA GLY A 97 -20.99 -23.68 -1.42
C GLY A 97 -20.70 -24.39 -0.14
N ALA A 98 -21.69 -25.07 0.39
CA ALA A 98 -21.53 -25.83 1.61
C ALA A 98 -20.87 -27.22 1.37
N PRO A 99 -21.41 -28.08 0.45
CA PRO A 99 -20.80 -29.39 0.16
C PRO A 99 -19.40 -29.20 -0.44
N GLY A 100 -18.43 -29.72 0.23
CA GLY A 100 -17.07 -29.50 -0.15
C GLY A 100 -16.40 -28.72 0.93
N GLY A 101 -16.19 -29.37 2.02
CA GLY A 101 -15.62 -28.76 3.16
C GLY A 101 -15.93 -29.59 4.35
N SER A 1 24.19 2.17 21.17
CA SER A 1 23.25 2.26 22.24
C SER A 1 21.92 1.74 21.73
N LYS A 2 20.96 1.56 22.62
CA LYS A 2 19.66 1.08 22.24
C LYS A 2 18.85 2.09 21.45
N GLU A 3 19.04 3.38 21.69
CA GLU A 3 18.27 4.40 20.99
C GLU A 3 18.39 4.32 19.49
N GLU A 4 19.60 4.30 18.98
CA GLU A 4 19.78 4.23 17.56
C GLU A 4 19.37 2.88 17.06
N ASP A 5 19.66 1.87 17.85
CA ASP A 5 19.33 0.49 17.50
C ASP A 5 17.82 0.34 17.30
N GLU A 6 17.06 0.92 18.19
CA GLU A 6 15.62 0.80 18.13
C GLU A 6 15.04 1.63 17.01
N LYS A 7 15.54 2.84 16.86
CA LYS A 7 15.02 3.71 15.85
C LYS A 7 15.37 3.19 14.46
N GLU A 8 16.62 2.75 14.29
CA GLU A 8 17.07 2.18 13.03
C GLU A 8 16.30 0.92 12.67
N SER A 9 16.14 0.01 13.62
CA SER A 9 15.42 -1.24 13.35
C SER A 9 13.97 -0.97 12.94
N GLN A 10 13.34 0.00 13.59
CA GLN A 10 11.97 0.38 13.26
C GLN A 10 11.94 1.14 11.95
N ARG A 11 13.00 1.86 11.66
CA ARG A 11 13.15 2.58 10.40
C ARG A 11 13.22 1.57 9.26
N ILE A 12 13.94 0.47 9.51
CA ILE A 12 14.02 -0.64 8.58
C ILE A 12 12.63 -1.22 8.39
N ALA A 13 11.92 -1.37 9.49
CA ALA A 13 10.56 -1.90 9.47
C ALA A 13 9.62 -0.97 8.69
N SER A 14 9.83 0.33 8.81
CA SER A 14 9.07 1.31 8.06
C SER A 14 9.36 1.15 6.55
N LYS A 15 10.66 1.07 6.21
CA LYS A 15 11.11 0.83 4.82
C LYS A 15 10.46 -0.44 4.27
N ASN A 16 10.50 -1.47 5.10
CA ASN A 16 9.92 -2.78 4.83
C ASN A 16 8.42 -2.65 4.55
N GLN A 17 7.71 -1.93 5.42
CA GLN A 17 6.27 -1.74 5.29
C GLN A 17 5.92 -1.00 4.01
N LEU A 18 6.62 0.11 3.74
CA LEU A 18 6.39 0.92 2.53
C LEU A 18 6.52 0.09 1.27
N GLU A 19 7.56 -0.70 1.21
CA GLU A 19 7.80 -1.55 0.07
C GLU A 19 6.70 -2.62 -0.05
N SER A 20 6.44 -3.31 1.05
CA SER A 20 5.50 -4.42 1.06
C SER A 20 4.06 -3.96 0.76
N ILE A 21 3.69 -2.80 1.27
CA ILE A 21 2.38 -2.26 1.03
C ILE A 21 2.22 -1.86 -0.44
N ALA A 22 3.26 -1.26 -1.00
CA ALA A 22 3.24 -0.85 -2.39
C ALA A 22 3.02 -2.04 -3.32
N TYR A 23 3.71 -3.15 -3.06
CA TYR A 23 3.51 -4.36 -3.84
C TYR A 23 2.14 -4.97 -3.61
N SER A 24 1.72 -5.00 -2.35
CA SER A 24 0.44 -5.59 -2.01
C SER A 24 -0.72 -4.82 -2.64
N LEU A 25 -0.56 -3.50 -2.76
CA LEU A 25 -1.54 -2.65 -3.41
C LEU A 25 -1.68 -3.07 -4.87
N LYS A 26 -0.55 -3.16 -5.56
CA LYS A 26 -0.52 -3.58 -6.96
C LYS A 26 -1.12 -4.98 -7.13
N ASN A 27 -0.68 -5.90 -6.27
CA ASN A 27 -1.14 -7.30 -6.31
C ASN A 27 -2.64 -7.40 -6.08
N THR A 28 -3.17 -6.59 -5.17
CA THR A 28 -4.60 -6.57 -4.91
C THR A 28 -5.38 -6.08 -6.13
N ILE A 29 -4.81 -5.13 -6.87
CA ILE A 29 -5.48 -4.63 -8.05
C ILE A 29 -5.39 -5.66 -9.18
N SER A 30 -4.35 -6.49 -9.14
CA SER A 30 -4.21 -7.59 -10.08
C SER A 30 -5.29 -8.63 -9.81
N GLU A 31 -5.62 -8.81 -8.52
CA GLU A 31 -6.71 -9.70 -8.11
C GLU A 31 -8.02 -9.17 -8.67
N ALA A 32 -8.12 -7.87 -8.73
CA ALA A 32 -9.31 -7.23 -9.24
C ALA A 32 -9.40 -7.41 -10.75
N GLY A 33 -8.37 -6.96 -11.45
CA GLY A 33 -8.33 -7.07 -12.89
C GLY A 33 -9.40 -6.23 -13.56
N ASP A 34 -10.52 -6.86 -13.86
CA ASP A 34 -11.64 -6.21 -14.53
C ASP A 34 -12.62 -5.69 -13.51
N LYS A 35 -12.52 -6.19 -12.31
CA LYS A 35 -13.41 -5.81 -11.21
C LYS A 35 -13.22 -4.36 -10.77
N LEU A 36 -12.14 -3.78 -11.18
CA LEU A 36 -11.82 -2.43 -10.82
C LEU A 36 -11.49 -1.66 -12.09
N GLU A 37 -11.82 -0.39 -12.11
CA GLU A 37 -11.74 0.43 -13.31
C GLU A 37 -10.31 0.85 -13.62
N GLN A 38 -10.08 1.19 -14.88
CA GLN A 38 -8.75 1.49 -15.38
C GLN A 38 -8.10 2.73 -14.75
N ALA A 39 -8.86 3.81 -14.61
CA ALA A 39 -8.31 5.07 -14.07
C ALA A 39 -7.89 4.93 -12.61
N ASP A 40 -8.78 4.39 -11.82
CA ASP A 40 -8.49 4.14 -10.42
C ASP A 40 -7.42 3.06 -10.24
N LYS A 41 -7.38 2.09 -11.16
CA LYS A 41 -6.33 1.06 -11.19
C LYS A 41 -4.97 1.71 -11.38
N ASP A 42 -4.91 2.61 -12.34
CA ASP A 42 -3.69 3.36 -12.64
C ASP A 42 -3.26 4.16 -11.47
N THR A 43 -4.21 4.86 -10.87
CA THR A 43 -3.94 5.73 -9.76
C THR A 43 -3.25 4.99 -8.59
N VAL A 44 -3.81 3.86 -8.15
CA VAL A 44 -3.20 3.13 -7.06
C VAL A 44 -1.85 2.53 -7.39
N THR A 45 -1.78 1.84 -8.48
CA THR A 45 -0.56 1.18 -8.88
C THR A 45 0.56 2.20 -9.18
N LYS A 46 0.18 3.32 -9.76
CA LYS A 46 1.10 4.42 -10.02
C LYS A 46 1.51 5.11 -8.70
N LYS A 47 0.61 5.19 -7.73
CA LYS A 47 0.99 5.70 -6.39
C LYS A 47 1.99 4.73 -5.76
N ALA A 48 1.82 3.47 -6.08
CA ALA A 48 2.75 2.46 -5.63
C ALA A 48 4.11 2.68 -6.32
N GLU A 49 4.06 3.05 -7.61
CA GLU A 49 5.27 3.40 -8.38
C GLU A 49 5.98 4.56 -7.70
N GLU A 50 5.20 5.56 -7.28
CA GLU A 50 5.71 6.73 -6.61
C GLU A 50 6.32 6.34 -5.30
N THR A 51 5.68 5.41 -4.63
CA THR A 51 6.14 4.96 -3.36
C THR A 51 7.46 4.20 -3.44
N ILE A 52 7.56 3.29 -4.39
CA ILE A 52 8.78 2.53 -4.61
C ILE A 52 9.92 3.48 -4.97
N SER A 53 9.62 4.41 -5.88
CA SER A 53 10.55 5.42 -6.33
C SER A 53 10.96 6.33 -5.15
N TRP A 54 9.98 6.74 -4.33
CA TRP A 54 10.23 7.61 -3.19
C TRP A 54 11.18 6.93 -2.23
N LEU A 55 10.94 5.67 -2.00
CA LEU A 55 11.74 4.86 -1.08
C LEU A 55 13.16 4.68 -1.60
N ASP A 56 13.31 4.67 -2.89
CA ASP A 56 14.61 4.48 -3.50
C ASP A 56 15.40 5.78 -3.47
N SER A 57 14.72 6.89 -3.74
CA SER A 57 15.38 8.16 -3.81
C SER A 57 15.52 8.82 -2.43
N ASN A 58 14.57 8.59 -1.55
CA ASN A 58 14.55 9.27 -0.27
C ASN A 58 14.74 8.29 0.85
N THR A 59 15.60 7.33 0.58
CA THR A 59 15.94 6.25 1.49
C THR A 59 16.55 6.80 2.83
N THR A 60 17.14 7.99 2.76
CA THR A 60 17.78 8.64 3.88
C THR A 60 16.79 9.25 4.88
N ALA A 61 15.51 9.17 4.58
CA ALA A 61 14.50 9.70 5.47
C ALA A 61 14.40 8.86 6.75
N SER A 62 13.80 9.39 7.78
CA SER A 62 13.65 8.70 9.03
C SER A 62 12.28 7.99 9.02
N LYS A 63 11.95 7.24 10.09
CA LYS A 63 10.74 6.42 10.10
C LYS A 63 9.45 7.21 9.94
N GLU A 64 9.39 8.42 10.47
CA GLU A 64 8.16 9.21 10.38
C GLU A 64 7.89 9.65 8.96
N GLU A 65 8.92 9.98 8.23
CA GLU A 65 8.80 10.37 6.84
C GLU A 65 8.29 9.20 6.02
N PHE A 66 8.81 8.01 6.30
CA PHE A 66 8.34 6.81 5.64
C PHE A 66 6.88 6.56 5.99
N ASP A 67 6.56 6.70 7.26
CA ASP A 67 5.20 6.46 7.76
C ASP A 67 4.23 7.50 7.18
N ASP A 68 4.70 8.73 7.09
CA ASP A 68 3.93 9.85 6.52
C ASP A 68 3.64 9.57 5.06
N LYS A 69 4.64 9.03 4.39
CA LYS A 69 4.54 8.66 3.02
C LYS A 69 3.58 7.48 2.85
N LEU A 70 3.54 6.62 3.84
CA LEU A 70 2.64 5.50 3.86
C LEU A 70 1.20 6.04 3.99
N LYS A 71 1.03 7.05 4.81
CA LYS A 71 -0.27 7.69 5.00
C LYS A 71 -0.79 8.39 3.73
N GLU A 72 0.10 8.98 2.93
CA GLU A 72 -0.38 9.60 1.69
C GLU A 72 -0.73 8.52 0.67
N LEU A 73 0.00 7.43 0.75
CA LEU A 73 -0.26 6.26 -0.08
C LEU A 73 -1.65 5.72 0.26
N GLN A 74 -1.90 5.55 1.56
CA GLN A 74 -3.20 5.06 2.04
C GLN A 74 -4.32 6.05 1.70
N ASP A 75 -4.05 7.33 1.85
CA ASP A 75 -5.05 8.39 1.58
C ASP A 75 -5.61 8.30 0.18
N ILE A 76 -4.75 8.01 -0.77
CA ILE A 76 -5.18 7.90 -2.15
C ILE A 76 -5.63 6.46 -2.46
N ALA A 77 -4.97 5.47 -1.87
CA ALA A 77 -5.26 4.08 -2.16
C ALA A 77 -6.58 3.60 -1.58
N ASN A 78 -6.87 3.99 -0.36
CA ASN A 78 -8.10 3.57 0.36
C ASN A 78 -9.41 3.78 -0.41
N PRO A 79 -9.66 4.97 -1.03
CA PRO A 79 -10.84 5.17 -1.89
C PRO A 79 -10.93 4.13 -3.01
N ILE A 80 -9.80 3.84 -3.64
CA ILE A 80 -9.77 2.84 -4.72
C ILE A 80 -9.91 1.42 -4.12
N MET A 81 -9.38 1.23 -2.93
CA MET A 81 -9.55 -0.03 -2.21
C MET A 81 -11.03 -0.27 -1.95
N SER A 82 -11.75 0.82 -1.74
CA SER A 82 -13.17 0.76 -1.48
C SER A 82 -13.93 0.28 -2.73
N LYS A 83 -13.35 0.54 -3.91
CA LYS A 83 -13.91 0.04 -5.18
C LYS A 83 -13.77 -1.48 -5.18
N LEU A 84 -12.58 -1.91 -4.80
CA LEU A 84 -12.21 -3.32 -4.78
C LEU A 84 -13.05 -4.13 -3.79
N TYR A 85 -13.28 -3.59 -2.60
CA TYR A 85 -14.05 -4.32 -1.57
C TYR A 85 -15.50 -4.62 -1.94
N GLN A 86 -15.95 -4.11 -3.06
CA GLN A 86 -17.30 -4.35 -3.52
C GLN A 86 -17.34 -5.56 -4.46
N ALA A 87 -16.19 -5.93 -5.01
CA ALA A 87 -16.15 -7.01 -6.01
C ALA A 87 -15.05 -8.05 -5.75
N GLY A 88 -14.04 -7.70 -4.99
CA GLY A 88 -12.96 -8.61 -4.73
C GLY A 88 -12.43 -8.43 -3.35
N GLY A 89 -13.32 -8.15 -2.44
CA GLY A 89 -12.95 -7.93 -1.09
C GLY A 89 -13.80 -8.72 -0.17
N ALA A 90 -13.77 -10.02 -0.39
CA ALA A 90 -14.48 -11.03 0.38
C ALA A 90 -16.01 -10.87 0.31
N PRO A 91 -16.64 -11.47 -0.71
CA PRO A 91 -18.09 -11.53 -0.80
C PRO A 91 -18.63 -12.49 0.26
N GLY A 92 -19.37 -11.95 1.21
CA GLY A 92 -19.90 -12.73 2.30
C GLY A 92 -20.96 -13.72 1.84
N GLY A 93 -20.93 -14.89 2.41
CA GLY A 93 -21.87 -15.90 2.07
C GLY A 93 -21.25 -16.98 1.24
N ALA A 94 -22.05 -17.51 0.28
CA ALA A 94 -21.64 -18.56 -0.66
C ALA A 94 -21.43 -19.91 0.04
N ALA A 95 -22.00 -20.05 1.23
CA ALA A 95 -21.88 -21.26 1.96
C ALA A 95 -23.01 -22.21 1.60
N GLY A 96 -22.74 -23.13 0.73
CA GLY A 96 -23.74 -24.08 0.31
C GLY A 96 -23.27 -25.49 0.52
N GLY A 97 -22.04 -25.65 0.96
CA GLY A 97 -21.46 -26.95 1.14
C GLY A 97 -21.88 -27.60 2.42
N ALA A 98 -23.14 -27.98 2.49
CA ALA A 98 -23.70 -28.67 3.64
C ALA A 98 -23.04 -30.04 3.90
N PRO A 99 -22.85 -30.91 2.88
CA PRO A 99 -22.17 -32.17 3.06
C PRO A 99 -20.68 -31.92 3.18
N GLY A 100 -20.23 -31.77 4.39
CA GLY A 100 -18.86 -31.53 4.64
C GLY A 100 -18.67 -30.92 5.99
N GLY A 101 -19.25 -31.55 6.97
CA GLY A 101 -19.13 -31.10 8.30
C GLY A 101 -19.54 -32.18 9.23
N SER A 1 23.89 1.14 20.90
CA SER A 1 23.16 1.96 21.84
C SER A 1 21.68 2.04 21.43
N LYS A 2 20.79 2.35 22.40
CA LYS A 2 19.33 2.38 22.19
C LYS A 2 18.90 3.29 21.05
N GLU A 3 19.58 4.41 20.91
CA GLU A 3 19.33 5.39 19.86
C GLU A 3 19.42 4.72 18.50
N GLU A 4 20.51 4.03 18.30
CA GLU A 4 20.78 3.36 17.07
C GLU A 4 19.85 2.18 16.91
N ASP A 5 19.84 1.33 17.91
CA ASP A 5 19.12 0.05 17.86
C ASP A 5 17.66 0.19 17.57
N GLU A 6 17.00 1.05 18.29
CA GLU A 6 15.58 1.19 18.12
C GLU A 6 15.24 1.97 16.88
N LYS A 7 15.87 3.11 16.70
CA LYS A 7 15.50 3.98 15.62
C LYS A 7 15.89 3.44 14.23
N GLU A 8 16.95 2.64 14.16
CA GLU A 8 17.34 2.00 12.95
C GLU A 8 16.40 0.81 12.67
N SER A 9 16.11 0.00 13.69
CA SER A 9 15.21 -1.16 13.50
C SER A 9 13.79 -0.71 13.15
N GLN A 10 13.34 0.37 13.76
CA GLN A 10 12.04 0.93 13.46
C GLN A 10 12.02 1.50 12.05
N ARG A 11 13.18 1.99 11.60
CA ARG A 11 13.33 2.39 10.22
C ARG A 11 13.12 1.19 9.33
N ILE A 12 13.82 0.10 9.64
CA ILE A 12 13.71 -1.15 8.87
C ILE A 12 12.26 -1.61 8.80
N ALA A 13 11.59 -1.58 9.94
CA ALA A 13 10.21 -2.00 10.03
C ALA A 13 9.28 -1.14 9.16
N SER A 14 9.44 0.16 9.22
CA SER A 14 8.62 1.06 8.44
C SER A 14 9.00 0.99 6.95
N LYS A 15 10.28 0.84 6.70
CA LYS A 15 10.87 0.68 5.37
C LYS A 15 10.26 -0.53 4.69
N ASN A 16 10.29 -1.64 5.42
CA ASN A 16 9.80 -2.93 4.94
C ASN A 16 8.32 -2.85 4.65
N GLN A 17 7.59 -2.22 5.56
CA GLN A 17 6.14 -2.07 5.42
C GLN A 17 5.78 -1.20 4.24
N LEU A 18 6.44 -0.06 4.12
CA LEU A 18 6.16 0.89 3.05
C LEU A 18 6.40 0.23 1.68
N GLU A 19 7.46 -0.55 1.58
CA GLU A 19 7.77 -1.25 0.34
C GLU A 19 6.74 -2.35 0.06
N SER A 20 6.50 -3.21 1.05
CA SER A 20 5.59 -4.34 0.87
C SER A 20 4.15 -3.89 0.57
N ILE A 21 3.71 -2.82 1.21
CA ILE A 21 2.39 -2.29 0.99
C ILE A 21 2.25 -1.79 -0.45
N ALA A 22 3.29 -1.13 -0.97
CA ALA A 22 3.27 -0.65 -2.35
C ALA A 22 3.11 -1.82 -3.33
N TYR A 23 3.83 -2.90 -3.06
CA TYR A 23 3.71 -4.11 -3.87
C TYR A 23 2.37 -4.78 -3.71
N SER A 24 1.90 -4.84 -2.47
CA SER A 24 0.63 -5.48 -2.16
C SER A 24 -0.50 -4.76 -2.91
N LEU A 25 -0.40 -3.44 -3.00
CA LEU A 25 -1.37 -2.63 -3.71
C LEU A 25 -1.42 -3.06 -5.17
N LYS A 26 -0.26 -3.08 -5.81
CA LYS A 26 -0.16 -3.49 -7.21
C LYS A 26 -0.69 -4.91 -7.40
N ASN A 27 -0.24 -5.81 -6.54
CA ASN A 27 -0.65 -7.22 -6.60
C ASN A 27 -2.13 -7.40 -6.49
N THR A 28 -2.74 -6.70 -5.54
CA THR A 28 -4.16 -6.86 -5.28
C THR A 28 -5.00 -6.49 -6.51
N ILE A 29 -4.66 -5.40 -7.17
CA ILE A 29 -5.41 -5.00 -8.35
C ILE A 29 -5.11 -5.92 -9.54
N SER A 30 -3.87 -6.37 -9.63
CA SER A 30 -3.42 -7.25 -10.70
C SER A 30 -4.16 -8.59 -10.69
N GLU A 31 -4.31 -9.18 -9.52
CA GLU A 31 -4.96 -10.46 -9.44
C GLU A 31 -6.48 -10.34 -9.37
N ALA A 32 -6.97 -9.18 -8.95
CA ALA A 32 -8.40 -8.91 -8.96
C ALA A 32 -8.86 -8.76 -10.39
N GLY A 33 -8.15 -7.93 -11.14
CA GLY A 33 -8.44 -7.72 -12.52
C GLY A 33 -9.75 -6.97 -12.75
N ASP A 34 -10.76 -7.71 -13.17
CA ASP A 34 -12.09 -7.21 -13.58
C ASP A 34 -12.83 -6.44 -12.48
N LYS A 35 -12.42 -6.64 -11.27
CA LYS A 35 -13.04 -5.99 -10.11
C LYS A 35 -12.79 -4.49 -10.11
N LEU A 36 -11.75 -4.04 -10.78
CA LEU A 36 -11.44 -2.64 -10.75
C LEU A 36 -11.34 -2.07 -12.14
N GLU A 37 -11.60 -0.78 -12.24
CA GLU A 37 -11.54 -0.06 -13.49
C GLU A 37 -10.11 0.37 -13.80
N GLN A 38 -9.90 0.66 -15.07
CA GLN A 38 -8.59 1.01 -15.62
C GLN A 38 -8.02 2.27 -14.93
N ALA A 39 -8.82 3.32 -14.86
CA ALA A 39 -8.40 4.59 -14.28
C ALA A 39 -8.01 4.43 -12.81
N ASP A 40 -8.80 3.66 -12.08
CA ASP A 40 -8.53 3.41 -10.65
C ASP A 40 -7.25 2.61 -10.50
N LYS A 41 -7.11 1.58 -11.36
CA LYS A 41 -5.91 0.72 -11.42
C LYS A 41 -4.67 1.57 -11.58
N ASP A 42 -4.76 2.52 -12.49
CA ASP A 42 -3.66 3.43 -12.78
C ASP A 42 -3.28 4.24 -11.57
N THR A 43 -4.27 4.85 -10.92
CA THR A 43 -4.02 5.72 -9.78
C THR A 43 -3.26 4.99 -8.65
N VAL A 44 -3.70 3.80 -8.29
CA VAL A 44 -3.05 3.06 -7.23
C VAL A 44 -1.65 2.56 -7.59
N THR A 45 -1.52 1.93 -8.72
CA THR A 45 -0.25 1.40 -9.14
C THR A 45 0.77 2.53 -9.39
N LYS A 46 0.29 3.62 -9.97
CA LYS A 46 1.09 4.83 -10.19
C LYS A 46 1.57 5.37 -8.86
N LYS A 47 0.66 5.41 -7.87
CA LYS A 47 1.02 5.84 -6.53
C LYS A 47 2.06 4.90 -5.95
N ALA A 48 1.90 3.63 -6.20
CA ALA A 48 2.82 2.61 -5.72
C ALA A 48 4.21 2.83 -6.31
N GLU A 49 4.27 3.07 -7.60
CA GLU A 49 5.54 3.33 -8.28
C GLU A 49 6.18 4.60 -7.77
N GLU A 50 5.35 5.58 -7.47
CA GLU A 50 5.75 6.82 -6.95
C GLU A 50 6.32 6.60 -5.54
N THR A 51 5.68 5.71 -4.82
CA THR A 51 6.05 5.35 -3.48
C THR A 51 7.38 4.57 -3.48
N ILE A 52 7.52 3.64 -4.42
CA ILE A 52 8.75 2.87 -4.57
C ILE A 52 9.89 3.81 -4.98
N SER A 53 9.58 4.73 -5.90
CA SER A 53 10.51 5.76 -6.33
C SER A 53 10.94 6.63 -5.14
N TRP A 54 9.98 6.94 -4.27
CA TRP A 54 10.26 7.72 -3.08
C TRP A 54 11.24 6.97 -2.20
N LEU A 55 10.92 5.72 -1.91
CA LEU A 55 11.74 4.85 -1.08
C LEU A 55 13.12 4.64 -1.70
N ASP A 56 13.19 4.68 -3.01
CA ASP A 56 14.43 4.50 -3.74
C ASP A 56 15.33 5.67 -3.52
N SER A 57 14.74 6.84 -3.57
CA SER A 57 15.47 8.06 -3.48
C SER A 57 15.69 8.46 -2.01
N ASN A 58 14.95 7.82 -1.12
CA ASN A 58 14.97 8.12 0.29
C ASN A 58 15.20 6.86 1.08
N THR A 59 16.04 5.99 0.56
CA THR A 59 16.31 4.72 1.20
C THR A 59 16.95 4.92 2.60
N THR A 60 17.63 6.05 2.79
CA THR A 60 18.26 6.36 4.06
C THR A 60 17.40 7.35 4.89
N ALA A 61 16.12 7.47 4.56
CA ALA A 61 15.22 8.36 5.30
C ALA A 61 14.78 7.70 6.60
N SER A 62 14.24 8.46 7.51
CA SER A 62 13.87 7.94 8.81
C SER A 62 12.42 7.44 8.86
N LYS A 63 12.09 6.76 9.96
CA LYS A 63 10.79 6.14 10.19
C LYS A 63 9.62 7.13 10.12
N GLU A 64 9.84 8.37 10.53
CA GLU A 64 8.78 9.38 10.52
C GLU A 64 8.26 9.64 9.11
N GLU A 65 9.16 9.88 8.20
CA GLU A 65 8.77 10.12 6.83
C GLU A 65 8.24 8.86 6.15
N PHE A 66 8.78 7.68 6.50
CA PHE A 66 8.23 6.42 5.98
C PHE A 66 6.82 6.19 6.49
N ASP A 67 6.58 6.60 7.72
CA ASP A 67 5.25 6.54 8.31
C ASP A 67 4.31 7.49 7.60
N ASP A 68 4.80 8.67 7.26
CA ASP A 68 3.99 9.68 6.62
C ASP A 68 3.60 9.28 5.22
N LYS A 69 4.56 8.75 4.46
CA LYS A 69 4.31 8.34 3.09
C LYS A 69 3.34 7.15 3.05
N LEU A 70 3.38 6.36 4.10
CA LEU A 70 2.46 5.24 4.23
C LEU A 70 1.05 5.80 4.43
N LYS A 71 0.93 6.87 5.23
CA LYS A 71 -0.36 7.48 5.50
C LYS A 71 -1.01 8.06 4.25
N GLU A 72 -0.24 8.79 3.44
CA GLU A 72 -0.79 9.36 2.20
C GLU A 72 -1.12 8.26 1.19
N LEU A 73 -0.28 7.22 1.12
CA LEU A 73 -0.48 6.11 0.23
C LEU A 73 -1.82 5.45 0.57
N GLN A 74 -2.03 5.20 1.84
CA GLN A 74 -3.26 4.57 2.32
C GLN A 74 -4.47 5.47 2.13
N ASP A 75 -4.26 6.77 2.18
CA ASP A 75 -5.35 7.73 2.03
C ASP A 75 -5.81 7.83 0.60
N ILE A 76 -4.86 8.06 -0.30
CA ILE A 76 -5.15 8.25 -1.72
C ILE A 76 -5.68 6.96 -2.36
N ALA A 77 -5.16 5.84 -1.92
CA ALA A 77 -5.55 4.55 -2.47
C ALA A 77 -6.86 4.06 -1.85
N ASN A 78 -7.28 4.69 -0.76
CA ASN A 78 -8.48 4.29 0.01
C ASN A 78 -9.76 4.16 -0.85
N PRO A 79 -10.19 5.20 -1.64
CA PRO A 79 -11.42 5.11 -2.45
C PRO A 79 -11.36 3.98 -3.48
N ILE A 80 -10.17 3.79 -4.04
CA ILE A 80 -9.95 2.74 -5.01
C ILE A 80 -10.07 1.37 -4.35
N MET A 81 -9.44 1.22 -3.20
CA MET A 81 -9.48 -0.05 -2.50
C MET A 81 -10.85 -0.34 -1.94
N SER A 82 -11.59 0.71 -1.65
CA SER A 82 -12.95 0.57 -1.17
C SER A 82 -13.83 -0.03 -2.27
N LYS A 83 -13.68 0.45 -3.50
CA LYS A 83 -14.47 -0.06 -4.60
C LYS A 83 -13.99 -1.46 -5.02
N LEU A 84 -12.70 -1.69 -4.88
CA LEU A 84 -12.08 -2.99 -5.17
C LEU A 84 -12.71 -4.04 -4.24
N TYR A 85 -12.76 -3.70 -2.97
CA TYR A 85 -13.30 -4.58 -1.97
C TYR A 85 -14.76 -4.89 -2.14
N GLN A 86 -15.59 -3.87 -2.35
CA GLN A 86 -17.02 -4.11 -2.52
C GLN A 86 -17.31 -4.93 -3.78
N ALA A 87 -16.51 -4.72 -4.82
CA ALA A 87 -16.67 -5.44 -6.08
C ALA A 87 -16.47 -6.94 -5.89
N GLY A 88 -15.41 -7.32 -5.21
CA GLY A 88 -15.17 -8.72 -4.96
C GLY A 88 -13.85 -8.96 -4.30
N GLY A 89 -13.53 -8.10 -3.35
CA GLY A 89 -12.27 -8.22 -2.64
C GLY A 89 -12.47 -8.28 -1.15
N ALA A 90 -13.66 -7.93 -0.70
CA ALA A 90 -14.00 -7.92 0.71
C ALA A 90 -14.14 -9.34 1.32
N PRO A 91 -14.89 -10.30 0.68
CA PRO A 91 -15.07 -11.66 1.23
C PRO A 91 -13.73 -12.36 1.44
N GLY A 92 -13.37 -12.54 2.69
CA GLY A 92 -12.14 -13.23 3.02
C GLY A 92 -10.97 -12.27 3.15
N GLY A 93 -11.14 -11.07 2.63
CA GLY A 93 -10.07 -10.10 2.61
C GLY A 93 -9.07 -10.48 1.54
N ALA A 94 -9.59 -11.00 0.46
CA ALA A 94 -8.79 -11.45 -0.65
C ALA A 94 -9.54 -11.21 -1.93
N ALA A 95 -8.84 -10.73 -2.92
CA ALA A 95 -9.44 -10.44 -4.20
C ALA A 95 -9.27 -11.63 -5.11
N GLY A 96 -10.24 -12.50 -5.10
CA GLY A 96 -10.20 -13.68 -5.92
C GLY A 96 -11.11 -14.73 -5.38
N GLY A 97 -10.58 -15.90 -5.12
CA GLY A 97 -11.36 -16.98 -4.58
C GLY A 97 -10.60 -18.28 -4.60
N ALA A 98 -10.58 -18.90 -5.75
CA ALA A 98 -9.92 -20.17 -5.97
C ALA A 98 -9.68 -20.32 -7.46
N PRO A 99 -8.68 -21.13 -7.90
CA PRO A 99 -8.41 -21.37 -9.33
C PRO A 99 -9.67 -21.88 -10.06
N GLY A 100 -10.17 -21.08 -10.98
CA GLY A 100 -11.36 -21.43 -11.71
C GLY A 100 -12.51 -20.55 -11.31
N GLY A 101 -12.54 -20.21 -10.05
CA GLY A 101 -13.59 -19.40 -9.50
C GLY A 101 -14.74 -20.26 -9.09
N SER A 1 24.13 3.09 19.73
CA SER A 1 23.42 3.31 20.98
C SER A 1 21.95 2.85 20.85
N LYS A 2 21.25 2.70 21.99
CA LYS A 2 19.89 2.14 22.06
C LYS A 2 18.84 2.89 21.25
N GLU A 3 18.74 4.20 21.43
CA GLU A 3 17.71 4.99 20.73
C GLU A 3 17.97 4.95 19.24
N GLU A 4 19.24 4.97 18.89
CA GLU A 4 19.70 4.86 17.54
C GLU A 4 19.27 3.53 16.95
N ASP A 5 19.48 2.44 17.70
CA ASP A 5 19.07 1.11 17.28
C ASP A 5 17.59 1.06 17.04
N GLU A 6 16.83 1.69 17.92
CA GLU A 6 15.40 1.76 17.77
C GLU A 6 15.02 2.52 16.52
N LYS A 7 15.66 3.65 16.28
CA LYS A 7 15.39 4.45 15.10
C LYS A 7 15.69 3.67 13.83
N GLU A 8 16.86 3.03 13.80
CA GLU A 8 17.26 2.24 12.65
C GLU A 8 16.31 1.10 12.41
N SER A 9 16.00 0.34 13.45
CA SER A 9 15.12 -0.80 13.33
C SER A 9 13.73 -0.37 12.88
N GLN A 10 13.23 0.73 13.43
CA GLN A 10 11.91 1.23 13.07
C GLN A 10 11.88 1.75 11.65
N ARG A 11 13.00 2.30 11.18
CA ARG A 11 13.12 2.73 9.79
C ARG A 11 12.98 1.52 8.89
N ILE A 12 13.69 0.46 9.23
CA ILE A 12 13.65 -0.79 8.47
C ILE A 12 12.25 -1.40 8.55
N ALA A 13 11.69 -1.38 9.73
CA ALA A 13 10.36 -1.92 9.98
C ALA A 13 9.31 -1.21 9.13
N SER A 14 9.34 0.10 9.15
CA SER A 14 8.41 0.91 8.39
C SER A 14 8.69 0.76 6.90
N LYS A 15 9.97 0.63 6.55
CA LYS A 15 10.39 0.40 5.17
C LYS A 15 9.75 -0.87 4.64
N ASN A 16 9.88 -1.95 5.39
CA ASN A 16 9.33 -3.25 5.00
C ASN A 16 7.84 -3.17 4.77
N GLN A 17 7.14 -2.42 5.59
CA GLN A 17 5.71 -2.26 5.44
C GLN A 17 5.39 -1.42 4.21
N LEU A 18 6.05 -0.27 4.12
CA LEU A 18 5.85 0.70 3.03
C LEU A 18 6.07 0.00 1.68
N GLU A 19 7.15 -0.73 1.63
CA GLU A 19 7.57 -1.47 0.48
C GLU A 19 6.52 -2.53 0.11
N SER A 20 6.15 -3.34 1.09
CA SER A 20 5.22 -4.43 0.87
C SER A 20 3.83 -3.94 0.50
N ILE A 21 3.36 -2.88 1.14
CA ILE A 21 2.05 -2.33 0.85
C ILE A 21 1.99 -1.80 -0.59
N ALA A 22 3.07 -1.17 -1.03
CA ALA A 22 3.15 -0.65 -2.39
C ALA A 22 3.06 -1.79 -3.42
N TYR A 23 3.77 -2.89 -3.15
CA TYR A 23 3.69 -4.07 -4.03
C TYR A 23 2.33 -4.71 -3.93
N SER A 24 1.82 -4.84 -2.72
CA SER A 24 0.55 -5.49 -2.44
C SER A 24 -0.57 -4.76 -3.17
N LEU A 25 -0.52 -3.42 -3.14
CA LEU A 25 -1.50 -2.60 -3.82
C LEU A 25 -1.51 -2.92 -5.29
N LYS A 26 -0.34 -2.87 -5.93
CA LYS A 26 -0.26 -3.13 -7.36
C LYS A 26 -0.69 -4.54 -7.69
N ASN A 27 -0.26 -5.46 -6.87
CA ASN A 27 -0.57 -6.88 -7.04
C ASN A 27 -2.08 -7.11 -7.01
N THR A 28 -2.75 -6.52 -6.04
CA THR A 28 -4.19 -6.66 -5.90
C THR A 28 -4.94 -5.97 -7.05
N ILE A 29 -4.46 -4.80 -7.47
CA ILE A 29 -5.12 -4.08 -8.57
C ILE A 29 -4.92 -4.85 -9.88
N SER A 30 -3.74 -5.44 -10.04
CA SER A 30 -3.38 -6.18 -11.22
C SER A 30 -4.33 -7.36 -11.42
N GLU A 31 -4.61 -8.10 -10.36
CA GLU A 31 -5.48 -9.26 -10.45
C GLU A 31 -6.96 -8.89 -10.36
N ALA A 32 -7.25 -7.62 -10.10
CA ALA A 32 -8.63 -7.13 -10.04
C ALA A 32 -9.19 -7.04 -11.45
N GLY A 33 -8.35 -6.62 -12.37
CA GLY A 33 -8.69 -6.58 -13.77
C GLY A 33 -9.81 -5.62 -14.11
N ASP A 34 -10.99 -6.18 -14.30
CA ASP A 34 -12.18 -5.45 -14.78
C ASP A 34 -12.79 -4.58 -13.70
N LYS A 35 -12.50 -4.94 -12.48
CA LYS A 35 -13.12 -4.34 -11.29
C LYS A 35 -12.73 -2.88 -11.05
N LEU A 36 -11.76 -2.40 -11.76
CA LEU A 36 -11.34 -1.01 -11.67
C LEU A 36 -11.04 -0.53 -13.07
N GLU A 37 -11.40 0.69 -13.38
CA GLU A 37 -11.15 1.23 -14.71
C GLU A 37 -9.74 1.79 -14.86
N GLN A 38 -9.41 2.17 -16.08
CA GLN A 38 -8.09 2.63 -16.47
C GLN A 38 -7.49 3.69 -15.53
N ALA A 39 -8.23 4.74 -15.26
CA ALA A 39 -7.68 5.85 -14.49
C ALA A 39 -7.48 5.48 -13.02
N ASP A 40 -8.44 4.76 -12.46
CA ASP A 40 -8.39 4.31 -11.05
C ASP A 40 -7.20 3.41 -10.85
N LYS A 41 -7.11 2.42 -11.72
CA LYS A 41 -6.05 1.43 -11.73
C LYS A 41 -4.69 2.08 -11.88
N ASP A 42 -4.62 3.06 -12.75
CA ASP A 42 -3.37 3.76 -13.02
C ASP A 42 -2.95 4.60 -11.84
N THR A 43 -3.91 5.27 -11.21
CA THR A 43 -3.62 6.16 -10.11
C THR A 43 -2.99 5.42 -8.92
N VAL A 44 -3.55 4.28 -8.55
CA VAL A 44 -3.01 3.51 -7.44
C VAL A 44 -1.66 2.90 -7.75
N THR A 45 -1.55 2.25 -8.86
CA THR A 45 -0.34 1.55 -9.20
C THR A 45 0.82 2.49 -9.49
N LYS A 46 0.56 3.55 -10.24
CA LYS A 46 1.59 4.49 -10.61
C LYS A 46 2.09 5.25 -9.40
N LYS A 47 1.21 5.51 -8.45
CA LYS A 47 1.65 6.12 -7.22
C LYS A 47 2.36 5.12 -6.35
N ALA A 48 1.97 3.87 -6.43
CA ALA A 48 2.67 2.82 -5.70
C ALA A 48 4.10 2.74 -6.21
N GLU A 49 4.25 2.93 -7.51
CA GLU A 49 5.54 3.00 -8.13
C GLU A 49 6.33 4.19 -7.60
N GLU A 50 5.67 5.34 -7.44
CA GLU A 50 6.36 6.53 -6.96
C GLU A 50 6.73 6.34 -5.50
N THR A 51 5.91 5.59 -4.79
CA THR A 51 6.14 5.27 -3.42
C THR A 51 7.40 4.38 -3.28
N ILE A 52 7.55 3.43 -4.19
CA ILE A 52 8.73 2.57 -4.23
C ILE A 52 9.94 3.41 -4.68
N SER A 53 9.70 4.31 -5.63
CA SER A 53 10.73 5.23 -6.11
C SER A 53 11.23 6.11 -4.96
N TRP A 54 10.28 6.54 -4.11
CA TRP A 54 10.58 7.31 -2.93
C TRP A 54 11.49 6.50 -2.02
N LEU A 55 11.10 5.27 -1.75
CA LEU A 55 11.85 4.38 -0.87
C LEU A 55 13.27 4.12 -1.38
N ASP A 56 13.42 4.05 -2.68
CA ASP A 56 14.72 3.77 -3.30
C ASP A 56 15.60 5.00 -3.28
N SER A 57 14.99 6.15 -3.35
CA SER A 57 15.75 7.38 -3.43
C SER A 57 15.91 8.05 -2.06
N ASN A 58 15.07 7.68 -1.12
CA ASN A 58 15.02 8.32 0.20
C ASN A 58 15.11 7.27 1.28
N THR A 59 15.92 6.27 1.05
CA THR A 59 16.13 5.20 1.99
C THR A 59 16.68 5.73 3.35
N THR A 60 17.37 6.86 3.29
CA THR A 60 17.96 7.49 4.45
C THR A 60 16.96 8.35 5.26
N ALA A 61 15.68 8.24 4.94
CA ALA A 61 14.66 8.98 5.64
C ALA A 61 14.37 8.34 7.00
N SER A 62 13.80 9.11 7.89
CA SER A 62 13.47 8.65 9.22
C SER A 62 12.17 7.82 9.16
N LYS A 63 11.88 7.06 10.22
CA LYS A 63 10.71 6.17 10.23
C LYS A 63 9.40 6.94 10.10
N GLU A 64 9.39 8.16 10.61
CA GLU A 64 8.23 9.05 10.50
C GLU A 64 7.89 9.28 9.04
N GLU A 65 8.92 9.40 8.24
CA GLU A 65 8.77 9.71 6.84
C GLU A 65 8.26 8.50 6.09
N PHE A 66 8.76 7.32 6.47
CA PHE A 66 8.26 6.07 5.91
C PHE A 66 6.79 5.86 6.28
N ASP A 67 6.46 6.13 7.54
CA ASP A 67 5.08 5.99 8.03
C ASP A 67 4.16 7.00 7.36
N ASP A 68 4.66 8.22 7.21
CA ASP A 68 3.93 9.29 6.53
C ASP A 68 3.60 8.94 5.10
N LYS A 69 4.59 8.43 4.37
CA LYS A 69 4.36 8.00 3.00
C LYS A 69 3.39 6.86 2.92
N LEU A 70 3.40 6.01 3.93
CA LEU A 70 2.48 4.91 4.00
C LEU A 70 1.06 5.47 4.17
N LYS A 71 0.92 6.42 5.07
CA LYS A 71 -0.37 7.03 5.33
C LYS A 71 -0.86 7.79 4.11
N GLU A 72 0.05 8.49 3.44
CA GLU A 72 -0.25 9.25 2.23
C GLU A 72 -0.72 8.31 1.12
N LEU A 73 0.03 7.23 0.92
CA LEU A 73 -0.29 6.23 -0.07
C LEU A 73 -1.65 5.59 0.26
N GLN A 74 -1.86 5.25 1.52
CA GLN A 74 -3.12 4.67 1.95
C GLN A 74 -4.28 5.64 1.88
N ASP A 75 -4.03 6.91 2.07
CA ASP A 75 -5.08 7.95 1.97
C ASP A 75 -5.68 7.97 0.57
N ILE A 76 -4.84 7.83 -0.41
CA ILE A 76 -5.28 7.83 -1.79
C ILE A 76 -5.76 6.44 -2.21
N ALA A 77 -5.08 5.41 -1.74
CA ALA A 77 -5.41 4.05 -2.12
C ALA A 77 -6.68 3.54 -1.45
N ASN A 78 -6.96 4.02 -0.24
CA ASN A 78 -8.12 3.56 0.56
C ASN A 78 -9.46 3.59 -0.18
N PRO A 79 -9.88 4.74 -0.82
CA PRO A 79 -11.13 4.78 -1.59
C PRO A 79 -11.13 3.72 -2.69
N ILE A 80 -10.02 3.58 -3.38
CA ILE A 80 -9.88 2.63 -4.47
C ILE A 80 -9.93 1.17 -3.95
N MET A 81 -9.26 0.94 -2.83
CA MET A 81 -9.29 -0.35 -2.14
C MET A 81 -10.72 -0.69 -1.72
N SER A 82 -11.49 0.35 -1.43
CA SER A 82 -12.85 0.20 -0.99
C SER A 82 -13.72 -0.35 -2.13
N LYS A 83 -13.45 0.04 -3.39
CA LYS A 83 -14.22 -0.53 -4.50
C LYS A 83 -13.94 -2.01 -4.53
N LEU A 84 -12.66 -2.35 -4.49
CA LEU A 84 -12.20 -3.73 -4.59
C LEU A 84 -12.77 -4.60 -3.45
N TYR A 85 -12.51 -4.21 -2.21
CA TYR A 85 -12.91 -5.01 -1.06
C TYR A 85 -14.41 -5.09 -0.85
N GLN A 86 -15.14 -4.10 -1.29
CA GLN A 86 -16.59 -4.12 -1.12
C GLN A 86 -17.29 -4.76 -2.32
N ALA A 87 -16.55 -4.95 -3.40
CA ALA A 87 -17.10 -5.57 -4.59
C ALA A 87 -17.03 -7.07 -4.49
N GLY A 88 -15.84 -7.56 -4.31
CA GLY A 88 -15.64 -8.99 -4.22
C GLY A 88 -14.19 -9.28 -4.07
N GLY A 89 -13.63 -8.77 -3.01
CA GLY A 89 -12.22 -8.97 -2.82
C GLY A 89 -11.81 -9.00 -1.38
N ALA A 90 -12.78 -9.13 -0.46
CA ALA A 90 -12.46 -9.16 0.97
C ALA A 90 -11.48 -10.32 1.31
N PRO A 91 -11.74 -11.59 0.87
CA PRO A 91 -10.80 -12.69 1.06
C PRO A 91 -10.00 -12.94 -0.23
N GLY A 92 -9.83 -11.87 -1.02
CA GLY A 92 -9.16 -11.98 -2.31
C GLY A 92 -7.67 -12.22 -2.18
N GLY A 93 -7.06 -11.66 -1.14
CA GLY A 93 -5.64 -11.79 -0.89
C GLY A 93 -5.29 -13.15 -0.32
N ALA A 94 -5.57 -14.19 -1.09
CA ALA A 94 -5.36 -15.56 -0.69
C ALA A 94 -3.89 -15.93 -0.81
N ALA A 95 -3.20 -15.29 -1.72
CA ALA A 95 -1.81 -15.57 -1.93
C ALA A 95 -0.97 -14.63 -1.08
N GLY A 96 -0.49 -15.14 0.03
CA GLY A 96 0.30 -14.36 0.93
C GLY A 96 1.77 -14.48 0.66
N GLY A 97 2.56 -14.01 1.60
CA GLY A 97 3.98 -14.05 1.46
C GLY A 97 4.54 -15.39 1.82
N ALA A 98 4.68 -16.23 0.85
CA ALA A 98 5.13 -17.57 1.06
C ALA A 98 6.40 -17.84 0.28
N PRO A 99 7.53 -18.00 0.96
CA PRO A 99 8.81 -18.30 0.32
C PRO A 99 9.03 -19.81 0.13
N GLY A 100 7.95 -20.56 0.18
CA GLY A 100 7.99 -21.98 -0.02
C GLY A 100 6.71 -22.48 -0.60
N GLY A 101 6.06 -21.64 -1.35
CA GLY A 101 4.82 -21.98 -1.97
C GLY A 101 4.75 -21.37 -3.32
N SER A 1 26.10 2.45 17.83
CA SER A 1 25.57 2.42 19.19
C SER A 1 24.19 1.77 19.17
N LYS A 2 23.82 1.17 20.29
CA LYS A 2 22.60 0.38 20.41
C LYS A 2 21.35 1.22 20.16
N GLU A 3 21.29 2.41 20.76
CA GLU A 3 20.13 3.27 20.60
C GLU A 3 19.97 3.70 19.13
N GLU A 4 21.11 3.94 18.47
CA GLU A 4 21.10 4.29 17.05
C GLU A 4 20.51 3.17 16.26
N ASP A 5 21.03 1.96 16.48
CA ASP A 5 20.55 0.77 15.78
C ASP A 5 19.07 0.55 15.97
N GLU A 6 18.57 0.85 17.16
CA GLU A 6 17.13 0.76 17.41
C GLU A 6 16.35 1.73 16.53
N LYS A 7 16.79 2.98 16.51
CA LYS A 7 16.17 4.03 15.71
C LYS A 7 16.26 3.70 14.21
N GLU A 8 17.41 3.19 13.82
CA GLU A 8 17.64 2.73 12.46
C GLU A 8 16.69 1.60 12.13
N SER A 9 16.63 0.60 13.00
CA SER A 9 15.80 -0.57 12.79
C SER A 9 14.31 -0.23 12.75
N GLN A 10 13.90 0.80 13.48
CA GLN A 10 12.54 1.26 13.44
C GLN A 10 12.25 1.93 12.09
N ARG A 11 13.24 2.64 11.57
CA ARG A 11 13.13 3.21 10.23
C ARG A 11 13.03 2.08 9.23
N ILE A 12 13.91 1.08 9.37
CA ILE A 12 13.94 -0.10 8.48
C ILE A 12 12.59 -0.77 8.49
N ALA A 13 12.04 -0.99 9.68
CA ALA A 13 10.74 -1.61 9.85
C ALA A 13 9.64 -0.81 9.14
N SER A 14 9.66 0.50 9.34
CA SER A 14 8.69 1.38 8.71
C SER A 14 8.82 1.33 7.19
N LYS A 15 10.07 1.35 6.70
CA LYS A 15 10.36 1.23 5.28
C LYS A 15 9.85 -0.07 4.75
N ASN A 16 10.20 -1.13 5.45
CA ASN A 16 9.88 -2.48 5.05
C ASN A 16 8.38 -2.67 4.89
N GLN A 17 7.62 -2.20 5.88
CA GLN A 17 6.17 -2.30 5.84
C GLN A 17 5.61 -1.49 4.68
N LEU A 18 6.08 -0.25 4.57
CA LEU A 18 5.64 0.66 3.52
C LEU A 18 5.94 0.07 2.13
N GLU A 19 7.11 -0.51 1.98
CA GLU A 19 7.53 -1.16 0.75
C GLU A 19 6.64 -2.38 0.45
N SER A 20 6.47 -3.23 1.46
CA SER A 20 5.68 -4.45 1.32
C SER A 20 4.22 -4.12 0.99
N ILE A 21 3.67 -3.11 1.67
CA ILE A 21 2.31 -2.69 1.44
C ILE A 21 2.12 -2.13 0.04
N ALA A 22 3.10 -1.37 -0.46
CA ALA A 22 3.04 -0.85 -1.81
C ALA A 22 2.98 -2.01 -2.82
N TYR A 23 3.75 -3.08 -2.55
CA TYR A 23 3.70 -4.27 -3.37
C TYR A 23 2.36 -4.98 -3.22
N SER A 24 1.83 -5.00 -2.00
CA SER A 24 0.54 -5.63 -1.70
C SER A 24 -0.57 -4.97 -2.52
N LEU A 25 -0.57 -3.63 -2.55
CA LEU A 25 -1.53 -2.84 -3.35
C LEU A 25 -1.52 -3.28 -4.78
N LYS A 26 -0.33 -3.30 -5.36
CA LYS A 26 -0.18 -3.66 -6.76
C LYS A 26 -0.68 -5.07 -7.04
N ASN A 27 -0.36 -5.99 -6.16
CA ASN A 27 -0.83 -7.36 -6.31
C ASN A 27 -2.34 -7.43 -6.21
N THR A 28 -2.90 -6.72 -5.23
CA THR A 28 -4.34 -6.68 -5.03
C THR A 28 -5.06 -6.11 -6.28
N ILE A 29 -4.48 -5.09 -6.87
CA ILE A 29 -5.06 -4.47 -8.05
C ILE A 29 -4.90 -5.40 -9.26
N SER A 30 -3.77 -6.05 -9.33
CA SER A 30 -3.48 -6.99 -10.40
C SER A 30 -4.44 -8.20 -10.29
N GLU A 31 -4.77 -8.58 -9.06
CA GLU A 31 -5.73 -9.64 -8.80
C GLU A 31 -7.15 -9.19 -9.04
N ALA A 32 -7.38 -7.90 -8.89
CA ALA A 32 -8.67 -7.32 -9.17
C ALA A 32 -8.91 -7.39 -10.66
N GLY A 33 -7.90 -7.00 -11.42
CA GLY A 33 -7.96 -7.08 -12.86
C GLY A 33 -9.04 -6.23 -13.47
N ASP A 34 -10.16 -6.85 -13.79
CA ASP A 34 -11.29 -6.17 -14.41
C ASP A 34 -12.22 -5.61 -13.37
N LYS A 35 -12.08 -6.04 -12.12
CA LYS A 35 -12.97 -5.57 -11.03
C LYS A 35 -12.78 -4.07 -10.81
N LEU A 36 -11.62 -3.59 -11.14
CA LEU A 36 -11.30 -2.21 -10.97
C LEU A 36 -11.10 -1.60 -12.34
N GLU A 37 -11.32 -0.30 -12.44
CA GLU A 37 -11.21 0.40 -13.69
C GLU A 37 -9.75 0.75 -13.99
N GLN A 38 -9.46 0.93 -15.28
CA GLN A 38 -8.11 1.13 -15.78
C GLN A 38 -7.43 2.37 -15.16
N ALA A 39 -8.13 3.49 -15.16
CA ALA A 39 -7.54 4.73 -14.65
C ALA A 39 -7.25 4.63 -13.16
N ASP A 40 -8.08 3.88 -12.44
CA ASP A 40 -7.86 3.70 -11.01
C ASP A 40 -6.65 2.83 -10.83
N LYS A 41 -6.59 1.74 -11.61
CA LYS A 41 -5.50 0.77 -11.58
C LYS A 41 -4.16 1.45 -11.74
N ASP A 42 -4.07 2.31 -12.74
CA ASP A 42 -2.86 3.08 -13.00
C ASP A 42 -2.53 3.95 -11.82
N THR A 43 -3.50 4.69 -11.36
CA THR A 43 -3.30 5.61 -10.26
C THR A 43 -2.78 4.92 -8.99
N VAL A 44 -3.40 3.82 -8.59
CA VAL A 44 -2.94 3.09 -7.40
C VAL A 44 -1.56 2.48 -7.56
N THR A 45 -1.37 1.75 -8.63
CA THR A 45 -0.12 1.10 -8.85
C THR A 45 1.02 2.10 -9.07
N LYS A 46 0.76 3.15 -9.84
CA LYS A 46 1.75 4.19 -10.08
C LYS A 46 2.06 4.92 -8.77
N LYS A 47 1.05 5.09 -7.93
CA LYS A 47 1.25 5.69 -6.62
C LYS A 47 2.10 4.76 -5.78
N ALA A 48 1.91 3.48 -5.93
CA ALA A 48 2.71 2.49 -5.23
C ALA A 48 4.16 2.55 -5.73
N GLU A 49 4.32 2.69 -7.04
CA GLU A 49 5.64 2.81 -7.65
C GLU A 49 6.33 4.11 -7.22
N GLU A 50 5.55 5.17 -7.06
CA GLU A 50 6.10 6.44 -6.62
C GLU A 50 6.52 6.31 -5.17
N THR A 51 5.76 5.51 -4.45
CA THR A 51 6.03 5.22 -3.08
C THR A 51 7.37 4.45 -2.92
N ILE A 52 7.59 3.49 -3.82
CA ILE A 52 8.84 2.71 -3.86
C ILE A 52 10.01 3.67 -4.14
N SER A 53 9.83 4.50 -5.15
CA SER A 53 10.82 5.45 -5.59
C SER A 53 11.14 6.46 -4.47
N TRP A 54 10.09 6.90 -3.78
CA TRP A 54 10.23 7.82 -2.67
C TRP A 54 11.09 7.21 -1.59
N LEU A 55 10.79 5.96 -1.24
CA LEU A 55 11.49 5.25 -0.17
C LEU A 55 12.98 5.11 -0.49
N ASP A 56 13.30 4.90 -1.74
CA ASP A 56 14.69 4.74 -2.12
C ASP A 56 15.42 6.06 -2.09
N SER A 57 14.69 7.11 -2.37
CA SER A 57 15.25 8.44 -2.45
C SER A 57 15.33 9.07 -1.04
N ASN A 58 14.27 8.94 -0.27
CA ASN A 58 14.18 9.51 1.06
C ASN A 58 14.43 8.45 2.10
N THR A 59 15.35 7.56 1.78
CA THR A 59 15.72 6.45 2.63
C THR A 59 16.25 6.93 4.02
N THR A 60 16.77 8.14 4.07
CA THR A 60 17.31 8.72 5.28
C THR A 60 16.25 9.56 6.05
N ALA A 61 14.99 9.43 5.68
CA ALA A 61 13.92 10.18 6.32
C ALA A 61 13.55 9.54 7.66
N SER A 62 12.69 10.18 8.40
CA SER A 62 12.27 9.66 9.67
C SER A 62 11.25 8.55 9.46
N LYS A 63 11.16 7.62 10.41
CA LYS A 63 10.23 6.48 10.31
C LYS A 63 8.79 6.98 10.23
N GLU A 64 8.58 8.14 10.87
CA GLU A 64 7.31 8.85 10.85
C GLU A 64 6.88 9.17 9.43
N GLU A 65 7.85 9.56 8.60
CA GLU A 65 7.59 9.96 7.24
C GLU A 65 7.20 8.79 6.36
N PHE A 66 7.75 7.63 6.66
CA PHE A 66 7.37 6.44 5.94
C PHE A 66 5.93 6.07 6.29
N ASP A 67 5.55 6.33 7.54
CA ASP A 67 4.17 6.14 7.97
C ASP A 67 3.28 7.21 7.32
N ASP A 68 3.86 8.38 7.05
CA ASP A 68 3.16 9.47 6.35
C ASP A 68 2.89 9.07 4.93
N LYS A 69 3.89 8.47 4.29
CA LYS A 69 3.73 7.92 2.96
C LYS A 69 2.67 6.85 2.93
N LEU A 70 2.65 6.03 3.95
CA LEU A 70 1.64 4.99 4.07
C LEU A 70 0.23 5.61 4.16
N LYS A 71 0.13 6.74 4.83
CA LYS A 71 -1.15 7.42 4.97
C LYS A 71 -1.59 8.11 3.69
N GLU A 72 -0.66 8.76 2.97
CA GLU A 72 -1.03 9.36 1.68
C GLU A 72 -1.27 8.29 0.63
N LEU A 73 -0.59 7.14 0.80
CA LEU A 73 -0.80 5.99 -0.03
C LEU A 73 -2.26 5.58 0.14
N GLN A 74 -2.69 5.49 1.40
CA GLN A 74 -4.09 5.19 1.70
C GLN A 74 -5.04 6.32 1.31
N ASP A 75 -4.59 7.55 1.44
CA ASP A 75 -5.41 8.73 1.07
C ASP A 75 -5.92 8.61 -0.37
N ILE A 76 -5.07 8.10 -1.23
CA ILE A 76 -5.43 7.89 -2.62
C ILE A 76 -5.98 6.46 -2.85
N ALA A 77 -5.26 5.47 -2.35
CA ALA A 77 -5.58 4.07 -2.63
C ALA A 77 -6.78 3.53 -1.87
N ASN A 78 -7.00 3.98 -0.64
CA ASN A 78 -8.10 3.44 0.19
C ASN A 78 -9.51 3.63 -0.47
N PRO A 79 -9.85 4.85 -1.03
CA PRO A 79 -11.10 5.03 -1.80
C PRO A 79 -11.21 4.00 -2.93
N ILE A 80 -10.11 3.76 -3.59
CA ILE A 80 -10.03 2.84 -4.69
C ILE A 80 -10.17 1.38 -4.20
N MET A 81 -9.63 1.10 -3.01
CA MET A 81 -9.81 -0.21 -2.35
C MET A 81 -11.29 -0.41 -2.10
N SER A 82 -11.95 0.66 -1.69
CA SER A 82 -13.35 0.63 -1.32
C SER A 82 -14.24 0.26 -2.51
N LYS A 83 -13.91 0.78 -3.70
CA LYS A 83 -14.68 0.44 -4.87
C LYS A 83 -14.39 -0.97 -5.33
N LEU A 84 -13.16 -1.42 -5.10
CA LEU A 84 -12.76 -2.79 -5.41
C LEU A 84 -13.62 -3.76 -4.57
N TYR A 85 -13.84 -3.41 -3.31
CA TYR A 85 -14.71 -4.19 -2.41
C TYR A 85 -16.14 -4.29 -2.89
N GLN A 86 -16.53 -3.42 -3.80
CA GLN A 86 -17.88 -3.44 -4.34
C GLN A 86 -18.04 -4.57 -5.36
N ALA A 87 -16.92 -5.08 -5.87
CA ALA A 87 -16.96 -6.15 -6.87
C ALA A 87 -16.12 -7.35 -6.43
N GLY A 88 -15.53 -7.27 -5.26
CA GLY A 88 -14.69 -8.32 -4.78
C GLY A 88 -14.54 -8.24 -3.30
N GLY A 89 -15.67 -8.12 -2.64
CA GLY A 89 -15.65 -7.97 -1.23
C GLY A 89 -17.04 -7.74 -0.69
N ALA A 90 -17.16 -6.83 0.22
CA ALA A 90 -18.43 -6.51 0.83
C ALA A 90 -18.59 -5.00 0.81
N PRO A 91 -19.83 -4.49 0.64
CA PRO A 91 -20.09 -3.05 0.63
C PRO A 91 -19.73 -2.43 1.96
N GLY A 92 -18.65 -1.72 1.98
CA GLY A 92 -18.19 -1.09 3.17
C GLY A 92 -16.77 -0.69 2.99
N GLY A 93 -16.18 -0.15 4.03
CA GLY A 93 -14.80 0.24 3.97
C GLY A 93 -13.90 -0.83 4.53
N ALA A 94 -12.64 -0.50 4.73
CA ALA A 94 -11.69 -1.42 5.31
C ALA A 94 -12.01 -1.59 6.79
N ALA A 95 -12.14 -0.47 7.44
CA ALA A 95 -12.57 -0.43 8.81
C ALA A 95 -14.02 0.00 8.81
N GLY A 96 -14.33 0.92 7.93
CA GLY A 96 -15.67 1.41 7.77
C GLY A 96 -15.65 2.72 7.03
N GLY A 97 -16.80 3.27 6.76
CA GLY A 97 -16.86 4.56 6.11
C GLY A 97 -16.82 4.45 4.61
N ALA A 98 -15.74 3.86 4.10
CA ALA A 98 -15.51 3.69 2.66
C ALA A 98 -15.45 5.03 1.95
N PRO A 99 -14.27 5.69 1.97
CA PRO A 99 -14.07 7.02 1.39
C PRO A 99 -14.51 7.14 -0.07
N GLY A 100 -15.70 7.63 -0.28
CA GLY A 100 -16.22 7.81 -1.62
C GLY A 100 -16.32 9.27 -1.97
N GLY A 101 -16.16 10.09 -0.96
CA GLY A 101 -16.22 11.50 -1.10
C GLY A 101 -16.41 12.11 0.25
N SER A 1 23.68 2.15 20.57
CA SER A 1 23.10 2.38 21.87
C SER A 1 21.58 2.33 21.73
N LYS A 2 20.88 2.13 22.83
CA LYS A 2 19.46 1.78 22.81
C LYS A 2 18.57 2.68 21.94
N GLU A 3 18.61 4.00 22.12
CA GLU A 3 17.71 4.86 21.35
C GLU A 3 18.08 4.87 19.88
N GLU A 4 19.38 4.79 19.62
CA GLU A 4 19.90 4.80 18.26
C GLU A 4 19.37 3.59 17.54
N ASP A 5 19.54 2.44 18.18
CA ASP A 5 19.13 1.16 17.63
C ASP A 5 17.62 1.07 17.47
N GLU A 6 16.87 1.61 18.44
CA GLU A 6 15.40 1.60 18.38
C GLU A 6 14.90 2.47 17.22
N LYS A 7 15.43 3.68 17.13
CA LYS A 7 15.02 4.61 16.10
C LYS A 7 15.32 4.08 14.71
N GLU A 8 16.48 3.47 14.53
CA GLU A 8 16.82 2.92 13.24
C GLU A 8 16.06 1.64 12.92
N SER A 9 15.82 0.80 13.90
CA SER A 9 15.09 -0.44 13.64
C SER A 9 13.63 -0.18 13.22
N GLN A 10 12.98 0.77 13.89
CA GLN A 10 11.61 1.13 13.53
C GLN A 10 11.58 1.82 12.17
N ARG A 11 12.63 2.55 11.90
CA ARG A 11 12.86 3.22 10.64
C ARG A 11 12.92 2.17 9.52
N ILE A 12 13.65 1.10 9.78
CA ILE A 12 13.78 -0.03 8.87
C ILE A 12 12.45 -0.78 8.71
N ALA A 13 11.74 -0.95 9.82
CA ALA A 13 10.46 -1.62 9.82
C ALA A 13 9.48 -0.92 8.85
N SER A 14 9.43 0.40 8.96
CA SER A 14 8.60 1.21 8.10
C SER A 14 9.00 1.06 6.63
N LYS A 15 10.31 0.97 6.35
CA LYS A 15 10.83 0.82 4.97
C LYS A 15 10.28 -0.44 4.34
N ASN A 16 10.34 -1.53 5.09
CA ASN A 16 9.93 -2.83 4.60
C ASN A 16 8.43 -2.91 4.40
N GLN A 17 7.68 -2.29 5.32
CA GLN A 17 6.23 -2.25 5.19
C GLN A 17 5.84 -1.46 3.94
N LEU A 18 6.49 -0.32 3.80
CA LEU A 18 6.28 0.60 2.69
C LEU A 18 6.54 -0.15 1.36
N GLU A 19 7.64 -0.85 1.31
CA GLU A 19 8.03 -1.63 0.16
C GLU A 19 7.00 -2.70 -0.16
N SER A 20 6.71 -3.54 0.83
CA SER A 20 5.87 -4.68 0.62
C SER A 20 4.45 -4.27 0.27
N ILE A 21 3.94 -3.24 0.92
CA ILE A 21 2.61 -2.79 0.64
C ILE A 21 2.50 -2.14 -0.74
N ALA A 22 3.54 -1.44 -1.18
CA ALA A 22 3.55 -0.83 -2.50
C ALA A 22 3.43 -1.91 -3.59
N TYR A 23 4.21 -2.99 -3.44
CA TYR A 23 4.14 -4.09 -4.40
C TYR A 23 2.83 -4.84 -4.30
N SER A 24 2.39 -5.08 -3.07
CA SER A 24 1.16 -5.80 -2.82
C SER A 24 -0.04 -5.04 -3.38
N LEU A 25 0.02 -3.70 -3.30
CA LEU A 25 -1.03 -2.85 -3.85
C LEU A 25 -1.16 -3.11 -5.33
N LYS A 26 -0.04 -3.02 -6.06
CA LYS A 26 -0.07 -3.22 -7.50
C LYS A 26 -0.54 -4.63 -7.86
N ASN A 27 -0.07 -5.61 -7.12
CA ASN A 27 -0.49 -7.00 -7.34
C ASN A 27 -1.96 -7.18 -7.08
N THR A 28 -2.44 -6.60 -5.99
CA THR A 28 -3.84 -6.65 -5.64
C THR A 28 -4.70 -6.02 -6.74
N ILE A 29 -4.34 -4.82 -7.17
CA ILE A 29 -5.11 -4.09 -8.17
C ILE A 29 -5.13 -4.85 -9.50
N SER A 30 -3.99 -5.38 -9.89
CA SER A 30 -3.86 -6.09 -11.15
C SER A 30 -4.67 -7.39 -11.14
N GLU A 31 -4.54 -8.18 -10.08
CA GLU A 31 -5.24 -9.45 -9.99
C GLU A 31 -6.74 -9.25 -9.77
N ALA A 32 -7.10 -8.11 -9.21
CA ALA A 32 -8.48 -7.75 -9.05
C ALA A 32 -9.05 -7.41 -10.41
N GLY A 33 -8.28 -6.59 -11.14
CA GLY A 33 -8.56 -6.22 -12.50
C GLY A 33 -9.92 -5.58 -12.72
N ASP A 34 -10.86 -6.44 -13.06
CA ASP A 34 -12.23 -6.07 -13.44
C ASP A 34 -12.98 -5.44 -12.28
N LYS A 35 -12.53 -5.75 -11.07
CA LYS A 35 -13.15 -5.24 -9.85
C LYS A 35 -12.88 -3.75 -9.64
N LEU A 36 -12.09 -3.15 -10.47
CA LEU A 36 -11.76 -1.77 -10.31
C LEU A 36 -11.65 -1.11 -11.67
N GLU A 37 -12.12 0.12 -11.76
CA GLU A 37 -12.07 0.89 -12.99
C GLU A 37 -10.62 1.18 -13.38
N GLN A 38 -10.38 1.47 -14.66
CA GLN A 38 -9.03 1.72 -15.17
C GLN A 38 -8.41 2.97 -14.56
N ALA A 39 -9.20 4.01 -14.41
CA ALA A 39 -8.71 5.27 -13.84
C ALA A 39 -8.23 5.06 -12.42
N ASP A 40 -9.04 4.40 -11.61
CA ASP A 40 -8.69 4.10 -10.22
C ASP A 40 -7.46 3.23 -10.19
N LYS A 41 -7.47 2.23 -11.08
CA LYS A 41 -6.40 1.26 -11.22
C LYS A 41 -5.05 1.95 -11.44
N ASP A 42 -5.01 2.90 -12.36
CA ASP A 42 -3.76 3.58 -12.64
C ASP A 42 -3.38 4.54 -11.53
N THR A 43 -4.37 5.19 -10.93
CA THR A 43 -4.15 6.17 -9.88
C THR A 43 -3.37 5.53 -8.70
N VAL A 44 -3.84 4.38 -8.23
CA VAL A 44 -3.18 3.70 -7.12
C VAL A 44 -1.83 3.12 -7.49
N THR A 45 -1.77 2.39 -8.56
CA THR A 45 -0.56 1.74 -8.98
C THR A 45 0.56 2.72 -9.35
N LYS A 46 0.23 3.79 -10.04
CA LYS A 46 1.23 4.80 -10.43
C LYS A 46 1.77 5.49 -9.18
N LYS A 47 0.87 5.76 -8.23
CA LYS A 47 1.26 6.37 -6.96
C LYS A 47 2.17 5.38 -6.23
N ALA A 48 1.85 4.10 -6.35
CA ALA A 48 2.61 3.03 -5.73
C ALA A 48 4.02 2.98 -6.29
N GLU A 49 4.16 3.23 -7.57
CA GLU A 49 5.45 3.19 -8.20
C GLU A 49 6.28 4.40 -7.81
N GLU A 50 5.60 5.53 -7.58
CA GLU A 50 6.28 6.73 -7.07
C GLU A 50 6.80 6.41 -5.69
N THR A 51 6.02 5.64 -4.99
CA THR A 51 6.34 5.22 -3.67
C THR A 51 7.60 4.32 -3.69
N ILE A 52 7.67 3.44 -4.67
CA ILE A 52 8.81 2.55 -4.84
C ILE A 52 10.07 3.33 -5.24
N SER A 53 9.92 4.26 -6.19
CA SER A 53 11.05 5.05 -6.62
C SER A 53 11.52 5.99 -5.50
N TRP A 54 10.55 6.49 -4.71
CA TRP A 54 10.85 7.30 -3.55
C TRP A 54 11.71 6.50 -2.58
N LEU A 55 11.28 5.28 -2.30
CA LEU A 55 11.99 4.36 -1.40
C LEU A 55 13.40 4.04 -1.90
N ASP A 56 13.55 3.94 -3.20
CA ASP A 56 14.82 3.60 -3.83
C ASP A 56 15.81 4.74 -3.71
N SER A 57 15.30 5.94 -3.70
CA SER A 57 16.14 7.09 -3.62
C SER A 57 16.33 7.58 -2.15
N ASN A 58 15.30 7.44 -1.35
CA ASN A 58 15.29 7.99 0.00
C ASN A 58 15.35 6.88 1.00
N THR A 59 16.11 5.87 0.69
CA THR A 59 16.27 4.71 1.52
C THR A 59 16.85 5.08 2.90
N THR A 60 17.58 6.18 2.94
CA THR A 60 18.19 6.68 4.13
C THR A 60 17.31 7.72 4.86
N ALA A 61 16.03 7.81 4.48
CA ALA A 61 15.12 8.76 5.12
C ALA A 61 14.84 8.37 6.57
N SER A 62 14.20 9.26 7.29
CA SER A 62 13.90 9.04 8.68
C SER A 62 12.59 8.23 8.77
N LYS A 63 12.32 7.64 9.95
CA LYS A 63 11.18 6.72 10.13
C LYS A 63 9.86 7.42 9.80
N GLU A 64 9.78 8.70 10.18
CA GLU A 64 8.59 9.51 9.98
C GLU A 64 8.29 9.66 8.51
N GLU A 65 9.34 9.73 7.70
CA GLU A 65 9.20 9.92 6.26
C GLU A 65 8.63 8.67 5.61
N PHE A 66 9.06 7.51 6.06
CA PHE A 66 8.53 6.24 5.55
C PHE A 66 7.14 6.02 6.06
N ASP A 67 6.92 6.35 7.32
CA ASP A 67 5.61 6.22 7.96
C ASP A 67 4.60 7.10 7.25
N ASP A 68 5.06 8.29 6.90
CA ASP A 68 4.25 9.28 6.20
C ASP A 68 3.86 8.77 4.81
N LYS A 69 4.85 8.30 4.03
CA LYS A 69 4.58 7.68 2.74
C LYS A 69 3.64 6.51 2.84
N LEU A 70 3.74 5.74 3.90
CA LEU A 70 2.87 4.59 4.12
C LEU A 70 1.43 5.07 4.28
N LYS A 71 1.23 6.10 5.09
CA LYS A 71 -0.10 6.64 5.32
C LYS A 71 -0.61 7.36 4.09
N GLU A 72 0.28 7.99 3.37
CA GLU A 72 -0.07 8.68 2.14
C GLU A 72 -0.54 7.64 1.10
N LEU A 73 0.19 6.54 1.01
CA LEU A 73 -0.13 5.43 0.13
C LEU A 73 -1.51 4.89 0.53
N GLN A 74 -1.68 4.65 1.80
CA GLN A 74 -2.94 4.16 2.34
C GLN A 74 -4.09 5.12 2.12
N ASP A 75 -3.85 6.41 2.27
CA ASP A 75 -4.93 7.40 2.07
C ASP A 75 -5.39 7.43 0.63
N ILE A 76 -4.46 7.24 -0.30
CA ILE A 76 -4.80 7.20 -1.71
C ILE A 76 -5.51 5.89 -2.06
N ALA A 77 -5.02 4.79 -1.51
CA ALA A 77 -5.53 3.46 -1.83
C ALA A 77 -6.87 3.15 -1.14
N ASN A 78 -7.09 3.71 0.03
CA ASN A 78 -8.29 3.44 0.85
C ASN A 78 -9.64 3.60 0.06
N PRO A 79 -9.91 4.76 -0.65
CA PRO A 79 -11.16 4.92 -1.42
C PRO A 79 -11.27 3.91 -2.56
N ILE A 80 -10.13 3.51 -3.08
CA ILE A 80 -10.06 2.52 -4.14
C ILE A 80 -10.40 1.14 -3.58
N MET A 81 -9.97 0.90 -2.37
CA MET A 81 -10.26 -0.35 -1.67
C MET A 81 -11.74 -0.47 -1.38
N SER A 82 -12.40 0.67 -1.19
CA SER A 82 -13.83 0.68 -1.00
C SER A 82 -14.52 0.15 -2.26
N LYS A 83 -13.93 0.45 -3.42
CA LYS A 83 -14.42 -0.08 -4.65
C LYS A 83 -14.10 -1.56 -4.78
N LEU A 84 -12.84 -1.94 -4.46
CA LEU A 84 -12.41 -3.34 -4.55
C LEU A 84 -13.32 -4.28 -3.76
N TYR A 85 -13.42 -4.04 -2.47
CA TYR A 85 -14.21 -4.88 -1.59
C TYR A 85 -15.67 -4.94 -2.01
N GLN A 86 -16.23 -3.81 -2.35
CA GLN A 86 -17.64 -3.75 -2.70
C GLN A 86 -17.95 -4.20 -4.12
N ALA A 87 -16.94 -4.39 -4.95
CA ALA A 87 -17.17 -4.86 -6.30
C ALA A 87 -17.02 -6.37 -6.40
N GLY A 88 -16.56 -6.98 -5.32
CA GLY A 88 -16.45 -8.41 -5.31
C GLY A 88 -15.18 -8.83 -4.64
N GLY A 89 -14.94 -8.25 -3.51
CA GLY A 89 -13.76 -8.53 -2.78
C GLY A 89 -14.04 -8.53 -1.31
N ALA A 90 -15.32 -8.74 -0.99
CA ALA A 90 -15.82 -8.71 0.37
C ALA A 90 -15.16 -9.79 1.22
N PRO A 91 -14.81 -9.47 2.49
CA PRO A 91 -14.15 -10.42 3.41
C PRO A 91 -14.92 -11.71 3.57
N GLY A 92 -14.42 -12.75 2.93
CA GLY A 92 -15.01 -14.06 3.04
C GLY A 92 -16.12 -14.27 2.04
N GLY A 93 -16.42 -13.26 1.24
CA GLY A 93 -17.49 -13.35 0.30
C GLY A 93 -18.83 -13.32 0.97
N ALA A 94 -19.39 -14.52 1.20
CA ALA A 94 -20.72 -14.75 1.80
C ALA A 94 -21.83 -14.27 0.89
N ALA A 95 -21.96 -12.98 0.75
CA ALA A 95 -22.92 -12.38 -0.14
C ALA A 95 -22.19 -12.02 -1.42
N GLY A 96 -22.16 -12.94 -2.33
CA GLY A 96 -21.41 -12.75 -3.54
C GLY A 96 -20.14 -13.56 -3.48
N GLY A 97 -19.34 -13.48 -4.51
CA GLY A 97 -18.10 -14.21 -4.53
C GLY A 97 -16.93 -13.30 -4.38
N ALA A 98 -15.88 -13.79 -3.79
CA ALA A 98 -14.67 -13.03 -3.60
C ALA A 98 -13.48 -13.92 -3.90
N PRO A 99 -12.82 -13.70 -5.05
CA PRO A 99 -11.66 -14.48 -5.50
C PRO A 99 -10.55 -14.52 -4.47
N GLY A 100 -10.22 -15.71 -4.00
CA GLY A 100 -9.17 -15.85 -3.05
C GLY A 100 -9.27 -17.15 -2.33
N GLY A 101 -9.90 -17.13 -1.20
CA GLY A 101 -9.98 -18.29 -0.36
C GLY A 101 -10.78 -17.96 0.86
N SER A 1 23.60 0.47 19.91
CA SER A 1 23.11 0.88 21.20
C SER A 1 21.61 0.98 21.10
N LYS A 2 20.89 0.78 22.21
CA LYS A 2 19.43 0.66 22.21
C LYS A 2 18.72 1.80 21.45
N GLU A 3 19.06 3.05 21.75
CA GLU A 3 18.40 4.20 21.11
C GLU A 3 18.56 4.16 19.57
N GLU A 4 19.79 4.00 19.11
CA GLU A 4 20.05 4.00 17.66
C GLU A 4 19.46 2.76 17.00
N ASP A 5 19.50 1.63 17.70
CA ASP A 5 19.01 0.37 17.17
C ASP A 5 17.51 0.40 17.05
N GLU A 6 16.84 1.09 17.97
CA GLU A 6 15.39 1.21 17.91
C GLU A 6 15.02 2.12 16.76
N LYS A 7 15.71 3.25 16.67
CA LYS A 7 15.46 4.21 15.60
C LYS A 7 15.63 3.60 14.22
N GLU A 8 16.72 2.87 14.01
CA GLU A 8 16.97 2.23 12.75
C GLU A 8 15.96 1.15 12.43
N SER A 9 15.74 0.24 13.36
CA SER A 9 14.83 -0.88 13.11
C SER A 9 13.39 -0.43 12.81
N GLN A 10 12.95 0.67 13.42
CA GLN A 10 11.62 1.20 13.16
C GLN A 10 11.55 1.84 11.78
N ARG A 11 12.65 2.44 11.36
CA ARG A 11 12.76 2.98 10.00
C ARG A 11 12.71 1.85 9.02
N ILE A 12 13.48 0.80 9.30
CA ILE A 12 13.55 -0.38 8.47
C ILE A 12 12.17 -1.03 8.39
N ALA A 13 11.47 -1.11 9.53
CA ALA A 13 10.12 -1.65 9.59
C ALA A 13 9.18 -0.85 8.69
N SER A 14 9.31 0.47 8.74
CA SER A 14 8.49 1.35 7.92
C SER A 14 8.87 1.18 6.43
N LYS A 15 10.17 1.05 6.18
CA LYS A 15 10.70 0.80 4.85
C LYS A 15 10.10 -0.50 4.30
N ASN A 16 10.09 -1.53 5.14
CA ASN A 16 9.49 -2.81 4.79
C ASN A 16 8.01 -2.66 4.51
N GLN A 17 7.32 -1.95 5.40
CA GLN A 17 5.89 -1.78 5.30
C GLN A 17 5.50 -1.04 4.03
N LEU A 18 6.17 0.06 3.74
CA LEU A 18 5.90 0.82 2.52
C LEU A 18 6.13 -0.01 1.29
N GLU A 19 7.24 -0.72 1.28
CA GLU A 19 7.62 -1.54 0.16
C GLU A 19 6.62 -2.69 -0.03
N SER A 20 6.30 -3.36 1.07
CA SER A 20 5.40 -4.48 1.04
C SER A 20 4.01 -4.03 0.62
N ILE A 21 3.54 -2.89 1.15
CA ILE A 21 2.25 -2.36 0.79
C ILE A 21 2.22 -1.93 -0.67
N ALA A 22 3.30 -1.34 -1.15
CA ALA A 22 3.38 -0.92 -2.54
C ALA A 22 3.26 -2.12 -3.47
N TYR A 23 3.91 -3.22 -3.11
CA TYR A 23 3.79 -4.45 -3.89
C TYR A 23 2.39 -5.03 -3.78
N SER A 24 1.91 -5.09 -2.55
CA SER A 24 0.59 -5.66 -2.25
C SER A 24 -0.52 -4.89 -2.96
N LEU A 25 -0.37 -3.58 -3.03
CA LEU A 25 -1.32 -2.72 -3.68
C LEU A 25 -1.37 -3.05 -5.16
N LYS A 26 -0.20 -3.07 -5.81
CA LYS A 26 -0.12 -3.35 -7.24
C LYS A 26 -0.71 -4.70 -7.59
N ASN A 27 -0.35 -5.70 -6.82
CA ASN A 27 -0.82 -7.07 -7.04
C ASN A 27 -2.33 -7.20 -6.84
N THR A 28 -2.83 -6.57 -5.78
CA THR A 28 -4.25 -6.66 -5.48
C THR A 28 -5.10 -5.88 -6.48
N ILE A 29 -4.65 -4.68 -6.87
CA ILE A 29 -5.42 -3.89 -7.84
C ILE A 29 -5.43 -4.60 -9.21
N SER A 30 -4.40 -5.37 -9.48
CA SER A 30 -4.33 -6.10 -10.71
C SER A 30 -5.29 -7.29 -10.75
N GLU A 31 -5.75 -7.75 -9.58
CA GLU A 31 -6.68 -8.89 -9.57
C GLU A 31 -8.07 -8.37 -9.92
N ALA A 32 -8.28 -7.07 -9.66
CA ALA A 32 -9.54 -6.42 -9.91
C ALA A 32 -9.95 -6.56 -11.36
N GLY A 33 -9.01 -6.35 -12.26
CA GLY A 33 -9.27 -6.48 -13.67
C GLY A 33 -10.25 -5.44 -14.14
N ASP A 34 -11.47 -5.85 -14.38
CA ASP A 34 -12.52 -4.95 -14.89
C ASP A 34 -13.39 -4.46 -13.76
N LYS A 35 -13.15 -5.02 -12.61
CA LYS A 35 -13.92 -4.70 -11.40
C LYS A 35 -13.49 -3.36 -10.79
N LEU A 36 -12.57 -2.69 -11.43
CA LEU A 36 -12.09 -1.42 -11.00
C LEU A 36 -11.64 -0.72 -12.28
N GLU A 37 -11.88 0.56 -12.40
CA GLU A 37 -11.61 1.30 -13.63
C GLU A 37 -10.14 1.67 -13.81
N GLN A 38 -9.80 2.05 -15.04
CA GLN A 38 -8.42 2.33 -15.45
C GLN A 38 -7.73 3.45 -14.67
N ALA A 39 -8.34 4.62 -14.58
CA ALA A 39 -7.67 5.77 -13.98
C ALA A 39 -7.51 5.58 -12.49
N ASP A 40 -8.51 5.01 -11.88
CA ASP A 40 -8.51 4.73 -10.45
C ASP A 40 -7.41 3.70 -10.13
N LYS A 41 -7.36 2.67 -10.97
CA LYS A 41 -6.35 1.61 -10.92
C LYS A 41 -4.95 2.18 -11.10
N ASP A 42 -4.83 3.06 -12.06
CA ASP A 42 -3.55 3.69 -12.38
C ASP A 42 -3.10 4.58 -11.24
N THR A 43 -4.03 5.29 -10.63
CA THR A 43 -3.72 6.18 -9.53
C THR A 43 -3.04 5.42 -8.36
N VAL A 44 -3.59 4.26 -8.00
CA VAL A 44 -3.00 3.47 -6.93
C VAL A 44 -1.66 2.85 -7.28
N THR A 45 -1.59 2.20 -8.41
CA THR A 45 -0.38 1.54 -8.80
C THR A 45 0.76 2.52 -9.06
N LYS A 46 0.42 3.65 -9.66
CA LYS A 46 1.39 4.70 -9.93
C LYS A 46 1.92 5.30 -8.63
N LYS A 47 1.04 5.44 -7.64
CA LYS A 47 1.45 5.90 -6.33
C LYS A 47 2.34 4.84 -5.67
N ALA A 48 2.06 3.60 -5.93
CA ALA A 48 2.85 2.50 -5.40
C ALA A 48 4.24 2.50 -6.02
N GLU A 49 4.32 2.75 -7.30
CA GLU A 49 5.59 2.79 -7.97
C GLU A 49 6.36 4.04 -7.61
N GLU A 50 5.64 5.14 -7.38
CA GLU A 50 6.29 6.37 -6.97
C GLU A 50 6.81 6.18 -5.55
N THR A 51 6.12 5.32 -4.79
CA THR A 51 6.55 4.94 -3.48
C THR A 51 7.87 4.16 -3.55
N ILE A 52 7.94 3.21 -4.47
CA ILE A 52 9.15 2.38 -4.68
C ILE A 52 10.34 3.28 -5.00
N SER A 53 10.15 4.19 -5.93
CA SER A 53 11.18 5.12 -6.33
C SER A 53 11.59 6.02 -5.15
N TRP A 54 10.60 6.41 -4.35
CA TRP A 54 10.85 7.25 -3.19
C TRP A 54 11.70 6.49 -2.18
N LEU A 55 11.33 5.25 -1.92
CA LEU A 55 12.02 4.40 -0.95
C LEU A 55 13.45 4.15 -1.36
N ASP A 56 13.67 4.01 -2.63
CA ASP A 56 14.99 3.74 -3.16
C ASP A 56 15.85 4.99 -3.06
N SER A 57 15.23 6.13 -3.26
CA SER A 57 15.96 7.35 -3.27
C SER A 57 16.14 7.91 -1.86
N ASN A 58 15.10 7.82 -1.07
CA ASN A 58 15.06 8.47 0.22
C ASN A 58 14.98 7.48 1.35
N THR A 59 15.66 6.37 1.21
CA THR A 59 15.79 5.40 2.29
C THR A 59 16.55 6.04 3.48
N THR A 60 17.34 7.04 3.14
CA THR A 60 18.12 7.81 4.07
C THR A 60 17.26 8.88 4.82
N ALA A 61 15.95 8.74 4.77
CA ALA A 61 15.04 9.63 5.47
C ALA A 61 14.63 9.01 6.80
N SER A 62 14.02 9.79 7.65
CA SER A 62 13.62 9.35 8.96
C SER A 62 12.32 8.53 8.91
N LYS A 63 11.94 7.94 10.05
CA LYS A 63 10.76 7.08 10.14
C LYS A 63 9.49 7.81 9.74
N GLU A 64 9.33 9.02 10.24
CA GLU A 64 8.12 9.78 9.99
C GLU A 64 7.95 10.14 8.51
N GLU A 65 9.07 10.25 7.79
CA GLU A 65 9.03 10.50 6.35
C GLU A 65 8.42 9.29 5.64
N PHE A 66 8.85 8.09 6.07
CA PHE A 66 8.31 6.84 5.54
C PHE A 66 6.83 6.74 5.88
N ASP A 67 6.50 7.03 7.14
CA ASP A 67 5.11 6.99 7.62
C ASP A 67 4.20 7.91 6.84
N ASP A 68 4.69 9.10 6.55
CA ASP A 68 3.94 10.08 5.77
C ASP A 68 3.64 9.56 4.38
N LYS A 69 4.60 8.84 3.81
CA LYS A 69 4.41 8.20 2.50
C LYS A 69 3.33 7.15 2.57
N LEU A 70 3.28 6.45 3.68
CA LEU A 70 2.26 5.44 3.87
C LEU A 70 0.91 6.11 4.00
N LYS A 71 0.87 7.22 4.72
CA LYS A 71 -0.38 7.93 4.95
C LYS A 71 -0.95 8.51 3.67
N GLU A 72 -0.11 9.13 2.84
CA GLU A 72 -0.59 9.66 1.58
C GLU A 72 -1.05 8.52 0.66
N LEU A 73 -0.34 7.39 0.74
CA LEU A 73 -0.71 6.23 -0.01
C LEU A 73 -2.04 5.68 0.51
N GLN A 74 -2.23 5.70 1.83
CA GLN A 74 -3.48 5.26 2.46
C GLN A 74 -4.65 6.08 1.96
N ASP A 75 -4.48 7.39 1.96
CA ASP A 75 -5.56 8.30 1.56
C ASP A 75 -5.97 8.07 0.11
N ILE A 76 -5.00 7.76 -0.73
CA ILE A 76 -5.24 7.44 -2.13
C ILE A 76 -5.87 6.04 -2.28
N ALA A 77 -5.25 5.06 -1.66
CA ALA A 77 -5.62 3.67 -1.82
C ALA A 77 -6.93 3.30 -1.15
N ASN A 78 -7.20 3.89 0.00
CA ASN A 78 -8.39 3.52 0.83
C ASN A 78 -9.73 3.44 0.03
N PRO A 79 -10.16 4.51 -0.69
CA PRO A 79 -11.41 4.44 -1.48
C PRO A 79 -11.31 3.45 -2.65
N ILE A 80 -10.12 3.30 -3.18
CA ILE A 80 -9.86 2.44 -4.30
C ILE A 80 -9.85 0.94 -3.87
N MET A 81 -9.31 0.68 -2.71
CA MET A 81 -9.31 -0.66 -2.15
C MET A 81 -10.73 -1.05 -1.81
N SER A 82 -11.53 -0.05 -1.47
CA SER A 82 -12.90 -0.23 -1.16
C SER A 82 -13.65 -0.68 -2.44
N LYS A 83 -13.14 -0.29 -3.61
CA LYS A 83 -13.75 -0.73 -4.87
C LYS A 83 -13.57 -2.22 -4.95
N LEU A 84 -12.32 -2.65 -4.76
CA LEU A 84 -11.96 -4.06 -4.85
C LEU A 84 -12.69 -4.88 -3.79
N TYR A 85 -12.62 -4.44 -2.55
CA TYR A 85 -13.21 -5.17 -1.45
C TYR A 85 -14.72 -5.22 -1.47
N GLN A 86 -15.37 -4.28 -2.12
CA GLN A 86 -16.81 -4.36 -2.19
C GLN A 86 -17.26 -5.12 -3.43
N ALA A 87 -16.38 -5.22 -4.41
CA ALA A 87 -16.69 -5.93 -5.62
C ALA A 87 -16.47 -7.42 -5.45
N GLY A 88 -15.38 -7.78 -4.79
CA GLY A 88 -15.04 -9.16 -4.62
C GLY A 88 -14.15 -9.34 -3.45
N GLY A 89 -14.64 -8.97 -2.30
CA GLY A 89 -13.86 -9.06 -1.12
C GLY A 89 -14.69 -9.35 0.09
N ALA A 90 -15.45 -8.34 0.51
CA ALA A 90 -16.28 -8.35 1.71
C ALA A 90 -15.45 -8.58 2.98
N PRO A 91 -14.84 -7.51 3.52
CA PRO A 91 -14.04 -7.60 4.74
C PRO A 91 -14.92 -7.90 5.94
N GLY A 92 -15.95 -7.12 6.09
CA GLY A 92 -16.88 -7.32 7.16
C GLY A 92 -18.02 -8.16 6.70
N GLY A 93 -18.46 -9.06 7.54
CA GLY A 93 -19.54 -9.91 7.16
C GLY A 93 -20.86 -9.42 7.68
N ALA A 94 -20.78 -8.42 8.55
CA ALA A 94 -21.93 -7.79 9.18
C ALA A 94 -22.75 -8.78 10.01
N ALA A 95 -22.24 -9.04 11.23
CA ALA A 95 -22.90 -9.89 12.24
C ALA A 95 -23.01 -11.35 11.80
N GLY A 96 -22.13 -11.79 10.95
CA GLY A 96 -22.20 -13.15 10.47
C GLY A 96 -21.01 -13.97 10.90
N GLY A 97 -20.29 -13.46 11.88
CA GLY A 97 -19.07 -14.10 12.36
C GLY A 97 -19.31 -15.42 13.06
N ALA A 98 -20.45 -15.54 13.71
CA ALA A 98 -20.77 -16.77 14.38
C ALA A 98 -21.62 -17.64 13.46
N PRO A 99 -21.07 -18.77 12.99
CA PRO A 99 -21.80 -19.67 12.09
C PRO A 99 -22.99 -20.32 12.78
N GLY A 100 -24.10 -20.35 12.08
CA GLY A 100 -25.30 -20.92 12.60
C GLY A 100 -25.61 -22.22 11.93
N GLY A 101 -25.72 -23.26 12.70
CA GLY A 101 -25.98 -24.55 12.18
C GLY A 101 -26.14 -25.49 13.32
N SER A 1 25.53 2.19 17.70
CA SER A 1 24.99 3.12 18.67
C SER A 1 23.64 2.57 19.14
N LYS A 2 23.56 2.11 20.38
CA LYS A 2 22.37 1.40 20.88
C LYS A 2 21.05 2.13 20.65
N GLU A 3 20.99 3.37 21.05
CA GLU A 3 19.75 4.10 20.96
C GLU A 3 19.37 4.38 19.52
N GLU A 4 20.34 4.82 18.73
CA GLU A 4 20.13 5.19 17.36
C GLU A 4 19.81 3.94 16.54
N ASP A 5 20.57 2.87 16.78
CA ASP A 5 20.40 1.59 16.05
C ASP A 5 19.01 1.04 16.18
N GLU A 6 18.44 1.18 17.34
CA GLU A 6 17.09 0.73 17.57
C GLU A 6 16.05 1.64 16.93
N LYS A 7 16.34 2.93 16.87
CA LYS A 7 15.48 3.88 16.15
C LYS A 7 15.55 3.58 14.65
N GLU A 8 16.75 3.21 14.18
CA GLU A 8 16.96 2.80 12.80
C GLU A 8 16.16 1.56 12.52
N SER A 9 16.05 0.68 13.49
CA SER A 9 15.29 -0.54 13.34
C SER A 9 13.79 -0.19 13.15
N GLN A 10 13.35 0.89 13.81
CA GLN A 10 11.98 1.37 13.65
C GLN A 10 11.81 1.89 12.22
N ARG A 11 12.86 2.55 11.72
CA ARG A 11 12.91 2.99 10.35
C ARG A 11 12.81 1.79 9.41
N ILE A 12 13.64 0.77 9.67
CA ILE A 12 13.68 -0.46 8.87
C ILE A 12 12.30 -1.10 8.81
N ALA A 13 11.69 -1.26 9.98
CA ALA A 13 10.38 -1.88 10.10
C ALA A 13 9.33 -1.12 9.27
N SER A 14 9.44 0.19 9.27
CA SER A 14 8.53 1.02 8.51
C SER A 14 8.80 0.85 6.99
N LYS A 15 10.07 0.78 6.62
CA LYS A 15 10.47 0.59 5.21
C LYS A 15 9.90 -0.72 4.70
N ASN A 16 10.03 -1.76 5.52
CA ASN A 16 9.53 -3.11 5.22
C ASN A 16 8.03 -3.05 4.97
N GLN A 17 7.34 -2.25 5.76
CA GLN A 17 5.91 -2.13 5.68
C GLN A 17 5.52 -1.41 4.39
N LEU A 18 6.16 -0.27 4.12
CA LEU A 18 5.89 0.50 2.89
C LEU A 18 6.14 -0.33 1.67
N GLU A 19 7.24 -1.05 1.68
CA GLU A 19 7.65 -1.91 0.59
C GLU A 19 6.58 -2.97 0.35
N SER A 20 6.21 -3.69 1.41
CA SER A 20 5.24 -4.76 1.31
C SER A 20 3.87 -4.23 0.88
N ILE A 21 3.48 -3.10 1.45
CA ILE A 21 2.22 -2.47 1.12
C ILE A 21 2.19 -2.05 -0.35
N ALA A 22 3.28 -1.46 -0.83
CA ALA A 22 3.36 -1.01 -2.22
C ALA A 22 3.25 -2.17 -3.20
N TYR A 23 3.96 -3.27 -2.92
CA TYR A 23 3.88 -4.44 -3.78
C TYR A 23 2.53 -5.09 -3.70
N SER A 24 2.04 -5.29 -2.48
CA SER A 24 0.76 -5.93 -2.25
C SER A 24 -0.37 -5.12 -2.91
N LEU A 25 -0.25 -3.80 -2.87
CA LEU A 25 -1.25 -2.91 -3.43
C LEU A 25 -1.34 -3.16 -4.92
N LYS A 26 -0.20 -3.08 -5.60
CA LYS A 26 -0.16 -3.25 -7.05
C LYS A 26 -0.64 -4.61 -7.47
N ASN A 27 -0.22 -5.61 -6.75
CA ASN A 27 -0.56 -6.98 -7.08
C ASN A 27 -2.04 -7.24 -6.87
N THR A 28 -2.62 -6.68 -5.80
CA THR A 28 -4.04 -6.83 -5.54
C THR A 28 -4.87 -6.15 -6.66
N ILE A 29 -4.41 -5.00 -7.12
CA ILE A 29 -5.11 -4.28 -8.18
C ILE A 29 -4.97 -5.06 -9.50
N SER A 30 -3.79 -5.60 -9.72
CA SER A 30 -3.49 -6.33 -10.93
C SER A 30 -4.36 -7.60 -11.05
N GLU A 31 -4.50 -8.35 -9.97
CA GLU A 31 -5.30 -9.57 -10.00
C GLU A 31 -6.79 -9.25 -10.14
N ALA A 32 -7.19 -8.07 -9.65
CA ALA A 32 -8.55 -7.61 -9.75
C ALA A 32 -8.94 -7.48 -11.22
N GLY A 33 -8.01 -6.96 -12.00
CA GLY A 33 -8.17 -6.88 -13.42
C GLY A 33 -9.24 -5.91 -13.86
N ASP A 34 -10.38 -6.45 -14.22
CA ASP A 34 -11.51 -5.66 -14.75
C ASP A 34 -12.42 -5.23 -13.62
N LYS A 35 -12.17 -5.76 -12.44
CA LYS A 35 -12.93 -5.42 -11.25
C LYS A 35 -12.77 -3.96 -10.88
N LEU A 36 -11.64 -3.39 -11.20
CA LEU A 36 -11.38 -2.05 -10.83
C LEU A 36 -11.07 -1.24 -12.06
N GLU A 37 -11.58 -0.02 -12.07
CA GLU A 37 -11.47 0.91 -13.20
C GLU A 37 -10.02 1.25 -13.55
N GLN A 38 -9.76 1.41 -14.83
CA GLN A 38 -8.42 1.65 -15.34
C GLN A 38 -7.76 2.93 -14.79
N ALA A 39 -8.50 4.03 -14.77
CA ALA A 39 -7.94 5.30 -14.27
C ALA A 39 -7.60 5.19 -12.80
N ASP A 40 -8.52 4.60 -12.06
CA ASP A 40 -8.35 4.38 -10.63
C ASP A 40 -7.19 3.42 -10.39
N LYS A 41 -7.14 2.36 -11.20
CA LYS A 41 -6.08 1.35 -11.19
C LYS A 41 -4.73 1.99 -11.39
N ASP A 42 -4.65 2.85 -12.38
CA ASP A 42 -3.42 3.53 -12.71
C ASP A 42 -3.02 4.45 -11.59
N THR A 43 -3.99 5.15 -11.03
CA THR A 43 -3.76 6.07 -9.94
C THR A 43 -3.10 5.35 -8.73
N VAL A 44 -3.69 4.24 -8.29
CA VAL A 44 -3.12 3.50 -7.16
C VAL A 44 -1.78 2.85 -7.46
N THR A 45 -1.70 2.14 -8.55
CA THR A 45 -0.50 1.44 -8.91
C THR A 45 0.70 2.37 -9.14
N LYS A 46 0.48 3.47 -9.85
CA LYS A 46 1.54 4.44 -10.12
C LYS A 46 1.94 5.17 -8.85
N LYS A 47 1.01 5.28 -7.91
CA LYS A 47 1.28 5.88 -6.62
C LYS A 47 2.18 4.90 -5.84
N ALA A 48 1.90 3.61 -5.98
CA ALA A 48 2.71 2.60 -5.32
C ALA A 48 4.11 2.60 -5.92
N GLU A 49 4.18 2.87 -7.22
CA GLU A 49 5.43 3.02 -7.93
C GLU A 49 6.20 4.24 -7.40
N GLU A 50 5.46 5.32 -7.08
CA GLU A 50 6.12 6.50 -6.55
C GLU A 50 6.62 6.20 -5.16
N THR A 51 5.87 5.36 -4.46
CA THR A 51 6.23 4.95 -3.13
C THR A 51 7.51 4.11 -3.12
N ILE A 52 7.59 3.14 -4.02
CA ILE A 52 8.79 2.29 -4.13
C ILE A 52 9.99 3.15 -4.51
N SER A 53 9.78 4.05 -5.48
CA SER A 53 10.79 4.98 -5.92
C SER A 53 11.24 5.87 -4.75
N TRP A 54 10.27 6.37 -4.00
CA TRP A 54 10.53 7.21 -2.85
C TRP A 54 11.39 6.47 -1.84
N LEU A 55 11.05 5.20 -1.61
CA LEU A 55 11.79 4.36 -0.66
C LEU A 55 13.22 4.17 -1.10
N ASP A 56 13.44 4.10 -2.39
CA ASP A 56 14.77 3.84 -2.91
C ASP A 56 15.60 5.13 -2.90
N SER A 57 14.91 6.25 -2.98
CA SER A 57 15.55 7.55 -3.02
C SER A 57 15.77 8.13 -1.60
N ASN A 58 14.80 7.89 -0.72
CA ASN A 58 14.84 8.46 0.63
C ASN A 58 14.89 7.33 1.64
N THR A 59 15.63 6.32 1.27
CA THR A 59 15.78 5.07 2.01
C THR A 59 16.24 5.27 3.49
N THR A 60 16.92 6.35 3.79
CA THR A 60 17.40 6.60 5.13
C THR A 60 16.72 7.81 5.78
N ALA A 61 15.53 8.19 5.30
CA ALA A 61 14.80 9.32 5.85
C ALA A 61 14.18 8.97 7.21
N SER A 62 13.59 9.95 7.86
CA SER A 62 12.95 9.78 9.16
C SER A 62 11.85 8.73 9.08
N LYS A 63 11.59 8.07 10.21
CA LYS A 63 10.53 7.07 10.30
C LYS A 63 9.21 7.75 9.96
N GLU A 64 9.08 9.00 10.44
CA GLU A 64 7.91 9.82 10.25
C GLU A 64 7.66 10.07 8.75
N GLU A 65 8.71 10.07 7.97
CA GLU A 65 8.60 10.26 6.54
C GLU A 65 8.01 9.01 5.90
N PHE A 66 8.46 7.86 6.35
CA PHE A 66 7.93 6.59 5.87
C PHE A 66 6.48 6.45 6.30
N ASP A 67 6.21 6.83 7.54
CA ASP A 67 4.84 6.82 8.08
C ASP A 67 3.93 7.71 7.28
N ASP A 68 4.42 8.89 6.93
CA ASP A 68 3.63 9.88 6.19
C ASP A 68 3.35 9.37 4.77
N LYS A 69 4.35 8.72 4.19
CA LYS A 69 4.22 8.12 2.87
C LYS A 69 3.21 6.95 2.92
N LEU A 70 3.19 6.24 4.04
CA LEU A 70 2.24 5.15 4.27
C LEU A 70 0.85 5.74 4.35
N LYS A 71 0.74 6.86 5.07
CA LYS A 71 -0.51 7.58 5.17
C LYS A 71 -1.01 7.98 3.80
N GLU A 72 -0.13 8.53 2.96
CA GLU A 72 -0.50 8.93 1.59
C GLU A 72 -1.04 7.73 0.84
N LEU A 73 -0.34 6.62 0.96
CA LEU A 73 -0.69 5.41 0.26
C LEU A 73 -2.10 4.98 0.68
N GLN A 74 -2.36 5.01 1.98
CA GLN A 74 -3.66 4.63 2.51
C GLN A 74 -4.75 5.63 2.14
N ASP A 75 -4.46 6.92 2.24
CA ASP A 75 -5.43 7.99 1.92
C ASP A 75 -5.87 7.94 0.47
N ILE A 76 -4.95 7.60 -0.41
CA ILE A 76 -5.27 7.48 -1.83
C ILE A 76 -5.96 6.14 -2.11
N ALA A 77 -5.44 5.08 -1.51
CA ALA A 77 -5.94 3.74 -1.77
C ALA A 77 -7.35 3.51 -1.23
N ASN A 78 -7.66 4.04 -0.03
CA ASN A 78 -8.98 3.77 0.64
C ASN A 78 -10.23 3.78 -0.27
N PRO A 79 -10.56 4.91 -0.98
CA PRO A 79 -11.77 4.95 -1.82
C PRO A 79 -11.67 4.00 -3.02
N ILE A 80 -10.47 3.84 -3.54
CA ILE A 80 -10.24 3.00 -4.69
C ILE A 80 -10.31 1.51 -4.30
N MET A 81 -9.77 1.19 -3.14
CA MET A 81 -9.80 -0.18 -2.63
C MET A 81 -11.22 -0.51 -2.22
N SER A 82 -11.97 0.50 -1.85
CA SER A 82 -13.36 0.35 -1.48
C SER A 82 -14.14 -0.09 -2.72
N LYS A 83 -13.74 0.41 -3.89
CA LYS A 83 -14.34 -0.01 -5.13
C LYS A 83 -14.02 -1.48 -5.37
N LEU A 84 -12.78 -1.87 -5.08
CA LEU A 84 -12.32 -3.24 -5.28
C LEU A 84 -13.12 -4.16 -4.37
N TYR A 85 -13.31 -3.72 -3.11
CA TYR A 85 -14.08 -4.49 -2.13
C TYR A 85 -15.45 -4.86 -2.66
N GLN A 86 -16.17 -3.88 -3.15
CA GLN A 86 -17.52 -4.12 -3.66
C GLN A 86 -17.52 -4.82 -5.02
N ALA A 87 -16.46 -4.65 -5.78
CA ALA A 87 -16.35 -5.27 -7.08
C ALA A 87 -16.11 -6.76 -6.96
N GLY A 88 -15.18 -7.14 -6.13
CA GLY A 88 -14.89 -8.53 -5.94
C GLY A 88 -13.88 -8.75 -4.87
N GLY A 89 -13.98 -7.98 -3.84
CA GLY A 89 -13.08 -8.13 -2.73
C GLY A 89 -13.76 -8.81 -1.57
N ALA A 90 -14.95 -8.36 -1.27
CA ALA A 90 -15.77 -8.96 -0.22
C ALA A 90 -16.76 -9.99 -0.80
N PRO A 91 -17.58 -9.65 -1.86
CA PRO A 91 -18.45 -10.62 -2.49
C PRO A 91 -17.66 -11.44 -3.50
N GLY A 92 -17.13 -12.52 -3.02
CA GLY A 92 -16.35 -13.39 -3.83
C GLY A 92 -15.85 -14.53 -3.00
N GLY A 93 -16.73 -15.46 -2.72
CA GLY A 93 -16.36 -16.61 -1.91
C GLY A 93 -15.50 -17.57 -2.68
N ALA A 94 -14.74 -18.37 -1.98
CA ALA A 94 -13.87 -19.33 -2.62
C ALA A 94 -14.67 -20.55 -2.99
N ALA A 95 -15.49 -20.99 -2.04
CA ALA A 95 -16.31 -22.15 -2.22
C ALA A 95 -17.55 -21.82 -3.03
N GLY A 96 -17.46 -22.09 -4.30
CA GLY A 96 -18.56 -21.85 -5.21
C GLY A 96 -18.54 -22.86 -6.30
N GLY A 97 -18.95 -24.06 -5.97
CA GLY A 97 -18.97 -25.14 -6.92
C GLY A 97 -18.30 -26.35 -6.37
N ALA A 98 -17.48 -26.12 -5.37
CA ALA A 98 -16.76 -27.15 -4.68
C ALA A 98 -16.50 -26.66 -3.27
N PRO A 99 -16.31 -27.56 -2.30
CA PRO A 99 -15.98 -27.15 -0.94
C PRO A 99 -14.55 -26.60 -0.86
N GLY A 100 -14.46 -25.30 -0.92
CA GLY A 100 -13.21 -24.63 -0.89
C GLY A 100 -12.87 -24.09 -2.25
N GLY A 101 -11.61 -23.85 -2.48
CA GLY A 101 -11.17 -23.35 -3.75
C GLY A 101 -9.97 -24.12 -4.18
N SER A 1 24.54 0.60 22.10
CA SER A 1 23.46 1.01 22.96
C SER A 1 22.13 0.72 22.25
N LYS A 2 21.05 0.74 23.01
CA LYS A 2 19.73 0.48 22.48
C LYS A 2 19.26 1.63 21.58
N GLU A 3 19.75 2.84 21.87
CA GLU A 3 19.31 4.09 21.22
C GLU A 3 19.47 4.02 19.69
N GLU A 4 20.63 3.56 19.22
CA GLU A 4 20.88 3.41 17.78
C GLU A 4 19.87 2.44 17.21
N ASP A 5 19.73 1.32 17.88
CA ASP A 5 18.83 0.24 17.49
C ASP A 5 17.37 0.69 17.45
N GLU A 6 17.00 1.57 18.36
CA GLU A 6 15.65 2.12 18.39
C GLU A 6 15.35 2.82 17.06
N LYS A 7 16.24 3.69 16.66
CA LYS A 7 16.03 4.48 15.45
C LYS A 7 16.30 3.68 14.18
N GLU A 8 17.39 2.94 14.15
CA GLU A 8 17.77 2.16 12.99
C GLU A 8 16.75 1.07 12.68
N SER A 9 16.41 0.29 13.68
CA SER A 9 15.52 -0.81 13.46
C SER A 9 14.08 -0.37 13.20
N GLN A 10 13.65 0.74 13.81
CA GLN A 10 12.33 1.25 13.50
C GLN A 10 12.28 1.80 12.09
N ARG A 11 13.42 2.33 11.61
CA ARG A 11 13.49 2.74 10.23
C ARG A 11 13.31 1.53 9.36
N ILE A 12 14.08 0.47 9.63
CA ILE A 12 14.02 -0.80 8.87
C ILE A 12 12.58 -1.33 8.83
N ALA A 13 11.92 -1.28 9.98
CA ALA A 13 10.54 -1.72 10.10
C ALA A 13 9.63 -0.90 9.19
N SER A 14 9.83 0.41 9.20
CA SER A 14 9.07 1.33 8.40
C SER A 14 9.38 1.13 6.90
N LYS A 15 10.67 0.90 6.59
CA LYS A 15 11.14 0.63 5.21
C LYS A 15 10.43 -0.57 4.68
N ASN A 16 10.43 -1.60 5.51
CA ASN A 16 9.84 -2.88 5.21
C ASN A 16 8.36 -2.71 4.89
N GLN A 17 7.66 -1.93 5.72
CA GLN A 17 6.22 -1.69 5.53
C GLN A 17 5.97 -0.87 4.28
N LEU A 18 6.71 0.23 4.13
CA LEU A 18 6.56 1.15 3.00
C LEU A 18 6.74 0.38 1.69
N GLU A 19 7.76 -0.44 1.65
CA GLU A 19 8.07 -1.24 0.50
C GLU A 19 6.97 -2.29 0.27
N SER A 20 6.73 -3.11 1.29
CA SER A 20 5.84 -4.25 1.16
C SER A 20 4.41 -3.82 0.87
N ILE A 21 3.93 -2.79 1.53
CA ILE A 21 2.60 -2.33 1.33
C ILE A 21 2.40 -1.72 -0.06
N ALA A 22 3.44 -1.05 -0.57
CA ALA A 22 3.38 -0.49 -1.93
C ALA A 22 3.24 -1.62 -2.96
N TYR A 23 4.01 -2.69 -2.77
CA TYR A 23 3.90 -3.86 -3.64
C TYR A 23 2.57 -4.56 -3.44
N SER A 24 2.17 -4.71 -2.19
CA SER A 24 0.93 -5.36 -1.82
C SER A 24 -0.26 -4.65 -2.46
N LEU A 25 -0.20 -3.32 -2.48
CA LEU A 25 -1.24 -2.51 -3.09
C LEU A 25 -1.37 -2.88 -4.55
N LYS A 26 -0.25 -2.86 -5.28
CA LYS A 26 -0.26 -3.20 -6.69
C LYS A 26 -0.72 -4.63 -6.90
N ASN A 27 -0.23 -5.54 -6.08
CA ASN A 27 -0.61 -6.95 -6.13
C ASN A 27 -2.11 -7.14 -5.96
N THR A 28 -2.70 -6.41 -5.02
CA THR A 28 -4.12 -6.49 -4.76
C THR A 28 -4.92 -5.99 -5.99
N ILE A 29 -4.42 -4.94 -6.62
CA ILE A 29 -5.08 -4.39 -7.80
C ILE A 29 -4.86 -5.32 -9.00
N SER A 30 -3.72 -5.98 -9.01
CA SER A 30 -3.35 -6.88 -10.06
C SER A 30 -4.28 -8.10 -10.08
N GLU A 31 -4.66 -8.62 -8.92
CA GLU A 31 -5.56 -9.77 -8.87
C GLU A 31 -6.99 -9.30 -9.16
N ALA A 32 -7.24 -8.02 -8.87
CA ALA A 32 -8.50 -7.42 -9.16
C ALA A 32 -8.67 -7.35 -10.66
N GLY A 33 -7.64 -6.88 -11.33
CA GLY A 33 -7.54 -6.88 -12.79
C GLY A 33 -8.73 -6.29 -13.53
N ASP A 34 -9.65 -7.17 -13.90
CA ASP A 34 -10.82 -6.81 -14.70
C ASP A 34 -11.96 -6.30 -13.83
N LYS A 35 -11.89 -6.63 -12.57
CA LYS A 35 -12.93 -6.28 -11.60
C LYS A 35 -12.80 -4.83 -11.16
N LEU A 36 -11.67 -4.24 -11.46
CA LEU A 36 -11.38 -2.89 -11.08
C LEU A 36 -11.05 -2.10 -12.35
N GLU A 37 -11.39 -0.83 -12.37
CA GLU A 37 -11.27 0.00 -13.58
C GLU A 37 -9.83 0.48 -13.81
N GLN A 38 -9.50 0.68 -15.08
CA GLN A 38 -8.16 1.09 -15.52
C GLN A 38 -7.74 2.42 -14.90
N ALA A 39 -8.64 3.39 -14.88
CA ALA A 39 -8.33 4.69 -14.32
C ALA A 39 -8.00 4.59 -12.85
N ASP A 40 -8.77 3.80 -12.11
CA ASP A 40 -8.53 3.62 -10.67
C ASP A 40 -7.22 2.87 -10.49
N LYS A 41 -7.07 1.81 -11.29
CA LYS A 41 -5.90 0.95 -11.30
C LYS A 41 -4.63 1.74 -11.50
N ASP A 42 -4.65 2.62 -12.48
CA ASP A 42 -3.49 3.41 -12.79
C ASP A 42 -3.17 4.39 -11.68
N THR A 43 -4.23 4.96 -11.11
CA THR A 43 -4.08 5.91 -10.03
C THR A 43 -3.32 5.26 -8.85
N VAL A 44 -3.79 4.10 -8.41
CA VAL A 44 -3.18 3.42 -7.29
C VAL A 44 -1.80 2.84 -7.56
N THR A 45 -1.68 2.09 -8.63
CA THR A 45 -0.45 1.43 -8.95
C THR A 45 0.68 2.41 -9.26
N LYS A 46 0.40 3.46 -10.04
CA LYS A 46 1.43 4.43 -10.37
C LYS A 46 1.84 5.18 -9.12
N LYS A 47 0.88 5.46 -8.24
CA LYS A 47 1.17 6.15 -7.00
C LYS A 47 2.06 5.22 -6.14
N ALA A 48 1.83 3.93 -6.23
CA ALA A 48 2.65 2.95 -5.55
C ALA A 48 4.07 2.98 -6.11
N GLU A 49 4.18 3.17 -7.41
CA GLU A 49 5.47 3.29 -8.08
C GLU A 49 6.16 4.59 -7.65
N GLU A 50 5.37 5.67 -7.43
CA GLU A 50 5.90 6.95 -6.96
C GLU A 50 6.50 6.71 -5.58
N THR A 51 5.78 5.89 -4.83
CA THR A 51 6.14 5.52 -3.48
C THR A 51 7.45 4.71 -3.45
N ILE A 52 7.54 3.73 -4.32
CA ILE A 52 8.72 2.87 -4.42
C ILE A 52 9.90 3.69 -4.93
N SER A 53 9.63 4.61 -5.84
CA SER A 53 10.66 5.50 -6.35
C SER A 53 11.17 6.39 -5.21
N TRP A 54 10.25 6.84 -4.34
CA TRP A 54 10.61 7.66 -3.20
C TRP A 54 11.55 6.86 -2.32
N LEU A 55 11.18 5.63 -2.09
CA LEU A 55 11.93 4.70 -1.27
C LEU A 55 13.33 4.46 -1.82
N ASP A 56 13.42 4.32 -3.11
CA ASP A 56 14.66 3.97 -3.74
C ASP A 56 15.59 5.17 -3.83
N SER A 57 15.02 6.36 -3.78
CA SER A 57 15.82 7.56 -3.81
C SER A 57 16.14 8.06 -2.39
N ASN A 58 15.19 7.92 -1.49
CA ASN A 58 15.30 8.50 -0.15
C ASN A 58 15.36 7.42 0.90
N THR A 59 16.04 6.36 0.56
CA THR A 59 16.17 5.16 1.38
C THR A 59 16.76 5.42 2.81
N THR A 60 17.57 6.44 2.97
CA THR A 60 18.20 6.65 4.25
C THR A 60 17.57 7.84 5.01
N ALA A 61 16.34 8.19 4.64
CA ALA A 61 15.59 9.23 5.33
C ALA A 61 15.05 8.70 6.68
N SER A 62 14.44 9.55 7.47
CA SER A 62 13.92 9.13 8.75
C SER A 62 12.59 8.38 8.55
N LYS A 63 12.29 7.49 9.50
CA LYS A 63 11.13 6.58 9.43
C LYS A 63 9.78 7.32 9.29
N GLU A 64 9.70 8.53 9.84
CA GLU A 64 8.47 9.35 9.76
C GLU A 64 8.05 9.54 8.31
N GLU A 65 9.02 9.76 7.45
CA GLU A 65 8.75 10.05 6.04
C GLU A 65 8.20 8.80 5.35
N PHE A 66 8.68 7.66 5.76
CA PHE A 66 8.23 6.43 5.19
C PHE A 66 6.83 6.14 5.65
N ASP A 67 6.59 6.28 6.94
CA ASP A 67 5.29 5.97 7.50
C ASP A 67 4.23 6.99 7.08
N ASP A 68 4.60 8.26 7.03
CA ASP A 68 3.64 9.32 6.69
C ASP A 68 3.16 9.20 5.28
N LYS A 69 4.09 9.00 4.36
CA LYS A 69 3.73 8.85 3.02
C LYS A 69 3.03 7.51 2.76
N LEU A 70 3.30 6.51 3.60
CA LEU A 70 2.56 5.25 3.51
C LEU A 70 1.09 5.49 3.91
N LYS A 71 0.90 6.32 4.93
CA LYS A 71 -0.45 6.66 5.39
C LYS A 71 -1.26 7.35 4.28
N GLU A 72 -0.64 8.30 3.59
CA GLU A 72 -1.31 8.98 2.49
C GLU A 72 -1.39 8.07 1.24
N LEU A 73 -0.47 7.10 1.15
CA LEU A 73 -0.50 6.06 0.11
C LEU A 73 -1.81 5.27 0.26
N GLN A 74 -2.09 4.84 1.49
CA GLN A 74 -3.34 4.14 1.78
C GLN A 74 -4.53 5.04 1.60
N ASP A 75 -4.37 6.29 2.00
CA ASP A 75 -5.45 7.29 1.90
C ASP A 75 -5.93 7.48 0.46
N ILE A 76 -5.00 7.51 -0.47
CA ILE A 76 -5.32 7.65 -1.90
C ILE A 76 -6.00 6.37 -2.44
N ALA A 77 -5.53 5.24 -1.97
CA ALA A 77 -6.04 3.95 -2.43
C ALA A 77 -7.35 3.57 -1.73
N ASN A 78 -7.59 4.20 -0.62
CA ASN A 78 -8.72 3.90 0.26
C ASN A 78 -10.12 4.00 -0.43
N PRO A 79 -10.46 5.11 -1.16
CA PRO A 79 -11.75 5.19 -1.89
C PRO A 79 -11.86 4.11 -2.98
N ILE A 80 -10.74 3.77 -3.57
CA ILE A 80 -10.66 2.76 -4.60
C ILE A 80 -10.81 1.36 -3.97
N MET A 81 -10.46 1.24 -2.71
CA MET A 81 -10.63 0.00 -1.97
C MET A 81 -12.09 -0.25 -1.68
N SER A 82 -12.86 0.82 -1.53
CA SER A 82 -14.30 0.69 -1.36
C SER A 82 -14.88 0.02 -2.63
N LYS A 83 -14.29 0.39 -3.76
CA LYS A 83 -14.66 -0.13 -5.03
C LYS A 83 -14.17 -1.59 -5.19
N LEU A 84 -12.90 -1.84 -4.87
CA LEU A 84 -12.33 -3.18 -5.01
C LEU A 84 -13.10 -4.18 -4.14
N TYR A 85 -13.41 -3.80 -2.93
CA TYR A 85 -14.08 -4.68 -2.01
C TYR A 85 -15.57 -4.87 -2.29
N GLN A 86 -16.17 -4.05 -3.15
CA GLN A 86 -17.57 -4.29 -3.48
C GLN A 86 -17.65 -5.10 -4.77
N ALA A 87 -16.64 -4.94 -5.60
CA ALA A 87 -16.58 -5.64 -6.87
C ALA A 87 -16.06 -7.05 -6.70
N GLY A 88 -15.20 -7.24 -5.72
CA GLY A 88 -14.63 -8.53 -5.47
C GLY A 88 -14.14 -8.58 -4.06
N GLY A 89 -15.06 -8.53 -3.15
CA GLY A 89 -14.71 -8.52 -1.78
C GLY A 89 -15.82 -9.06 -0.91
N ALA A 90 -16.48 -8.17 -0.22
CA ALA A 90 -17.49 -8.54 0.75
C ALA A 90 -18.56 -7.44 0.95
N PRO A 91 -18.19 -6.15 1.25
CA PRO A 91 -19.18 -5.11 1.46
C PRO A 91 -19.66 -4.51 0.15
N GLY A 92 -20.79 -4.96 -0.32
CA GLY A 92 -21.35 -4.46 -1.53
C GLY A 92 -22.31 -5.44 -2.14
N GLY A 93 -23.09 -6.09 -1.32
CA GLY A 93 -24.03 -7.07 -1.81
C GLY A 93 -25.45 -6.63 -1.62
N ALA A 94 -25.63 -5.33 -1.40
CA ALA A 94 -26.93 -4.71 -1.16
C ALA A 94 -27.61 -5.32 0.06
N ALA A 95 -27.22 -4.83 1.21
CA ALA A 95 -27.78 -5.29 2.45
C ALA A 95 -28.97 -4.43 2.81
N GLY A 96 -30.04 -5.06 3.16
CA GLY A 96 -31.25 -4.38 3.51
C GLY A 96 -32.09 -4.11 2.29
N GLY A 97 -33.34 -3.82 2.52
CA GLY A 97 -34.22 -3.52 1.43
C GLY A 97 -34.41 -2.04 1.34
N ALA A 98 -34.28 -1.48 0.16
CA ALA A 98 -34.43 -0.04 0.02
C ALA A 98 -35.90 0.41 -0.01
N PRO A 99 -36.73 -0.02 -1.00
CA PRO A 99 -38.12 0.41 -1.09
C PRO A 99 -39.01 -0.30 -0.06
N GLY A 100 -38.59 -1.46 0.38
CA GLY A 100 -39.35 -2.22 1.34
C GLY A 100 -40.37 -3.10 0.65
N GLY A 101 -39.90 -4.03 -0.13
CA GLY A 101 -40.78 -4.93 -0.84
C GLY A 101 -40.06 -6.20 -1.15
N SER A 1 25.75 1.92 18.67
CA SER A 1 25.39 1.28 19.90
C SER A 1 23.88 1.01 19.93
N LYS A 2 23.32 0.63 21.10
CA LYS A 2 21.95 0.13 21.20
C LYS A 2 20.91 1.22 20.89
N GLU A 3 21.18 2.44 21.26
CA GLU A 3 20.23 3.54 20.99
C GLU A 3 20.12 3.78 19.47
N GLU A 4 21.27 3.72 18.82
CA GLU A 4 21.35 3.84 17.37
C GLU A 4 20.66 2.64 16.73
N ASP A 5 20.83 1.50 17.37
CA ASP A 5 20.23 0.25 16.96
C ASP A 5 18.71 0.34 16.96
N GLU A 6 18.16 0.83 18.05
CA GLU A 6 16.72 0.95 18.21
C GLU A 6 16.11 1.93 17.23
N LYS A 7 16.69 3.11 17.12
CA LYS A 7 16.13 4.13 16.26
C LYS A 7 16.21 3.74 14.79
N GLU A 8 17.30 3.13 14.38
CA GLU A 8 17.45 2.76 12.99
C GLU A 8 16.63 1.54 12.63
N SER A 9 16.44 0.63 13.58
CA SER A 9 15.62 -0.54 13.32
C SER A 9 14.15 -0.12 13.09
N GLN A 10 13.74 0.96 13.76
CA GLN A 10 12.42 1.53 13.53
C GLN A 10 12.33 2.08 12.12
N ARG A 11 13.41 2.73 11.67
CA ARG A 11 13.49 3.23 10.31
C ARG A 11 13.43 2.07 9.31
N ILE A 12 14.15 0.98 9.62
CA ILE A 12 14.14 -0.24 8.78
C ILE A 12 12.71 -0.74 8.66
N ALA A 13 12.05 -0.89 9.80
CA ALA A 13 10.67 -1.38 9.87
C ALA A 13 9.72 -0.45 9.11
N SER A 14 9.96 0.84 9.20
CA SER A 14 9.14 1.81 8.52
C SER A 14 9.29 1.70 7.00
N LYS A 15 10.53 1.55 6.52
CA LYS A 15 10.78 1.37 5.08
C LYS A 15 10.17 0.06 4.64
N ASN A 16 10.41 -0.95 5.44
CA ASN A 16 9.94 -2.32 5.23
C ASN A 16 8.44 -2.35 5.03
N GLN A 17 7.73 -1.71 5.93
CA GLN A 17 6.28 -1.66 5.92
C GLN A 17 5.78 -0.89 4.70
N LEU A 18 6.39 0.27 4.47
CA LEU A 18 6.03 1.16 3.36
C LEU A 18 6.22 0.42 2.02
N GLU A 19 7.32 -0.28 1.91
CA GLU A 19 7.66 -1.09 0.75
C GLU A 19 6.60 -2.18 0.55
N SER A 20 6.35 -2.93 1.61
CA SER A 20 5.45 -4.06 1.58
C SER A 20 4.03 -3.65 1.19
N ILE A 21 3.54 -2.58 1.77
CA ILE A 21 2.21 -2.12 1.49
C ILE A 21 2.08 -1.64 0.03
N ALA A 22 3.15 -1.03 -0.50
CA ALA A 22 3.16 -0.59 -1.88
C ALA A 22 3.02 -1.81 -2.82
N TYR A 23 3.71 -2.90 -2.48
CA TYR A 23 3.60 -4.12 -3.25
C TYR A 23 2.24 -4.74 -3.09
N SER A 24 1.74 -4.77 -1.86
CA SER A 24 0.45 -5.37 -1.55
C SER A 24 -0.68 -4.62 -2.28
N LEU A 25 -0.52 -3.31 -2.43
CA LEU A 25 -1.48 -2.49 -3.17
C LEU A 25 -1.53 -2.97 -4.62
N LYS A 26 -0.38 -3.05 -5.27
CA LYS A 26 -0.32 -3.50 -6.65
C LYS A 26 -0.81 -4.94 -6.75
N ASN A 27 -0.44 -5.74 -5.77
CA ASN A 27 -0.85 -7.14 -5.65
C ASN A 27 -2.36 -7.25 -5.69
N THR A 28 -3.02 -6.47 -4.85
CA THR A 28 -4.47 -6.48 -4.73
C THR A 28 -5.14 -6.21 -6.09
N ILE A 29 -4.64 -5.23 -6.83
CA ILE A 29 -5.22 -4.91 -8.14
C ILE A 29 -4.81 -5.96 -9.19
N SER A 30 -3.60 -6.46 -9.09
CA SER A 30 -3.09 -7.46 -10.01
C SER A 30 -3.89 -8.77 -9.85
N GLU A 31 -4.36 -9.03 -8.64
CA GLU A 31 -5.20 -10.17 -8.38
C GLU A 31 -6.60 -9.92 -8.87
N ALA A 32 -7.06 -8.69 -8.67
CA ALA A 32 -8.38 -8.28 -9.11
C ALA A 32 -8.50 -8.33 -10.62
N GLY A 33 -7.51 -7.77 -11.29
CA GLY A 33 -7.44 -7.73 -12.73
C GLY A 33 -8.60 -6.99 -13.34
N ASP A 34 -9.61 -7.75 -13.69
CA ASP A 34 -10.83 -7.27 -14.34
C ASP A 34 -11.64 -6.33 -13.47
N LYS A 35 -11.58 -6.52 -12.18
CA LYS A 35 -12.48 -5.81 -11.24
C LYS A 35 -12.16 -4.37 -10.92
N LEU A 36 -11.16 -3.79 -11.53
CA LEU A 36 -10.90 -2.39 -11.26
C LEU A 36 -10.74 -1.60 -12.54
N GLU A 37 -11.27 -0.38 -12.53
CA GLU A 37 -11.23 0.51 -13.67
C GLU A 37 -9.80 0.98 -13.95
N GLN A 38 -9.54 1.29 -15.22
CA GLN A 38 -8.23 1.69 -15.74
C GLN A 38 -7.68 2.88 -14.95
N ALA A 39 -8.52 3.90 -14.80
CA ALA A 39 -8.13 5.13 -14.13
C ALA A 39 -7.73 4.89 -12.68
N ASP A 40 -8.51 4.11 -11.95
CA ASP A 40 -8.21 3.84 -10.55
C ASP A 40 -6.98 2.99 -10.42
N LYS A 41 -6.83 2.03 -11.34
CA LYS A 41 -5.66 1.18 -11.36
C LYS A 41 -4.42 2.03 -11.57
N ASP A 42 -4.53 2.99 -12.49
CA ASP A 42 -3.44 3.92 -12.80
C ASP A 42 -3.09 4.71 -11.55
N THR A 43 -4.11 5.16 -10.84
CA THR A 43 -3.92 5.93 -9.63
C THR A 43 -3.11 5.13 -8.58
N VAL A 44 -3.57 3.94 -8.24
CA VAL A 44 -2.92 3.15 -7.18
C VAL A 44 -1.56 2.57 -7.55
N THR A 45 -1.48 1.90 -8.66
CA THR A 45 -0.27 1.20 -9.03
C THR A 45 0.86 2.15 -9.36
N LYS A 46 0.57 3.24 -10.04
CA LYS A 46 1.58 4.19 -10.40
C LYS A 46 2.07 4.91 -9.15
N LYS A 47 1.13 5.20 -8.23
CA LYS A 47 1.50 5.81 -6.97
C LYS A 47 2.35 4.85 -6.17
N ALA A 48 2.03 3.56 -6.26
CA ALA A 48 2.80 2.54 -5.57
C ALA A 48 4.23 2.52 -6.08
N GLU A 49 4.39 2.62 -7.38
CA GLU A 49 5.71 2.69 -7.99
C GLU A 49 6.45 3.95 -7.55
N GLU A 50 5.71 5.05 -7.44
CA GLU A 50 6.25 6.32 -6.97
C GLU A 50 6.65 6.20 -5.51
N THR A 51 5.93 5.37 -4.80
CA THR A 51 6.17 5.14 -3.42
C THR A 51 7.45 4.28 -3.23
N ILE A 52 7.58 3.26 -4.05
CA ILE A 52 8.74 2.37 -4.03
C ILE A 52 10.02 3.14 -4.41
N SER A 53 9.94 3.93 -5.46
CA SER A 53 11.06 4.73 -5.90
C SER A 53 11.40 5.84 -4.88
N TRP A 54 10.38 6.32 -4.17
CA TRP A 54 10.57 7.32 -3.13
C TRP A 54 11.48 6.73 -2.07
N LEU A 55 11.23 5.49 -1.73
CA LEU A 55 12.01 4.75 -0.73
C LEU A 55 13.45 4.58 -1.23
N ASP A 56 13.62 4.38 -2.53
CA ASP A 56 14.95 4.17 -3.11
C ASP A 56 15.74 5.45 -3.13
N SER A 57 15.05 6.55 -3.16
CA SER A 57 15.68 7.83 -3.27
C SER A 57 15.87 8.49 -1.90
N ASN A 58 14.94 8.25 -1.00
CA ASN A 58 14.89 8.89 0.30
C ASN A 58 15.03 7.88 1.40
N THR A 59 15.87 6.90 1.18
CA THR A 59 16.10 5.78 2.09
C THR A 59 16.53 6.21 3.52
N THR A 60 17.12 7.39 3.66
CA THR A 60 17.56 7.87 4.96
C THR A 60 16.56 8.85 5.58
N ALA A 61 15.35 8.90 5.03
CA ALA A 61 14.32 9.78 5.55
C ALA A 61 13.85 9.29 6.90
N SER A 62 13.25 10.15 7.66
CA SER A 62 12.77 9.81 8.96
C SER A 62 11.58 8.84 8.85
N LYS A 63 11.39 8.04 9.87
CA LYS A 63 10.34 7.04 9.88
C LYS A 63 8.96 7.68 9.72
N GLU A 64 8.80 8.88 10.24
CA GLU A 64 7.56 9.63 10.11
C GLU A 64 7.31 10.03 8.66
N GLU A 65 8.38 10.21 7.89
CA GLU A 65 8.27 10.55 6.49
C GLU A 65 7.78 9.35 5.71
N PHE A 66 8.34 8.18 6.02
CA PHE A 66 7.89 6.91 5.43
C PHE A 66 6.46 6.62 5.85
N ASP A 67 6.17 6.87 7.11
CA ASP A 67 4.84 6.70 7.69
C ASP A 67 3.85 7.63 7.03
N ASP A 68 4.29 8.84 6.70
CA ASP A 68 3.43 9.82 6.07
C ASP A 68 3.13 9.42 4.63
N LYS A 69 4.13 8.81 3.97
CA LYS A 69 3.94 8.28 2.63
C LYS A 69 2.98 7.11 2.68
N LEU A 70 3.05 6.37 3.76
CA LEU A 70 2.16 5.25 4.00
C LEU A 70 0.73 5.80 4.21
N LYS A 71 0.64 6.86 5.00
CA LYS A 71 -0.61 7.55 5.30
C LYS A 71 -1.33 7.95 4.02
N GLU A 72 -0.63 8.69 3.16
CA GLU A 72 -1.22 9.13 1.90
C GLU A 72 -1.49 7.95 0.96
N LEU A 73 -0.63 6.93 1.02
CA LEU A 73 -0.81 5.74 0.22
C LEU A 73 -2.15 5.10 0.57
N GLN A 74 -2.44 5.03 1.87
CA GLN A 74 -3.70 4.47 2.34
C GLN A 74 -4.86 5.37 2.01
N ASP A 75 -4.64 6.68 2.12
CA ASP A 75 -5.68 7.70 1.85
C ASP A 75 -6.16 7.59 0.40
N ILE A 76 -5.23 7.35 -0.50
CA ILE A 76 -5.54 7.20 -1.91
C ILE A 76 -6.09 5.79 -2.21
N ALA A 77 -5.48 4.79 -1.59
CA ALA A 77 -5.83 3.41 -1.85
C ALA A 77 -7.18 2.99 -1.29
N ASN A 78 -7.52 3.45 -0.09
CA ASN A 78 -8.75 3.04 0.62
C ASN A 78 -10.05 3.13 -0.22
N PRO A 79 -10.39 4.29 -0.86
CA PRO A 79 -11.61 4.38 -1.69
C PRO A 79 -11.57 3.39 -2.85
N ILE A 80 -10.39 3.24 -3.42
CA ILE A 80 -10.17 2.36 -4.53
C ILE A 80 -10.29 0.89 -4.09
N MET A 81 -9.83 0.59 -2.88
CA MET A 81 -9.98 -0.75 -2.30
C MET A 81 -11.46 -1.05 -2.14
N SER A 82 -12.18 -0.07 -1.63
CA SER A 82 -13.58 -0.20 -1.35
C SER A 82 -14.37 -0.49 -2.64
N LYS A 83 -14.07 0.24 -3.70
CA LYS A 83 -14.78 0.04 -4.94
C LYS A 83 -14.42 -1.28 -5.59
N LEU A 84 -13.18 -1.71 -5.38
CA LEU A 84 -12.72 -2.97 -5.93
C LEU A 84 -13.52 -4.11 -5.28
N TYR A 85 -13.54 -4.13 -3.96
CA TYR A 85 -14.20 -5.19 -3.22
C TYR A 85 -15.70 -5.26 -3.46
N GLN A 86 -16.39 -4.12 -3.41
CA GLN A 86 -17.85 -4.11 -3.60
C GLN A 86 -18.26 -4.56 -5.01
N ALA A 87 -17.42 -4.24 -5.99
CA ALA A 87 -17.70 -4.62 -7.37
C ALA A 87 -17.56 -6.12 -7.56
N GLY A 88 -16.36 -6.62 -7.41
CA GLY A 88 -16.13 -8.03 -7.62
C GLY A 88 -14.89 -8.52 -6.95
N GLY A 89 -14.41 -7.75 -6.01
CA GLY A 89 -13.23 -8.14 -5.30
C GLY A 89 -13.56 -9.07 -4.17
N ALA A 90 -14.77 -8.95 -3.69
CA ALA A 90 -15.24 -9.82 -2.64
C ALA A 90 -16.22 -10.90 -3.17
N PRO A 91 -17.29 -10.54 -3.96
CA PRO A 91 -18.21 -11.55 -4.51
C PRO A 91 -17.55 -12.40 -5.59
N GLY A 92 -18.20 -13.48 -5.94
CA GLY A 92 -17.69 -14.38 -6.93
C GLY A 92 -16.78 -15.40 -6.31
N GLY A 93 -15.57 -15.00 -6.06
CA GLY A 93 -14.58 -15.89 -5.50
C GLY A 93 -13.54 -16.21 -6.53
N ALA A 94 -12.39 -16.66 -6.09
CA ALA A 94 -11.31 -16.95 -7.00
C ALA A 94 -10.57 -18.20 -6.56
N ALA A 95 -10.95 -19.33 -7.13
CA ALA A 95 -10.35 -20.61 -6.81
C ALA A 95 -10.78 -21.65 -7.82
N GLY A 96 -12.06 -21.71 -8.04
CA GLY A 96 -12.63 -22.65 -8.92
C GLY A 96 -13.74 -23.38 -8.23
N GLY A 97 -14.83 -23.52 -8.90
CA GLY A 97 -15.98 -24.18 -8.34
C GLY A 97 -17.24 -23.64 -8.96
N ALA A 98 -17.22 -23.52 -10.25
CA ALA A 98 -18.35 -23.01 -10.98
C ALA A 98 -18.91 -24.11 -11.87
N PRO A 99 -20.10 -24.64 -11.54
CA PRO A 99 -20.75 -25.68 -12.35
C PRO A 99 -21.25 -25.12 -13.68
N GLY A 100 -21.54 -23.84 -13.69
CA GLY A 100 -21.99 -23.19 -14.87
C GLY A 100 -21.10 -22.03 -15.24
N GLY A 101 -20.93 -21.11 -14.31
CA GLY A 101 -20.10 -19.96 -14.54
C GLY A 101 -20.50 -18.83 -13.62
N SER A 1 25.57 4.00 19.92
CA SER A 1 24.58 4.35 20.91
C SER A 1 23.24 3.70 20.53
N LYS A 2 22.44 3.31 21.52
CA LYS A 2 21.18 2.63 21.27
C LYS A 2 20.15 3.40 20.50
N GLU A 3 20.13 4.74 20.62
CA GLU A 3 19.16 5.51 19.83
C GLU A 3 19.38 5.25 18.35
N GLU A 4 20.64 5.10 17.98
CA GLU A 4 21.04 4.85 16.60
C GLU A 4 20.57 3.46 16.20
N ASP A 5 20.85 2.51 17.07
CA ASP A 5 20.48 1.10 16.91
C ASP A 5 18.98 0.95 16.70
N GLU A 6 18.25 1.60 17.56
CA GLU A 6 16.85 1.62 17.55
C GLU A 6 16.32 2.28 16.28
N LYS A 7 16.82 3.48 15.98
CA LYS A 7 16.40 4.27 14.86
C LYS A 7 16.57 3.50 13.55
N GLU A 8 17.72 2.85 13.38
CA GLU A 8 17.97 2.06 12.17
C GLU A 8 17.00 0.88 12.12
N SER A 9 16.84 0.19 13.25
CA SER A 9 15.98 -0.98 13.33
C SER A 9 14.52 -0.62 13.03
N GLN A 10 14.07 0.52 13.55
CA GLN A 10 12.71 0.98 13.33
C GLN A 10 12.52 1.36 11.87
N ARG A 11 13.56 1.91 11.27
CA ARG A 11 13.52 2.28 9.87
C ARG A 11 13.37 1.03 9.00
N ILE A 12 14.09 -0.03 9.33
CA ILE A 12 14.00 -1.29 8.57
C ILE A 12 12.56 -1.76 8.56
N ALA A 13 11.97 -1.75 9.74
CA ALA A 13 10.62 -2.22 9.93
C ALA A 13 9.62 -1.36 9.14
N SER A 14 9.75 -0.05 9.27
CA SER A 14 8.86 0.86 8.58
C SER A 14 9.04 0.80 7.06
N LYS A 15 10.29 0.71 6.60
CA LYS A 15 10.57 0.55 5.17
C LYS A 15 9.98 -0.72 4.65
N ASN A 16 10.16 -1.78 5.41
CA ASN A 16 9.66 -3.09 5.04
C ASN A 16 8.17 -3.04 4.80
N GLN A 17 7.45 -2.50 5.77
CA GLN A 17 6.00 -2.41 5.71
C GLN A 17 5.56 -1.48 4.57
N LEU A 18 6.16 -0.31 4.49
CA LEU A 18 5.81 0.70 3.47
C LEU A 18 5.97 0.11 2.07
N GLU A 19 7.09 -0.53 1.85
CA GLU A 19 7.39 -1.11 0.56
C GLU A 19 6.51 -2.34 0.27
N SER A 20 6.33 -3.19 1.27
CA SER A 20 5.50 -4.40 1.12
C SER A 20 4.03 -4.06 0.84
N ILE A 21 3.51 -3.03 1.50
CA ILE A 21 2.14 -2.61 1.26
C ILE A 21 2.01 -2.04 -0.15
N ALA A 22 3.03 -1.30 -0.58
CA ALA A 22 3.04 -0.75 -1.93
C ALA A 22 3.03 -1.91 -2.97
N TYR A 23 3.82 -2.96 -2.70
CA TYR A 23 3.79 -4.15 -3.57
C TYR A 23 2.43 -4.80 -3.54
N SER A 24 1.87 -4.97 -2.35
CA SER A 24 0.58 -5.62 -2.18
C SER A 24 -0.52 -4.87 -2.92
N LEU A 25 -0.48 -3.53 -2.86
CA LEU A 25 -1.43 -2.70 -3.56
C LEU A 25 -1.35 -3.01 -5.04
N LYS A 26 -0.14 -2.96 -5.59
CA LYS A 26 0.07 -3.20 -7.01
C LYS A 26 -0.44 -4.56 -7.42
N ASN A 27 -0.07 -5.58 -6.65
CA ASN A 27 -0.44 -6.95 -6.97
C ASN A 27 -1.95 -7.12 -6.94
N THR A 28 -2.60 -6.48 -5.97
CA THR A 28 -4.04 -6.54 -5.83
C THR A 28 -4.71 -5.91 -7.06
N ILE A 29 -4.23 -4.76 -7.48
CA ILE A 29 -4.85 -4.05 -8.59
C ILE A 29 -4.56 -4.79 -9.91
N SER A 30 -3.46 -5.51 -9.95
CA SER A 30 -3.10 -6.27 -11.11
C SER A 30 -4.03 -7.49 -11.26
N GLU A 31 -4.25 -8.19 -10.15
CA GLU A 31 -5.07 -9.39 -10.17
C GLU A 31 -6.57 -9.06 -10.28
N ALA A 32 -6.96 -7.94 -9.68
CA ALA A 32 -8.34 -7.49 -9.63
C ALA A 32 -8.67 -6.55 -10.79
N GLY A 33 -7.69 -6.30 -11.64
CA GLY A 33 -7.82 -5.34 -12.77
C GLY A 33 -9.01 -5.58 -13.70
N ASP A 34 -9.62 -6.75 -13.62
CA ASP A 34 -10.81 -7.07 -14.39
C ASP A 34 -12.02 -6.33 -13.81
N LYS A 35 -11.94 -6.02 -12.54
CA LYS A 35 -13.01 -5.34 -11.82
C LYS A 35 -12.75 -3.83 -11.81
N LEU A 36 -11.50 -3.47 -11.69
CA LEU A 36 -11.10 -2.07 -11.58
C LEU A 36 -10.95 -1.45 -12.95
N GLU A 37 -10.99 -0.14 -12.98
CA GLU A 37 -11.00 0.59 -14.23
C GLU A 37 -9.62 1.17 -14.48
N GLN A 38 -9.28 1.37 -15.74
CA GLN A 38 -7.90 1.67 -16.15
C GLN A 38 -7.27 2.88 -15.44
N ALA A 39 -7.98 4.00 -15.37
CA ALA A 39 -7.40 5.22 -14.80
C ALA A 39 -7.14 5.06 -13.31
N ASP A 40 -8.12 4.53 -12.59
CA ASP A 40 -7.96 4.29 -11.16
C ASP A 40 -6.94 3.20 -10.88
N LYS A 41 -6.97 2.16 -11.70
CA LYS A 41 -6.02 1.06 -11.67
C LYS A 41 -4.58 1.59 -11.78
N ASP A 42 -4.38 2.46 -12.75
CA ASP A 42 -3.07 3.04 -13.02
C ASP A 42 -2.66 3.98 -11.90
N THR A 43 -3.64 4.72 -11.39
CA THR A 43 -3.39 5.66 -10.31
C THR A 43 -2.82 4.94 -9.07
N VAL A 44 -3.51 3.91 -8.59
CA VAL A 44 -3.04 3.18 -7.40
C VAL A 44 -1.71 2.48 -7.60
N THR A 45 -1.57 1.79 -8.70
CA THR A 45 -0.36 1.08 -8.98
C THR A 45 0.85 2.02 -9.09
N LYS A 46 0.73 3.07 -9.88
CA LYS A 46 1.81 4.02 -10.00
C LYS A 46 2.04 4.80 -8.73
N LYS A 47 0.98 5.02 -7.96
CA LYS A 47 1.12 5.62 -6.64
C LYS A 47 1.99 4.76 -5.78
N ALA A 48 1.87 3.46 -5.92
CA ALA A 48 2.65 2.54 -5.14
C ALA A 48 4.09 2.56 -5.59
N GLU A 49 4.31 2.64 -6.88
CA GLU A 49 5.65 2.68 -7.41
C GLU A 49 6.33 3.99 -7.07
N GLU A 50 5.56 5.07 -7.01
CA GLU A 50 6.08 6.35 -6.57
C GLU A 50 6.39 6.31 -5.10
N THR A 51 5.65 5.51 -4.37
CA THR A 51 5.88 5.34 -2.97
C THR A 51 7.18 4.54 -2.74
N ILE A 52 7.37 3.49 -3.54
CA ILE A 52 8.57 2.68 -3.51
C ILE A 52 9.79 3.53 -3.93
N SER A 53 9.59 4.36 -4.95
CA SER A 53 10.61 5.27 -5.43
C SER A 53 10.95 6.32 -4.38
N TRP A 54 9.93 6.80 -3.65
CA TRP A 54 10.15 7.77 -2.58
C TRP A 54 11.10 7.18 -1.56
N LEU A 55 10.80 5.96 -1.14
CA LEU A 55 11.61 5.24 -0.17
C LEU A 55 13.02 4.97 -0.71
N ASP A 56 13.11 4.83 -2.00
CA ASP A 56 14.37 4.53 -2.67
C ASP A 56 15.28 5.76 -2.68
N SER A 57 14.68 6.92 -2.72
CA SER A 57 15.44 8.14 -2.77
C SER A 57 15.54 8.81 -1.37
N ASN A 58 14.70 8.38 -0.46
CA ASN A 58 14.61 8.96 0.90
C ASN A 58 14.79 7.88 1.92
N THR A 59 15.67 6.97 1.60
CA THR A 59 15.97 5.82 2.40
C THR A 59 16.43 6.18 3.84
N THR A 60 17.00 7.36 3.99
CA THR A 60 17.50 7.80 5.27
C THR A 60 16.47 8.60 6.08
N ALA A 61 15.21 8.58 5.67
CA ALA A 61 14.16 9.27 6.41
C ALA A 61 13.86 8.52 7.72
N SER A 62 13.22 9.16 8.64
CA SER A 62 12.90 8.54 9.91
C SER A 62 11.63 7.66 9.78
N LYS A 63 11.41 6.77 10.77
CA LYS A 63 10.29 5.79 10.77
C LYS A 63 8.93 6.47 10.53
N GLU A 64 8.75 7.62 11.15
CA GLU A 64 7.50 8.35 11.06
C GLU A 64 7.26 8.92 9.68
N GLU A 65 8.33 9.23 8.98
CA GLU A 65 8.24 9.79 7.64
C GLU A 65 7.74 8.72 6.68
N PHE A 66 8.20 7.48 6.88
CA PHE A 66 7.73 6.35 6.07
C PHE A 66 6.28 6.05 6.43
N ASP A 67 5.98 6.17 7.71
CA ASP A 67 4.62 5.94 8.21
C ASP A 67 3.64 6.97 7.63
N ASP A 68 4.08 8.20 7.48
CA ASP A 68 3.25 9.23 6.84
C ASP A 68 2.96 8.90 5.41
N LYS A 69 3.99 8.43 4.70
CA LYS A 69 3.83 8.01 3.32
C LYS A 69 2.89 6.84 3.19
N LEU A 70 2.94 5.93 4.15
CA LEU A 70 2.06 4.77 4.18
C LEU A 70 0.61 5.23 4.29
N LYS A 71 0.38 6.16 5.19
CA LYS A 71 -0.96 6.65 5.44
C LYS A 71 -1.52 7.39 4.25
N GLU A 72 -0.71 8.24 3.59
CA GLU A 72 -1.19 8.95 2.41
C GLU A 72 -1.37 8.02 1.21
N LEU A 73 -0.54 6.98 1.14
CA LEU A 73 -0.66 6.01 0.08
C LEU A 73 -2.01 5.29 0.22
N GLN A 74 -2.35 4.92 1.45
CA GLN A 74 -3.64 4.33 1.73
C GLN A 74 -4.76 5.35 1.56
N ASP A 75 -4.47 6.61 1.84
CA ASP A 75 -5.44 7.70 1.69
C ASP A 75 -5.90 7.81 0.24
N ILE A 76 -4.95 7.89 -0.66
CA ILE A 76 -5.24 8.01 -2.09
C ILE A 76 -5.89 6.73 -2.62
N ALA A 77 -5.40 5.60 -2.15
CA ALA A 77 -5.89 4.31 -2.61
C ALA A 77 -7.30 4.01 -2.12
N ASN A 78 -7.66 4.59 -0.97
CA ASN A 78 -8.97 4.36 -0.29
C ASN A 78 -10.20 4.32 -1.24
N PRO A 79 -10.51 5.39 -2.04
CA PRO A 79 -11.67 5.36 -2.94
C PRO A 79 -11.58 4.26 -4.02
N ILE A 80 -10.39 4.00 -4.47
CA ILE A 80 -10.15 2.99 -5.51
C ILE A 80 -10.27 1.58 -4.92
N MET A 81 -9.73 1.41 -3.73
CA MET A 81 -9.83 0.14 -3.04
C MET A 81 -11.25 -0.11 -2.64
N SER A 82 -12.02 0.95 -2.50
CA SER A 82 -13.42 0.84 -2.19
C SER A 82 -14.15 0.17 -3.36
N LYS A 83 -13.67 0.41 -4.60
CA LYS A 83 -14.26 -0.26 -5.74
C LYS A 83 -13.99 -1.74 -5.61
N LEU A 84 -12.77 -2.06 -5.24
CA LEU A 84 -12.36 -3.44 -5.02
C LEU A 84 -13.20 -4.09 -3.89
N TYR A 85 -13.32 -3.41 -2.77
CA TYR A 85 -14.04 -3.93 -1.64
C TYR A 85 -15.55 -4.04 -1.88
N GLN A 86 -16.14 -3.08 -2.56
CA GLN A 86 -17.57 -3.18 -2.86
C GLN A 86 -17.85 -4.28 -3.89
N ALA A 87 -16.83 -4.63 -4.65
CA ALA A 87 -16.94 -5.69 -5.62
C ALA A 87 -16.93 -7.04 -4.93
N GLY A 88 -15.93 -7.29 -4.11
CA GLY A 88 -15.84 -8.56 -3.45
C GLY A 88 -14.85 -8.54 -2.32
N GLY A 89 -15.02 -7.59 -1.44
CA GLY A 89 -14.11 -7.47 -0.35
C GLY A 89 -14.77 -7.10 0.97
N ALA A 90 -15.63 -6.09 0.92
CA ALA A 90 -16.30 -5.56 2.12
C ALA A 90 -17.20 -6.60 2.84
N PRO A 91 -18.13 -7.32 2.14
CA PRO A 91 -18.98 -8.34 2.80
C PRO A 91 -18.20 -9.63 3.13
N GLY A 92 -16.91 -9.59 2.88
CA GLY A 92 -16.07 -10.70 3.22
C GLY A 92 -15.82 -11.64 2.07
N GLY A 93 -16.27 -12.84 2.23
CA GLY A 93 -16.03 -13.89 1.27
C GLY A 93 -16.04 -15.20 2.00
N ALA A 94 -15.47 -15.16 3.18
CA ALA A 94 -15.45 -16.26 4.09
C ALA A 94 -15.99 -15.73 5.40
N ALA A 95 -16.71 -16.58 6.13
CA ALA A 95 -17.37 -16.20 7.38
C ALA A 95 -18.41 -15.11 7.14
N GLY A 96 -19.53 -15.51 6.60
CA GLY A 96 -20.56 -14.59 6.28
C GLY A 96 -21.69 -14.69 7.25
N GLY A 97 -21.78 -13.75 8.14
CA GLY A 97 -22.84 -13.76 9.10
C GLY A 97 -22.80 -12.54 9.95
N ALA A 98 -23.87 -12.28 10.62
CA ALA A 98 -23.97 -11.16 11.51
C ALA A 98 -23.53 -11.61 12.90
N PRO A 99 -22.70 -10.83 13.60
CA PRO A 99 -22.27 -11.17 14.95
C PRO A 99 -23.45 -11.20 15.92
N GLY A 100 -23.34 -11.99 16.93
CA GLY A 100 -24.40 -12.10 17.89
C GLY A 100 -23.87 -12.28 19.28
N GLY A 101 -23.54 -11.19 19.89
CA GLY A 101 -23.03 -11.20 21.23
C GLY A 101 -23.26 -9.86 21.83
N SER A 1 24.60 3.13 18.47
CA SER A 1 24.45 2.43 19.71
C SER A 1 22.97 2.08 19.86
N LYS A 2 22.47 1.95 21.11
CA LYS A 2 21.08 1.58 21.36
C LYS A 2 20.09 2.49 20.62
N GLU A 3 20.39 3.78 20.61
CA GLU A 3 19.51 4.77 20.01
C GLU A 3 19.41 4.62 18.50
N GLU A 4 20.55 4.56 17.83
CA GLU A 4 20.60 4.46 16.38
C GLU A 4 20.05 3.11 15.94
N ASP A 5 20.31 2.10 16.75
CA ASP A 5 19.81 0.77 16.52
C ASP A 5 18.29 0.76 16.51
N GLU A 6 17.70 1.41 17.49
CA GLU A 6 16.26 1.51 17.58
C GLU A 6 15.70 2.33 16.43
N LYS A 7 16.36 3.46 16.15
CA LYS A 7 15.93 4.32 15.06
C LYS A 7 15.91 3.56 13.75
N GLU A 8 17.02 2.89 13.43
CA GLU A 8 17.10 2.10 12.21
C GLU A 8 16.11 0.96 12.20
N SER A 9 15.95 0.23 13.28
CA SER A 9 15.03 -0.91 13.30
C SER A 9 13.58 -0.49 13.04
N GLN A 10 13.15 0.59 13.68
CA GLN A 10 11.80 1.11 13.49
C GLN A 10 11.65 1.70 12.09
N ARG A 11 12.71 2.33 11.65
CA ARG A 11 12.81 2.94 10.36
C ARG A 11 12.66 1.88 9.29
N ILE A 12 13.43 0.78 9.42
CA ILE A 12 13.39 -0.36 8.49
C ILE A 12 12.00 -0.90 8.40
N ALA A 13 11.36 -1.02 9.53
CA ALA A 13 10.04 -1.56 9.57
C ALA A 13 9.07 -0.68 8.77
N SER A 14 9.18 0.62 8.93
CA SER A 14 8.37 1.56 8.18
C SER A 14 8.75 1.59 6.68
N LYS A 15 10.05 1.47 6.39
CA LYS A 15 10.52 1.40 4.99
C LYS A 15 9.87 0.19 4.34
N ASN A 16 10.01 -0.93 5.02
CA ASN A 16 9.50 -2.20 4.56
C ASN A 16 7.98 -2.17 4.51
N GLN A 17 7.37 -1.44 5.42
CA GLN A 17 5.92 -1.33 5.50
C GLN A 17 5.35 -0.67 4.25
N LEU A 18 5.91 0.46 3.84
CA LEU A 18 5.41 1.12 2.65
C LEU A 18 5.73 0.33 1.39
N GLU A 19 6.85 -0.36 1.42
CA GLU A 19 7.25 -1.22 0.33
C GLU A 19 6.25 -2.36 0.16
N SER A 20 5.95 -3.03 1.26
CA SER A 20 5.08 -4.17 1.26
C SER A 20 3.67 -3.77 0.84
N ILE A 21 3.18 -2.70 1.40
CA ILE A 21 1.88 -2.19 1.07
C ILE A 21 1.82 -1.74 -0.40
N ALA A 22 2.91 -1.17 -0.91
CA ALA A 22 2.97 -0.78 -2.32
C ALA A 22 2.80 -2.00 -3.21
N TYR A 23 3.56 -3.07 -2.92
CA TYR A 23 3.45 -4.30 -3.68
C TYR A 23 2.08 -4.92 -3.51
N SER A 24 1.57 -4.92 -2.29
CA SER A 24 0.28 -5.49 -2.01
C SER A 24 -0.82 -4.75 -2.77
N LEU A 25 -0.74 -3.43 -2.82
CA LEU A 25 -1.71 -2.60 -3.52
C LEU A 25 -1.73 -2.97 -5.00
N LYS A 26 -0.54 -3.00 -5.60
CA LYS A 26 -0.38 -3.36 -7.01
C LYS A 26 -0.98 -4.73 -7.29
N ASN A 27 -0.65 -5.69 -6.46
CA ASN A 27 -1.13 -7.06 -6.65
C ASN A 27 -2.61 -7.20 -6.36
N THR A 28 -3.13 -6.43 -5.42
CA THR A 28 -4.54 -6.48 -5.07
C THR A 28 -5.42 -6.05 -6.26
N ILE A 29 -5.04 -4.96 -6.93
CA ILE A 29 -5.80 -4.55 -8.10
C ILE A 29 -5.59 -5.55 -9.24
N SER A 30 -4.46 -6.21 -9.23
CA SER A 30 -4.16 -7.24 -10.21
C SER A 30 -5.01 -8.52 -9.97
N GLU A 31 -5.67 -8.59 -8.81
CA GLU A 31 -6.58 -9.70 -8.51
C GLU A 31 -7.98 -9.34 -8.98
N ALA A 32 -8.16 -8.08 -9.31
CA ALA A 32 -9.40 -7.61 -9.87
C ALA A 32 -9.28 -7.61 -11.37
N GLY A 33 -8.14 -7.15 -11.84
CA GLY A 33 -7.88 -7.13 -13.24
C GLY A 33 -8.71 -6.08 -13.94
N ASP A 34 -9.60 -6.52 -14.78
CA ASP A 34 -10.44 -5.61 -15.53
C ASP A 34 -11.67 -5.22 -14.72
N LYS A 35 -11.87 -5.92 -13.62
CA LYS A 35 -13.02 -5.69 -12.74
C LYS A 35 -12.90 -4.34 -12.01
N LEU A 36 -11.75 -3.72 -12.10
CA LEU A 36 -11.53 -2.46 -11.47
C LEU A 36 -11.08 -1.46 -12.54
N GLU A 37 -11.56 -0.24 -12.41
CA GLU A 37 -11.37 0.85 -13.38
C GLU A 37 -9.90 1.12 -13.71
N GLN A 38 -9.67 1.45 -14.97
CA GLN A 38 -8.33 1.72 -15.50
C GLN A 38 -7.69 2.91 -14.81
N ALA A 39 -8.45 3.98 -14.65
CA ALA A 39 -7.94 5.19 -14.04
C ALA A 39 -7.55 4.95 -12.59
N ASP A 40 -8.42 4.26 -11.87
CA ASP A 40 -8.17 3.90 -10.48
C ASP A 40 -6.95 3.00 -10.38
N LYS A 41 -6.91 1.99 -11.26
CA LYS A 41 -5.81 1.03 -11.35
C LYS A 41 -4.49 1.75 -11.53
N ASP A 42 -4.46 2.69 -12.42
CA ASP A 42 -3.24 3.43 -12.72
C ASP A 42 -2.85 4.29 -11.55
N THR A 43 -3.82 4.99 -10.98
CA THR A 43 -3.55 5.90 -9.89
C THR A 43 -2.90 5.18 -8.69
N VAL A 44 -3.46 4.04 -8.29
CA VAL A 44 -2.92 3.30 -7.17
C VAL A 44 -1.55 2.71 -7.43
N THR A 45 -1.41 2.04 -8.53
CA THR A 45 -0.16 1.45 -8.90
C THR A 45 0.92 2.51 -9.10
N LYS A 46 0.54 3.63 -9.70
CA LYS A 46 1.43 4.79 -9.85
C LYS A 46 1.96 5.22 -8.51
N LYS A 47 1.04 5.43 -7.56
CA LYS A 47 1.39 5.82 -6.20
C LYS A 47 2.32 4.80 -5.58
N ALA A 48 2.06 3.56 -5.86
CA ALA A 48 2.85 2.45 -5.34
C ALA A 48 4.25 2.48 -5.93
N GLU A 49 4.34 2.67 -7.23
CA GLU A 49 5.62 2.75 -7.93
C GLU A 49 6.43 3.93 -7.43
N GLU A 50 5.75 5.04 -7.18
CA GLU A 50 6.39 6.23 -6.65
C GLU A 50 6.85 5.99 -5.22
N THR A 51 6.10 5.14 -4.52
CA THR A 51 6.43 4.79 -3.16
C THR A 51 7.72 3.93 -3.12
N ILE A 52 7.86 3.07 -4.12
CA ILE A 52 9.04 2.22 -4.27
C ILE A 52 10.29 3.09 -4.44
N SER A 53 10.22 3.99 -5.40
CA SER A 53 11.31 4.89 -5.69
C SER A 53 11.54 5.91 -4.56
N TRP A 54 10.46 6.28 -3.83
CA TRP A 54 10.57 7.18 -2.70
C TRP A 54 11.52 6.58 -1.67
N LEU A 55 11.28 5.32 -1.32
CA LEU A 55 12.09 4.61 -0.32
C LEU A 55 13.56 4.56 -0.78
N ASP A 56 13.73 4.27 -2.05
CA ASP A 56 15.05 4.08 -2.65
C ASP A 56 15.81 5.40 -2.75
N SER A 57 15.09 6.49 -2.76
CA SER A 57 15.71 7.78 -2.89
C SER A 57 15.65 8.59 -1.57
N ASN A 58 14.99 8.04 -0.57
CA ASN A 58 14.81 8.72 0.72
C ASN A 58 15.09 7.76 1.84
N THR A 59 16.03 6.88 1.61
CA THR A 59 16.42 5.84 2.55
C THR A 59 16.91 6.45 3.89
N THR A 60 17.40 7.68 3.82
CA THR A 60 17.89 8.39 4.97
C THR A 60 16.80 9.15 5.74
N ALA A 61 15.55 9.05 5.29
CA ALA A 61 14.44 9.71 5.98
C ALA A 61 14.18 9.04 7.33
N SER A 62 13.49 9.72 8.20
CA SER A 62 13.20 9.17 9.51
C SER A 62 11.98 8.25 9.40
N LYS A 63 11.70 7.43 10.42
CA LYS A 63 10.63 6.44 10.31
C LYS A 63 9.27 7.08 10.15
N GLU A 64 9.09 8.23 10.77
CA GLU A 64 7.85 9.00 10.69
C GLU A 64 7.55 9.40 9.24
N GLU A 65 8.60 9.58 8.46
CA GLU A 65 8.45 9.96 7.08
C GLU A 65 8.01 8.77 6.24
N PHE A 66 8.57 7.61 6.55
CA PHE A 66 8.15 6.37 5.89
C PHE A 66 6.71 6.04 6.34
N ASP A 67 6.42 6.29 7.61
CA ASP A 67 5.09 6.10 8.16
C ASP A 67 4.08 7.03 7.52
N ASP A 68 4.48 8.27 7.29
CA ASP A 68 3.60 9.26 6.65
C ASP A 68 3.32 8.85 5.22
N LYS A 69 4.36 8.42 4.53
CA LYS A 69 4.22 7.94 3.17
C LYS A 69 3.30 6.73 3.08
N LEU A 70 3.37 5.87 4.07
CA LEU A 70 2.46 4.73 4.16
C LEU A 70 1.02 5.25 4.29
N LYS A 71 0.84 6.20 5.18
CA LYS A 71 -0.47 6.74 5.48
C LYS A 71 -1.07 7.51 4.31
N GLU A 72 -0.24 8.20 3.52
CA GLU A 72 -0.74 8.92 2.36
C GLU A 72 -1.09 7.94 1.25
N LEU A 73 -0.35 6.86 1.17
CA LEU A 73 -0.57 5.81 0.20
C LEU A 73 -1.94 5.18 0.46
N GLN A 74 -2.19 4.85 1.71
CA GLN A 74 -3.47 4.27 2.13
C GLN A 74 -4.61 5.26 1.97
N ASP A 75 -4.30 6.53 2.14
CA ASP A 75 -5.29 7.61 2.02
C ASP A 75 -5.74 7.77 0.58
N ILE A 76 -4.78 7.89 -0.32
CA ILE A 76 -5.06 8.07 -1.74
C ILE A 76 -5.74 6.82 -2.33
N ALA A 77 -5.28 5.66 -1.89
CA ALA A 77 -5.79 4.40 -2.40
C ALA A 77 -7.12 4.02 -1.79
N ASN A 78 -7.54 4.71 -0.75
CA ASN A 78 -8.78 4.40 -0.01
C ASN A 78 -10.03 4.23 -0.90
N PRO A 79 -10.42 5.25 -1.72
CA PRO A 79 -11.60 5.13 -2.61
C PRO A 79 -11.47 3.94 -3.58
N ILE A 80 -10.25 3.65 -4.00
CA ILE A 80 -9.99 2.55 -4.92
C ILE A 80 -10.14 1.22 -4.19
N MET A 81 -9.63 1.16 -2.96
CA MET A 81 -9.76 -0.01 -2.11
C MET A 81 -11.23 -0.30 -1.86
N SER A 82 -11.99 0.75 -1.70
CA SER A 82 -13.40 0.66 -1.45
C SER A 82 -14.09 -0.01 -2.66
N LYS A 83 -13.63 0.32 -3.86
CA LYS A 83 -14.16 -0.29 -5.08
C LYS A 83 -13.72 -1.74 -5.17
N LEU A 84 -12.52 -1.99 -4.71
CA LEU A 84 -11.94 -3.32 -4.72
C LEU A 84 -12.74 -4.26 -3.84
N TYR A 85 -13.00 -3.85 -2.61
CA TYR A 85 -13.70 -4.71 -1.64
C TYR A 85 -15.18 -4.97 -2.00
N GLN A 86 -15.68 -4.33 -3.04
CA GLN A 86 -17.04 -4.56 -3.48
C GLN A 86 -17.07 -5.31 -4.83
N ALA A 87 -16.05 -5.11 -5.64
CA ALA A 87 -15.94 -5.78 -6.93
C ALA A 87 -15.28 -7.15 -6.76
N GLY A 88 -14.38 -7.23 -5.83
CA GLY A 88 -13.69 -8.45 -5.53
C GLY A 88 -13.85 -8.69 -4.08
N GLY A 89 -15.09 -8.67 -3.69
CA GLY A 89 -15.43 -8.73 -2.33
C GLY A 89 -15.36 -10.12 -1.76
N ALA A 90 -14.64 -10.25 -0.70
CA ALA A 90 -14.52 -11.49 0.01
C ALA A 90 -15.10 -11.29 1.40
N PRO A 91 -16.38 -11.68 1.60
CA PRO A 91 -17.07 -11.51 2.87
C PRO A 91 -16.48 -12.38 3.96
N GLY A 92 -15.77 -11.76 4.85
CA GLY A 92 -15.16 -12.46 5.95
C GLY A 92 -15.03 -11.57 7.14
N GLY A 93 -15.79 -10.51 7.15
CA GLY A 93 -15.73 -9.55 8.22
C GLY A 93 -16.41 -10.06 9.46
N ALA A 94 -17.48 -10.82 9.27
CA ALA A 94 -18.23 -11.39 10.38
C ALA A 94 -17.81 -12.84 10.61
N ALA A 95 -16.79 -13.25 9.89
CA ALA A 95 -16.29 -14.59 9.96
C ALA A 95 -15.37 -14.72 11.14
N GLY A 96 -15.75 -15.52 12.08
CA GLY A 96 -14.96 -15.74 13.26
C GLY A 96 -15.84 -16.09 14.40
N GLY A 97 -16.85 -15.29 14.61
CA GLY A 97 -17.77 -15.54 15.67
C GLY A 97 -18.44 -14.29 16.15
N ALA A 98 -18.86 -14.31 17.37
CA ALA A 98 -19.53 -13.19 17.99
C ALA A 98 -18.79 -12.82 19.26
N PRO A 99 -18.86 -11.53 19.70
CA PRO A 99 -18.20 -11.07 20.93
C PRO A 99 -18.75 -11.78 22.18
N GLY A 100 -20.00 -12.14 22.10
CA GLY A 100 -20.64 -12.85 23.15
C GLY A 100 -21.74 -13.69 22.58
N GLY A 101 -22.73 -13.04 22.08
CA GLY A 101 -23.84 -13.70 21.48
C GLY A 101 -25.01 -12.78 21.54
N SER A 1 24.82 3.40 18.89
CA SER A 1 24.25 3.28 20.22
C SER A 1 22.84 2.72 20.12
N LYS A 2 22.30 2.19 21.22
CA LYS A 2 21.01 1.51 21.20
C LYS A 2 19.80 2.37 20.87
N GLU A 3 19.74 3.61 21.32
CA GLU A 3 18.57 4.45 20.99
C GLU A 3 18.53 4.70 19.48
N GLU A 4 19.70 4.98 18.95
CA GLU A 4 19.93 5.16 17.55
C GLU A 4 19.62 3.86 16.80
N ASP A 5 20.14 2.77 17.32
CA ASP A 5 19.99 1.44 16.73
C ASP A 5 18.54 1.01 16.65
N GLU A 6 17.80 1.28 17.69
CA GLU A 6 16.39 0.99 17.71
C GLU A 6 15.65 1.87 16.69
N LYS A 7 16.05 3.12 16.59
CA LYS A 7 15.46 4.01 15.61
C LYS A 7 15.84 3.59 14.18
N GLU A 8 17.03 3.02 14.02
CA GLU A 8 17.47 2.45 12.75
C GLU A 8 16.55 1.31 12.39
N SER A 9 16.34 0.44 13.36
CA SER A 9 15.49 -0.73 13.20
C SER A 9 14.05 -0.31 12.86
N GLN A 10 13.59 0.76 13.50
CA GLN A 10 12.27 1.31 13.23
C GLN A 10 12.20 1.89 11.82
N ARG A 11 13.33 2.42 11.32
CA ARG A 11 13.38 2.86 9.93
C ARG A 11 13.29 1.64 9.03
N ILE A 12 14.03 0.59 9.38
CA ILE A 12 14.03 -0.66 8.61
C ILE A 12 12.60 -1.20 8.55
N ALA A 13 11.96 -1.22 9.71
CA ALA A 13 10.59 -1.66 9.86
C ALA A 13 9.65 -0.85 8.97
N SER A 14 9.82 0.47 9.02
CA SER A 14 9.04 1.36 8.21
C SER A 14 9.29 1.10 6.70
N LYS A 15 10.56 0.96 6.31
CA LYS A 15 10.94 0.64 4.91
C LYS A 15 10.26 -0.64 4.48
N ASN A 16 10.45 -1.65 5.31
CA ASN A 16 9.96 -3.01 5.09
C ASN A 16 8.45 -3.01 4.86
N GLN A 17 7.74 -2.36 5.75
CA GLN A 17 6.30 -2.32 5.70
C GLN A 17 5.79 -1.43 4.57
N LEU A 18 6.40 -0.26 4.43
CA LEU A 18 6.03 0.70 3.40
C LEU A 18 6.19 0.08 2.01
N GLU A 19 7.31 -0.58 1.81
CA GLU A 19 7.61 -1.23 0.55
C GLU A 19 6.62 -2.36 0.28
N SER A 20 6.46 -3.26 1.25
CA SER A 20 5.64 -4.43 1.08
C SER A 20 4.15 -4.07 0.90
N ILE A 21 3.69 -3.03 1.57
CA ILE A 21 2.34 -2.59 1.42
C ILE A 21 2.11 -1.93 0.06
N ALA A 22 3.12 -1.19 -0.43
CA ALA A 22 3.05 -0.60 -1.76
C ALA A 22 2.94 -1.72 -2.81
N TYR A 23 3.71 -2.79 -2.59
CA TYR A 23 3.61 -3.97 -3.43
C TYR A 23 2.23 -4.59 -3.33
N SER A 24 1.72 -4.71 -2.12
CA SER A 24 0.42 -5.33 -1.87
C SER A 24 -0.70 -4.58 -2.59
N LEU A 25 -0.62 -3.26 -2.61
CA LEU A 25 -1.58 -2.43 -3.31
C LEU A 25 -1.58 -2.80 -4.79
N LYS A 26 -0.40 -2.88 -5.35
CA LYS A 26 -0.26 -3.23 -6.74
C LYS A 26 -0.75 -4.63 -6.99
N ASN A 27 -0.37 -5.56 -6.12
CA ASN A 27 -0.73 -6.96 -6.25
C ASN A 27 -2.23 -7.15 -6.24
N THR A 28 -2.91 -6.56 -5.26
CA THR A 28 -4.34 -6.72 -5.13
C THR A 28 -5.11 -6.19 -6.36
N ILE A 29 -4.73 -5.02 -6.87
CA ILE A 29 -5.43 -4.49 -8.04
C ILE A 29 -5.01 -5.25 -9.33
N SER A 30 -3.79 -5.75 -9.39
CA SER A 30 -3.35 -6.52 -10.55
C SER A 30 -4.11 -7.86 -10.61
N GLU A 31 -4.33 -8.46 -9.44
CA GLU A 31 -5.11 -9.69 -9.33
C GLU A 31 -6.58 -9.43 -9.65
N ALA A 32 -6.99 -8.19 -9.52
CA ALA A 32 -8.33 -7.78 -9.86
C ALA A 32 -8.43 -7.62 -11.37
N GLY A 33 -7.55 -6.78 -11.92
CA GLY A 33 -7.45 -6.57 -13.36
C GLY A 33 -8.70 -6.00 -13.99
N ASP A 34 -9.56 -6.89 -14.43
CA ASP A 34 -10.77 -6.54 -15.15
C ASP A 34 -11.85 -6.08 -14.18
N LYS A 35 -11.66 -6.41 -12.93
CA LYS A 35 -12.64 -6.11 -11.89
C LYS A 35 -12.62 -4.64 -11.48
N LEU A 36 -11.59 -3.91 -11.84
CA LEU A 36 -11.47 -2.55 -11.40
C LEU A 36 -11.08 -1.62 -12.54
N GLU A 37 -11.61 -0.42 -12.50
CA GLU A 37 -11.42 0.62 -13.49
C GLU A 37 -9.97 1.02 -13.68
N GLN A 38 -9.58 1.16 -14.95
CA GLN A 38 -8.20 1.43 -15.35
C GLN A 38 -7.64 2.71 -14.72
N ALA A 39 -8.45 3.75 -14.65
CA ALA A 39 -8.00 5.02 -14.10
C ALA A 39 -7.62 4.91 -12.62
N ASP A 40 -8.48 4.26 -11.84
CA ASP A 40 -8.19 4.03 -10.42
C ASP A 40 -6.97 3.15 -10.29
N LYS A 41 -6.96 2.11 -11.10
CA LYS A 41 -5.91 1.12 -11.17
C LYS A 41 -4.55 1.77 -11.41
N ASP A 42 -4.49 2.67 -12.38
CA ASP A 42 -3.26 3.41 -12.71
C ASP A 42 -2.86 4.33 -11.57
N THR A 43 -3.84 4.99 -10.99
CA THR A 43 -3.59 5.93 -9.91
C THR A 43 -2.95 5.23 -8.68
N VAL A 44 -3.53 4.11 -8.25
CA VAL A 44 -2.98 3.38 -7.10
C VAL A 44 -1.63 2.76 -7.37
N THR A 45 -1.53 2.04 -8.46
CA THR A 45 -0.31 1.39 -8.82
C THR A 45 0.83 2.39 -9.03
N LYS A 46 0.57 3.47 -9.73
CA LYS A 46 1.59 4.49 -9.92
C LYS A 46 1.96 5.15 -8.62
N LYS A 47 0.97 5.41 -7.76
CA LYS A 47 1.26 6.00 -6.45
C LYS A 47 2.19 5.04 -5.70
N ALA A 48 1.98 3.75 -5.91
CA ALA A 48 2.82 2.73 -5.30
C ALA A 48 4.22 2.77 -5.90
N GLU A 49 4.30 2.91 -7.23
CA GLU A 49 5.59 3.03 -7.93
C GLU A 49 6.35 4.25 -7.43
N GLU A 50 5.63 5.36 -7.24
CA GLU A 50 6.20 6.60 -6.75
C GLU A 50 6.66 6.40 -5.32
N THR A 51 5.95 5.58 -4.60
CA THR A 51 6.28 5.26 -3.24
C THR A 51 7.59 4.44 -3.19
N ILE A 52 7.72 3.50 -4.13
CA ILE A 52 8.92 2.68 -4.24
C ILE A 52 10.08 3.60 -4.61
N SER A 53 9.84 4.47 -5.58
CA SER A 53 10.83 5.42 -6.04
C SER A 53 11.25 6.35 -4.88
N TRP A 54 10.28 6.75 -4.07
CA TRP A 54 10.54 7.59 -2.92
C TRP A 54 11.49 6.90 -1.97
N LEU A 55 11.18 5.66 -1.62
CA LEU A 55 11.96 4.86 -0.67
C LEU A 55 13.39 4.70 -1.21
N ASP A 56 13.49 4.50 -2.50
CA ASP A 56 14.75 4.26 -3.20
C ASP A 56 15.60 5.52 -3.21
N SER A 57 14.95 6.66 -3.11
CA SER A 57 15.66 7.91 -3.17
C SER A 57 15.86 8.53 -1.76
N ASN A 58 15.06 8.09 -0.81
CA ASN A 58 15.02 8.68 0.54
C ASN A 58 15.26 7.62 1.56
N THR A 59 16.13 6.70 1.23
CA THR A 59 16.46 5.58 2.06
C THR A 59 17.04 6.04 3.42
N THR A 60 17.73 7.14 3.40
CA THR A 60 18.36 7.70 4.58
C THR A 60 17.49 8.79 5.24
N ALA A 61 16.20 8.81 4.93
CA ALA A 61 15.29 9.80 5.50
C ALA A 61 14.85 9.37 6.90
N SER A 62 14.02 10.17 7.52
CA SER A 62 13.54 9.88 8.85
C SER A 62 12.46 8.80 8.74
N LYS A 63 12.37 7.93 9.76
CA LYS A 63 11.38 6.84 9.73
C LYS A 63 9.96 7.44 9.70
N GLU A 64 9.84 8.62 10.30
CA GLU A 64 8.64 9.41 10.34
C GLU A 64 8.17 9.77 8.92
N GLU A 65 9.13 9.99 8.03
CA GLU A 65 8.86 10.33 6.65
C GLU A 65 8.28 9.14 5.91
N PHE A 66 8.87 7.95 6.15
CA PHE A 66 8.37 6.71 5.54
C PHE A 66 6.95 6.43 5.99
N ASP A 67 6.71 6.73 7.26
CA ASP A 67 5.39 6.57 7.87
C ASP A 67 4.32 7.41 7.17
N ASP A 68 4.65 8.64 6.84
CA ASP A 68 3.68 9.53 6.20
C ASP A 68 3.41 9.09 4.77
N LYS A 69 4.43 8.51 4.15
CA LYS A 69 4.29 7.98 2.81
C LYS A 69 3.35 6.78 2.83
N LEU A 70 3.44 5.99 3.88
CA LEU A 70 2.57 4.84 4.10
C LEU A 70 1.15 5.36 4.27
N LYS A 71 1.01 6.40 5.09
CA LYS A 71 -0.26 7.07 5.31
C LYS A 71 -0.87 7.54 3.99
N GLU A 72 -0.05 8.15 3.13
CA GLU A 72 -0.51 8.59 1.80
C GLU A 72 -0.99 7.40 0.98
N LEU A 73 -0.17 6.36 0.96
CA LEU A 73 -0.40 5.17 0.17
C LEU A 73 -1.74 4.52 0.60
N GLN A 74 -1.95 4.45 1.90
CA GLN A 74 -3.17 3.87 2.44
C GLN A 74 -4.38 4.77 2.21
N ASP A 75 -4.17 6.07 2.27
CA ASP A 75 -5.28 7.01 2.08
C ASP A 75 -5.77 7.00 0.64
N ILE A 76 -4.84 6.86 -0.29
CA ILE A 76 -5.18 6.77 -1.70
C ILE A 76 -5.81 5.41 -2.00
N ALA A 77 -5.37 4.40 -1.28
CA ALA A 77 -5.87 3.05 -1.46
C ALA A 77 -7.33 2.92 -1.03
N ASN A 78 -7.74 3.65 0.00
CA ASN A 78 -9.13 3.59 0.54
C ASN A 78 -10.27 3.73 -0.50
N PRO A 79 -10.35 4.83 -1.30
CA PRO A 79 -11.43 5.01 -2.29
C PRO A 79 -11.43 3.89 -3.35
N ILE A 80 -10.24 3.46 -3.72
CA ILE A 80 -10.09 2.40 -4.71
C ILE A 80 -10.44 1.02 -4.09
N MET A 81 -10.16 0.86 -2.81
CA MET A 81 -10.54 -0.35 -2.10
C MET A 81 -12.03 -0.43 -1.92
N SER A 82 -12.65 0.74 -1.89
CA SER A 82 -14.06 0.80 -1.83
C SER A 82 -14.64 0.22 -3.12
N LYS A 83 -13.83 0.25 -4.20
CA LYS A 83 -14.24 -0.32 -5.46
C LYS A 83 -14.19 -1.85 -5.35
N LEU A 84 -13.01 -2.40 -4.97
CA LEU A 84 -12.86 -3.87 -4.88
C LEU A 84 -13.79 -4.51 -3.87
N TYR A 85 -14.10 -3.81 -2.82
CA TYR A 85 -14.99 -4.34 -1.81
C TYR A 85 -16.47 -4.24 -2.21
N GLN A 86 -16.79 -3.59 -3.32
CA GLN A 86 -18.19 -3.55 -3.75
C GLN A 86 -18.38 -4.20 -5.11
N ALA A 87 -17.37 -4.13 -5.94
CA ALA A 87 -17.43 -4.71 -7.26
C ALA A 87 -16.25 -5.63 -7.51
N GLY A 88 -16.51 -6.90 -7.39
CA GLY A 88 -15.50 -7.90 -7.65
C GLY A 88 -15.43 -8.79 -6.48
N GLY A 89 -15.36 -8.18 -5.35
CA GLY A 89 -15.35 -8.90 -4.14
C GLY A 89 -13.95 -9.22 -3.70
N ALA A 90 -13.32 -8.24 -3.08
CA ALA A 90 -11.97 -8.40 -2.54
C ALA A 90 -11.82 -9.61 -1.57
N PRO A 91 -12.77 -9.86 -0.59
CA PRO A 91 -12.68 -11.02 0.28
C PRO A 91 -13.08 -12.30 -0.45
N GLY A 92 -12.14 -12.81 -1.23
CA GLY A 92 -12.36 -14.02 -1.95
C GLY A 92 -12.91 -13.75 -3.32
N GLY A 93 -14.19 -13.53 -3.38
CA GLY A 93 -14.87 -13.24 -4.59
C GLY A 93 -16.32 -13.09 -4.32
N ALA A 94 -16.90 -12.01 -4.75
CA ALA A 94 -18.28 -11.79 -4.49
C ALA A 94 -19.09 -12.06 -5.72
N ALA A 95 -19.40 -13.31 -5.90
CA ALA A 95 -20.22 -13.76 -6.99
C ALA A 95 -21.05 -14.91 -6.50
N GLY A 96 -22.22 -14.58 -6.03
CA GLY A 96 -23.07 -15.59 -5.47
C GLY A 96 -24.48 -15.43 -5.91
N GLY A 97 -25.37 -15.26 -4.97
CA GLY A 97 -26.77 -15.21 -5.26
C GLY A 97 -27.28 -16.58 -5.62
N ALA A 98 -27.52 -16.81 -6.88
CA ALA A 98 -27.89 -18.11 -7.38
C ALA A 98 -27.26 -18.30 -8.76
N PRO A 99 -25.94 -18.50 -8.81
CA PRO A 99 -25.21 -18.62 -10.06
C PRO A 99 -24.92 -20.07 -10.41
N GLY A 100 -24.30 -20.27 -11.54
CA GLY A 100 -23.85 -21.59 -11.91
C GLY A 100 -22.43 -21.74 -11.46
N GLY A 101 -22.23 -21.69 -10.17
CA GLY A 101 -20.91 -21.76 -9.61
C GLY A 101 -20.94 -22.51 -8.32
N SER A 1 24.65 1.60 19.67
CA SER A 1 23.89 2.40 20.58
C SER A 1 22.41 2.00 20.45
N LYS A 2 21.82 1.48 21.51
CA LYS A 2 20.47 0.94 21.45
C LYS A 2 19.36 1.90 21.10
N GLU A 3 19.44 3.16 21.50
CA GLU A 3 18.36 4.09 21.15
C GLU A 3 18.36 4.34 19.66
N GLU A 4 19.57 4.41 19.12
CA GLU A 4 19.78 4.51 17.72
C GLU A 4 19.29 3.24 17.03
N ASP A 5 19.79 2.10 17.50
CA ASP A 5 19.43 0.78 16.92
C ASP A 5 17.95 0.55 16.89
N GLU A 6 17.25 1.01 17.92
CA GLU A 6 15.82 0.86 17.97
C GLU A 6 15.12 1.67 16.90
N LYS A 7 15.50 2.92 16.70
CA LYS A 7 14.82 3.71 15.68
C LYS A 7 15.31 3.33 14.28
N GLU A 8 16.56 2.88 14.19
CA GLU A 8 17.10 2.40 12.92
C GLU A 8 16.32 1.17 12.47
N SER A 9 16.04 0.26 13.40
CA SER A 9 15.29 -0.92 13.08
C SER A 9 13.83 -0.57 12.79
N GLN A 10 13.31 0.45 13.46
CA GLN A 10 11.96 0.95 13.20
C GLN A 10 11.90 1.61 11.82
N ARG A 11 12.99 2.26 11.40
CA ARG A 11 13.10 2.76 10.04
C ARG A 11 12.95 1.60 9.09
N ILE A 12 13.75 0.57 9.31
CA ILE A 12 13.74 -0.63 8.49
C ILE A 12 12.36 -1.29 8.50
N ALA A 13 11.73 -1.32 9.67
CA ALA A 13 10.39 -1.88 9.80
C ALA A 13 9.37 -1.09 8.99
N SER A 14 9.44 0.21 9.07
CA SER A 14 8.54 1.09 8.34
C SER A 14 8.82 0.99 6.84
N LYS A 15 10.10 0.97 6.51
CA LYS A 15 10.61 0.81 5.15
C LYS A 15 10.09 -0.50 4.56
N ASN A 16 10.24 -1.56 5.33
CA ASN A 16 9.82 -2.91 4.98
C ASN A 16 8.31 -2.95 4.75
N GLN A 17 7.58 -2.34 5.66
CA GLN A 17 6.12 -2.33 5.61
C GLN A 17 5.64 -1.52 4.41
N LEU A 18 6.22 -0.34 4.23
CA LEU A 18 5.90 0.56 3.13
C LEU A 18 6.18 -0.13 1.80
N GLU A 19 7.35 -0.76 1.73
CA GLU A 19 7.79 -1.55 0.58
C GLU A 19 6.73 -2.58 0.24
N SER A 20 6.40 -3.38 1.23
CA SER A 20 5.47 -4.46 1.07
C SER A 20 4.09 -3.97 0.64
N ILE A 21 3.62 -2.89 1.24
CA ILE A 21 2.32 -2.35 0.92
C ILE A 21 2.27 -1.81 -0.50
N ALA A 22 3.35 -1.18 -0.97
CA ALA A 22 3.42 -0.68 -2.34
C ALA A 22 3.25 -1.85 -3.32
N TYR A 23 3.98 -2.94 -3.07
CA TYR A 23 3.87 -4.12 -3.92
C TYR A 23 2.51 -4.77 -3.77
N SER A 24 2.04 -4.90 -2.54
CA SER A 24 0.77 -5.54 -2.24
C SER A 24 -0.38 -4.80 -2.92
N LEU A 25 -0.31 -3.47 -2.93
CA LEU A 25 -1.31 -2.64 -3.59
C LEU A 25 -1.40 -3.01 -5.06
N LYS A 26 -0.26 -2.99 -5.74
CA LYS A 26 -0.22 -3.32 -7.17
C LYS A 26 -0.70 -4.75 -7.41
N ASN A 27 -0.24 -5.66 -6.58
CA ASN A 27 -0.58 -7.07 -6.69
C ASN A 27 -2.07 -7.32 -6.45
N THR A 28 -2.64 -6.66 -5.45
CA THR A 28 -4.04 -6.86 -5.09
C THR A 28 -4.97 -6.50 -6.24
N ILE A 29 -4.73 -5.38 -6.90
CA ILE A 29 -5.56 -5.01 -8.04
C ILE A 29 -5.42 -6.04 -9.17
N SER A 30 -4.19 -6.50 -9.36
CA SER A 30 -3.85 -7.43 -10.42
C SER A 30 -4.46 -8.84 -10.19
N GLU A 31 -4.30 -9.39 -8.97
CA GLU A 31 -4.81 -10.75 -8.67
C GLU A 31 -6.33 -10.76 -8.62
N ALA A 32 -6.91 -9.63 -8.30
CA ALA A 32 -8.34 -9.45 -8.25
C ALA A 32 -8.90 -9.15 -9.64
N GLY A 33 -8.00 -9.13 -10.60
CA GLY A 33 -8.32 -9.11 -12.01
C GLY A 33 -9.11 -7.93 -12.49
N ASP A 34 -10.35 -8.20 -12.82
CA ASP A 34 -11.20 -7.25 -13.56
C ASP A 34 -11.97 -6.27 -12.68
N LYS A 35 -12.08 -6.57 -11.38
CA LYS A 35 -12.99 -5.82 -10.46
C LYS A 35 -12.88 -4.27 -10.41
N LEU A 36 -11.80 -3.72 -10.88
CA LEU A 36 -11.62 -2.25 -10.85
C LEU A 36 -11.49 -1.62 -12.22
N GLU A 37 -11.79 -0.34 -12.25
CA GLU A 37 -11.65 0.51 -13.40
C GLU A 37 -10.16 0.70 -13.69
N GLN A 38 -9.81 0.76 -14.95
CA GLN A 38 -8.41 0.87 -15.34
C GLN A 38 -7.79 2.20 -14.89
N ALA A 39 -8.63 3.23 -14.82
CA ALA A 39 -8.21 4.55 -14.38
C ALA A 39 -7.79 4.48 -12.91
N ASP A 40 -8.64 3.86 -12.09
CA ASP A 40 -8.36 3.68 -10.67
C ASP A 40 -7.13 2.83 -10.49
N LYS A 41 -7.02 1.79 -11.32
CA LYS A 41 -5.86 0.90 -11.32
C LYS A 41 -4.58 1.70 -11.52
N ASP A 42 -4.60 2.57 -12.53
CA ASP A 42 -3.43 3.39 -12.85
C ASP A 42 -3.13 4.34 -11.72
N THR A 43 -4.18 4.89 -11.13
CA THR A 43 -4.06 5.83 -10.04
C THR A 43 -3.31 5.20 -8.84
N VAL A 44 -3.75 4.03 -8.39
CA VAL A 44 -3.12 3.38 -7.25
C VAL A 44 -1.72 2.85 -7.56
N THR A 45 -1.58 2.13 -8.63
CA THR A 45 -0.32 1.54 -9.01
C THR A 45 0.76 2.57 -9.32
N LYS A 46 0.39 3.65 -9.98
CA LYS A 46 1.33 4.70 -10.33
C LYS A 46 1.73 5.50 -9.08
N LYS A 47 0.84 5.57 -8.11
CA LYS A 47 1.16 6.20 -6.84
C LYS A 47 2.15 5.26 -6.13
N ALA A 48 1.93 3.95 -6.28
CA ALA A 48 2.81 2.94 -5.74
C ALA A 48 4.19 3.06 -6.37
N GLU A 49 4.22 3.36 -7.67
CA GLU A 49 5.46 3.62 -8.40
C GLU A 49 6.21 4.76 -7.74
N GLU A 50 5.48 5.84 -7.41
CA GLU A 50 6.09 7.01 -6.77
C GLU A 50 6.67 6.62 -5.46
N THR A 51 5.93 5.79 -4.78
CA THR A 51 6.25 5.33 -3.49
C THR A 51 7.56 4.53 -3.51
N ILE A 52 7.69 3.67 -4.51
CA ILE A 52 8.89 2.87 -4.68
C ILE A 52 10.07 3.76 -5.10
N SER A 53 9.80 4.75 -5.95
CA SER A 53 10.83 5.73 -6.34
C SER A 53 11.32 6.47 -5.09
N TRP A 54 10.36 6.87 -4.26
CA TRP A 54 10.64 7.59 -3.03
C TRP A 54 11.46 6.72 -2.12
N LEU A 55 11.02 5.50 -1.95
CA LEU A 55 11.64 4.51 -1.08
C LEU A 55 13.07 4.18 -1.51
N ASP A 56 13.32 4.28 -2.78
CA ASP A 56 14.62 3.98 -3.34
C ASP A 56 15.57 5.16 -3.12
N SER A 57 15.05 6.35 -3.23
CA SER A 57 15.88 7.53 -3.12
C SER A 57 15.87 8.17 -1.71
N ASN A 58 15.00 7.71 -0.84
CA ASN A 58 14.90 8.30 0.49
C ASN A 58 14.94 7.19 1.52
N THR A 59 15.72 6.17 1.21
CA THR A 59 15.84 4.98 2.04
C THR A 59 16.49 5.28 3.42
N THR A 60 17.29 6.32 3.50
CA THR A 60 17.97 6.66 4.71
C THR A 60 17.27 7.79 5.48
N ALA A 61 16.00 8.02 5.17
CA ALA A 61 15.21 9.05 5.83
C ALA A 61 14.79 8.59 7.22
N SER A 62 14.08 9.41 7.93
CA SER A 62 13.65 9.08 9.26
C SER A 62 12.35 8.26 9.20
N LYS A 63 12.11 7.43 10.21
CA LYS A 63 10.96 6.50 10.26
C LYS A 63 9.61 7.23 10.08
N GLU A 64 9.55 8.45 10.57
CA GLU A 64 8.35 9.26 10.50
C GLU A 64 8.03 9.65 9.06
N GLU A 65 9.07 9.77 8.24
CA GLU A 65 8.92 10.17 6.87
C GLU A 65 8.36 9.03 6.03
N PHE A 66 8.73 7.80 6.42
CA PHE A 66 8.20 6.60 5.79
C PHE A 66 6.72 6.47 6.15
N ASP A 67 6.42 6.74 7.41
CA ASP A 67 5.06 6.72 7.94
C ASP A 67 4.17 7.71 7.20
N ASP A 68 4.71 8.88 6.96
CA ASP A 68 4.02 9.95 6.24
C ASP A 68 3.67 9.51 4.82
N LYS A 69 4.57 8.81 4.16
CA LYS A 69 4.32 8.33 2.81
C LYS A 69 3.30 7.21 2.82
N LEU A 70 3.31 6.44 3.89
CA LEU A 70 2.33 5.37 4.08
C LEU A 70 0.94 6.00 4.24
N LYS A 71 0.91 7.15 4.91
CA LYS A 71 -0.32 7.91 5.12
C LYS A 71 -0.97 8.27 3.79
N GLU A 72 -0.22 8.99 2.94
CA GLU A 72 -0.75 9.42 1.66
C GLU A 72 -1.03 8.24 0.75
N LEU A 73 -0.25 7.16 0.91
CA LEU A 73 -0.48 5.94 0.16
C LEU A 73 -1.90 5.44 0.50
N GLN A 74 -2.20 5.38 1.79
CA GLN A 74 -3.51 4.97 2.26
C GLN A 74 -4.60 5.96 1.88
N ASP A 75 -4.29 7.26 1.94
CA ASP A 75 -5.28 8.31 1.59
C ASP A 75 -5.76 8.15 0.18
N ILE A 76 -4.84 7.86 -0.72
CA ILE A 76 -5.19 7.70 -2.12
C ILE A 76 -5.81 6.32 -2.38
N ALA A 77 -5.21 5.30 -1.81
CA ALA A 77 -5.63 3.93 -2.07
C ALA A 77 -6.96 3.56 -1.42
N ASN A 78 -7.14 3.90 -0.15
CA ASN A 78 -8.29 3.42 0.65
C ASN A 78 -9.69 3.55 -0.03
N PRO A 79 -10.08 4.74 -0.61
CA PRO A 79 -11.36 4.88 -1.31
C PRO A 79 -11.45 3.95 -2.53
N ILE A 80 -10.36 3.83 -3.25
CA ILE A 80 -10.29 2.97 -4.42
C ILE A 80 -10.30 1.50 -3.98
N MET A 81 -9.64 1.23 -2.88
CA MET A 81 -9.62 -0.10 -2.30
C MET A 81 -11.01 -0.49 -1.82
N SER A 82 -11.79 0.51 -1.43
CA SER A 82 -13.14 0.26 -1.01
C SER A 82 -13.91 -0.28 -2.20
N LYS A 83 -13.72 0.35 -3.38
CA LYS A 83 -14.33 -0.13 -4.63
C LYS A 83 -13.90 -1.57 -4.88
N LEU A 84 -12.61 -1.83 -4.66
CA LEU A 84 -12.00 -3.12 -4.88
C LEU A 84 -12.71 -4.17 -4.04
N TYR A 85 -12.83 -3.92 -2.77
CA TYR A 85 -13.45 -4.85 -1.87
C TYR A 85 -14.96 -4.94 -2.09
N GLN A 86 -15.58 -3.86 -2.55
CA GLN A 86 -17.01 -3.87 -2.86
C GLN A 86 -17.29 -4.78 -4.06
N ALA A 87 -16.39 -4.78 -5.02
CA ALA A 87 -16.57 -5.56 -6.23
C ALA A 87 -16.13 -7.01 -6.08
N GLY A 88 -15.54 -7.34 -4.95
CA GLY A 88 -15.14 -8.70 -4.72
C GLY A 88 -14.01 -8.73 -3.77
N GLY A 89 -14.33 -8.67 -2.51
CA GLY A 89 -13.29 -8.63 -1.53
C GLY A 89 -13.79 -8.52 -0.10
N ALA A 90 -14.89 -7.77 0.07
CA ALA A 90 -15.55 -7.53 1.36
C ALA A 90 -14.65 -6.72 2.32
N PRO A 91 -14.90 -5.41 2.46
CA PRO A 91 -14.09 -4.56 3.30
C PRO A 91 -14.49 -4.67 4.78
N GLY A 92 -13.54 -5.01 5.61
CA GLY A 92 -13.81 -5.09 7.02
C GLY A 92 -13.18 -6.31 7.64
N GLY A 93 -13.45 -7.44 7.04
CA GLY A 93 -12.89 -8.69 7.51
C GLY A 93 -13.80 -9.37 8.50
N ALA A 94 -15.05 -8.88 8.56
CA ALA A 94 -16.13 -9.37 9.44
C ALA A 94 -15.79 -9.17 10.91
N ALA A 95 -14.81 -8.33 11.17
CA ALA A 95 -14.35 -8.05 12.50
C ALA A 95 -14.10 -6.57 12.60
N GLY A 96 -14.26 -6.03 13.76
CA GLY A 96 -14.06 -4.62 13.96
C GLY A 96 -13.87 -4.32 15.40
N GLY A 97 -13.94 -3.06 15.74
CA GLY A 97 -13.75 -2.65 17.12
C GLY A 97 -14.86 -1.73 17.53
N ALA A 98 -16.09 -2.16 17.23
CA ALA A 98 -17.31 -1.42 17.50
C ALA A 98 -17.30 -0.04 16.85
N PRO A 99 -17.69 0.03 15.57
CA PRO A 99 -17.70 1.28 14.79
C PRO A 99 -18.53 2.36 15.46
N GLY A 100 -17.88 3.46 15.75
CA GLY A 100 -18.55 4.57 16.34
C GLY A 100 -18.72 5.68 15.32
N GLY A 101 -17.81 5.73 14.37
CA GLY A 101 -17.89 6.69 13.32
C GLY A 101 -16.51 7.11 12.88
N SER A 1 23.72 1.96 21.16
CA SER A 1 22.59 2.65 21.77
C SER A 1 21.33 1.88 21.45
N LYS A 2 20.58 1.49 22.49
CA LYS A 2 19.37 0.70 22.31
C LYS A 2 18.33 1.48 21.52
N GLU A 3 18.06 2.71 21.97
CA GLU A 3 17.03 3.52 21.34
C GLU A 3 17.35 3.78 19.87
N GLU A 4 18.63 3.99 19.59
CA GLU A 4 19.07 4.27 18.23
C GLU A 4 18.83 3.04 17.37
N ASP A 5 19.18 1.89 17.92
CA ASP A 5 19.04 0.62 17.23
C ASP A 5 17.56 0.29 17.01
N GLU A 6 16.73 0.65 17.98
CA GLU A 6 15.30 0.50 17.85
C GLU A 6 14.77 1.45 16.77
N LYS A 7 15.26 2.68 16.76
CA LYS A 7 14.84 3.66 15.76
C LYS A 7 15.22 3.21 14.36
N GLU A 8 16.43 2.68 14.21
CA GLU A 8 16.87 2.17 12.91
C GLU A 8 16.04 0.96 12.49
N SER A 9 15.75 0.07 13.41
CA SER A 9 14.97 -1.09 13.09
C SER A 9 13.51 -0.74 12.81
N GLN A 10 12.96 0.22 13.56
CA GLN A 10 11.60 0.69 13.29
C GLN A 10 11.56 1.43 11.97
N ARG A 11 12.65 2.11 11.65
CA ARG A 11 12.83 2.76 10.35
C ARG A 11 12.78 1.72 9.24
N ILE A 12 13.50 0.61 9.45
CA ILE A 12 13.49 -0.50 8.50
C ILE A 12 12.11 -1.11 8.44
N ALA A 13 11.47 -1.22 9.60
CA ALA A 13 10.12 -1.75 9.70
C ALA A 13 9.14 -0.88 8.91
N SER A 14 9.34 0.43 8.98
CA SER A 14 8.51 1.37 8.24
C SER A 14 8.76 1.19 6.74
N LYS A 15 10.04 1.14 6.36
CA LYS A 15 10.48 0.90 4.98
C LYS A 15 9.86 -0.39 4.45
N ASN A 16 10.01 -1.44 5.23
CA ASN A 16 9.53 -2.78 4.96
C ASN A 16 8.02 -2.79 4.73
N GLN A 17 7.28 -2.18 5.64
CA GLN A 17 5.83 -2.14 5.58
C GLN A 17 5.36 -1.30 4.40
N LEU A 18 5.91 -0.12 4.27
CA LEU A 18 5.54 0.81 3.22
C LEU A 18 5.82 0.20 1.83
N GLU A 19 6.97 -0.43 1.71
CA GLU A 19 7.37 -1.06 0.47
C GLU A 19 6.45 -2.25 0.14
N SER A 20 6.19 -3.09 1.14
CA SER A 20 5.36 -4.25 0.91
C SER A 20 3.91 -3.86 0.59
N ILE A 21 3.41 -2.80 1.23
CA ILE A 21 2.08 -2.29 0.95
C ILE A 21 1.97 -1.85 -0.52
N ALA A 22 3.02 -1.20 -1.02
CA ALA A 22 3.06 -0.75 -2.40
C ALA A 22 2.99 -1.94 -3.37
N TYR A 23 3.73 -3.01 -3.05
CA TYR A 23 3.70 -4.21 -3.88
C TYR A 23 2.36 -4.91 -3.80
N SER A 24 1.82 -5.04 -2.58
CA SER A 24 0.54 -5.66 -2.37
C SER A 24 -0.56 -4.91 -3.11
N LEU A 25 -0.52 -3.58 -3.04
CA LEU A 25 -1.48 -2.71 -3.69
C LEU A 25 -1.58 -3.02 -5.18
N LYS A 26 -0.42 -3.07 -5.83
CA LYS A 26 -0.36 -3.34 -7.25
C LYS A 26 -0.94 -4.72 -7.59
N ASN A 27 -0.55 -5.71 -6.84
CA ASN A 27 -0.96 -7.08 -7.11
C ASN A 27 -2.43 -7.31 -6.80
N THR A 28 -2.92 -6.71 -5.72
CA THR A 28 -4.31 -6.87 -5.31
C THR A 28 -5.28 -6.36 -6.40
N ILE A 29 -5.05 -5.15 -6.91
CA ILE A 29 -5.93 -4.61 -7.95
C ILE A 29 -5.82 -5.41 -9.25
N SER A 30 -4.62 -5.91 -9.53
CA SER A 30 -4.39 -6.68 -10.74
C SER A 30 -5.15 -8.03 -10.73
N GLU A 31 -5.56 -8.49 -9.54
CA GLU A 31 -6.34 -9.73 -9.42
C GLU A 31 -7.77 -9.48 -9.87
N ALA A 32 -8.32 -8.36 -9.42
CA ALA A 32 -9.67 -7.95 -9.81
C ALA A 32 -9.65 -7.59 -11.29
N GLY A 33 -8.60 -6.88 -11.67
CA GLY A 33 -8.34 -6.53 -13.04
C GLY A 33 -9.45 -5.76 -13.70
N ASP A 34 -10.27 -6.48 -14.43
CA ASP A 34 -11.34 -5.90 -15.23
C ASP A 34 -12.53 -5.51 -14.35
N LYS A 35 -12.57 -6.09 -13.19
CA LYS A 35 -13.65 -5.83 -12.25
C LYS A 35 -13.52 -4.48 -11.56
N LEU A 36 -12.36 -3.86 -11.65
CA LEU A 36 -12.18 -2.56 -11.07
C LEU A 36 -11.92 -1.55 -12.17
N GLU A 37 -12.28 -0.31 -11.93
CA GLU A 37 -12.10 0.74 -12.91
C GLU A 37 -10.62 1.02 -13.18
N GLN A 38 -10.32 1.29 -14.43
CA GLN A 38 -8.98 1.47 -14.91
C GLN A 38 -8.30 2.69 -14.32
N ALA A 39 -9.03 3.79 -14.19
CA ALA A 39 -8.45 5.02 -13.65
C ALA A 39 -8.02 4.82 -12.20
N ASP A 40 -8.88 4.19 -11.40
CA ASP A 40 -8.53 3.89 -9.99
C ASP A 40 -7.30 3.00 -9.96
N LYS A 41 -7.35 1.97 -10.79
CA LYS A 41 -6.27 0.99 -10.94
C LYS A 41 -4.94 1.68 -11.23
N ASP A 42 -4.94 2.59 -12.17
CA ASP A 42 -3.73 3.27 -12.55
C ASP A 42 -3.28 4.21 -11.46
N THR A 43 -4.23 4.90 -10.84
CA THR A 43 -3.93 5.83 -9.77
C THR A 43 -3.16 5.14 -8.61
N VAL A 44 -3.67 3.99 -8.15
CA VAL A 44 -2.99 3.27 -7.06
C VAL A 44 -1.64 2.72 -7.47
N THR A 45 -1.60 2.05 -8.58
CA THR A 45 -0.37 1.45 -9.05
C THR A 45 0.70 2.50 -9.38
N LYS A 46 0.28 3.62 -9.96
CA LYS A 46 1.19 4.72 -10.26
C LYS A 46 1.76 5.27 -8.97
N LYS A 47 0.89 5.45 -7.97
CA LYS A 47 1.32 5.91 -6.66
C LYS A 47 2.26 4.90 -6.02
N ALA A 48 1.99 3.64 -6.23
CA ALA A 48 2.82 2.57 -5.72
C ALA A 48 4.22 2.66 -6.30
N GLU A 49 4.31 2.86 -7.59
CA GLU A 49 5.59 3.01 -8.25
C GLU A 49 6.27 4.31 -7.86
N GLU A 50 5.46 5.34 -7.57
CA GLU A 50 5.99 6.60 -7.06
C GLU A 50 6.59 6.35 -5.71
N THR A 51 5.93 5.49 -4.96
CA THR A 51 6.35 5.10 -3.66
C THR A 51 7.71 4.36 -3.73
N ILE A 52 7.80 3.45 -4.68
CA ILE A 52 9.02 2.67 -4.91
C ILE A 52 10.16 3.61 -5.36
N SER A 53 9.85 4.51 -6.27
CA SER A 53 10.81 5.48 -6.77
C SER A 53 11.27 6.41 -5.62
N TRP A 54 10.31 6.74 -4.74
CA TRP A 54 10.58 7.58 -3.60
C TRP A 54 11.58 6.88 -2.69
N LEU A 55 11.38 5.59 -2.51
CA LEU A 55 12.26 4.75 -1.67
C LEU A 55 13.65 4.67 -2.24
N ASP A 56 13.74 4.73 -3.54
CA ASP A 56 15.00 4.61 -4.23
C ASP A 56 15.82 5.87 -4.03
N SER A 57 15.14 6.97 -3.86
CA SER A 57 15.81 8.24 -3.65
C SER A 57 15.85 8.61 -2.15
N ASN A 58 15.02 8.00 -1.35
CA ASN A 58 14.90 8.35 0.06
C ASN A 58 15.09 7.16 0.95
N THR A 59 15.98 6.29 0.57
CA THR A 59 16.25 5.09 1.33
C THR A 59 16.91 5.43 2.70
N THR A 60 17.58 6.58 2.77
CA THR A 60 18.23 6.99 4.00
C THR A 60 17.31 7.92 4.84
N ALA A 61 16.04 8.02 4.45
CA ALA A 61 15.08 8.89 5.12
C ALA A 61 14.74 8.39 6.53
N SER A 62 14.12 9.25 7.30
CA SER A 62 13.72 8.94 8.65
C SER A 62 12.46 8.07 8.61
N LYS A 63 12.13 7.38 9.73
CA LYS A 63 10.96 6.51 9.76
C LYS A 63 9.70 7.35 9.61
N GLU A 64 9.83 8.61 10.03
CA GLU A 64 8.76 9.59 9.98
C GLU A 64 8.40 9.86 8.51
N GLU A 65 9.41 9.84 7.66
CA GLU A 65 9.22 10.11 6.26
C GLU A 65 8.58 8.92 5.58
N PHE A 66 9.02 7.72 5.95
CA PHE A 66 8.42 6.52 5.41
C PHE A 66 6.96 6.42 5.86
N ASP A 67 6.72 6.86 7.09
CA ASP A 67 5.37 6.88 7.67
C ASP A 67 4.52 7.93 6.96
N ASP A 68 5.13 9.06 6.63
CA ASP A 68 4.46 10.14 5.92
C ASP A 68 4.03 9.69 4.53
N LYS A 69 4.93 9.04 3.82
CA LYS A 69 4.63 8.49 2.51
C LYS A 69 3.58 7.38 2.63
N LEU A 70 3.61 6.66 3.75
CA LEU A 70 2.61 5.64 4.02
C LEU A 70 1.24 6.33 4.20
N LYS A 71 1.22 7.46 4.91
CA LYS A 71 0.00 8.23 5.07
C LYS A 71 -0.53 8.67 3.72
N GLU A 72 0.37 9.21 2.90
CA GLU A 72 0.04 9.67 1.55
C GLU A 72 -0.55 8.54 0.74
N LEU A 73 0.17 7.44 0.70
CA LEU A 73 -0.22 6.28 -0.08
C LEU A 73 -1.61 5.80 0.37
N GLN A 74 -1.83 5.79 1.68
CA GLN A 74 -3.11 5.39 2.23
C GLN A 74 -4.26 6.31 1.87
N ASP A 75 -4.00 7.61 1.69
CA ASP A 75 -5.11 8.53 1.42
C ASP A 75 -5.65 8.30 0.05
N ILE A 76 -4.75 8.05 -0.87
CA ILE A 76 -5.15 7.77 -2.22
C ILE A 76 -5.69 6.33 -2.34
N ALA A 77 -5.05 5.40 -1.65
CA ALA A 77 -5.39 3.99 -1.75
C ALA A 77 -6.69 3.63 -1.04
N ASN A 78 -6.96 4.23 0.12
CA ASN A 78 -8.17 3.88 0.95
C ASN A 78 -9.49 3.76 0.16
N PRO A 79 -9.93 4.80 -0.63
CA PRO A 79 -11.19 4.70 -1.39
C PRO A 79 -11.14 3.59 -2.43
N ILE A 80 -10.02 3.48 -3.10
CA ILE A 80 -9.83 2.49 -4.14
C ILE A 80 -9.78 1.07 -3.55
N MET A 81 -9.19 0.94 -2.37
CA MET A 81 -9.17 -0.32 -1.64
C MET A 81 -10.58 -0.71 -1.25
N SER A 82 -11.37 0.29 -0.85
CA SER A 82 -12.74 0.07 -0.45
C SER A 82 -13.57 -0.38 -1.67
N LYS A 83 -13.28 0.19 -2.83
CA LYS A 83 -13.93 -0.21 -4.06
C LYS A 83 -13.51 -1.64 -4.43
N LEU A 84 -12.27 -1.96 -4.14
CA LEU A 84 -11.72 -3.28 -4.40
C LEU A 84 -12.41 -4.33 -3.53
N TYR A 85 -12.60 -4.03 -2.24
CA TYR A 85 -13.20 -4.98 -1.29
C TYR A 85 -14.57 -5.47 -1.75
N GLN A 86 -15.37 -4.56 -2.26
CA GLN A 86 -16.72 -4.91 -2.70
C GLN A 86 -16.70 -5.59 -4.05
N ALA A 87 -15.67 -5.32 -4.81
CA ALA A 87 -15.53 -5.86 -6.15
C ALA A 87 -15.03 -7.29 -6.12
N GLY A 88 -13.92 -7.51 -5.47
CA GLY A 88 -13.33 -8.80 -5.46
C GLY A 88 -12.45 -8.97 -4.27
N GLY A 89 -12.95 -8.58 -3.16
CA GLY A 89 -12.22 -8.72 -1.95
C GLY A 89 -13.02 -9.49 -0.96
N ALA A 90 -13.00 -9.08 0.26
CA ALA A 90 -13.79 -9.72 1.27
C ALA A 90 -14.69 -8.69 1.90
N PRO A 91 -15.94 -8.58 1.42
CA PRO A 91 -16.91 -7.64 1.97
C PRO A 91 -17.33 -8.07 3.37
N GLY A 92 -16.66 -7.52 4.36
CA GLY A 92 -16.95 -7.82 5.74
C GLY A 92 -16.71 -9.28 6.07
N GLY A 93 -15.59 -9.80 5.62
CA GLY A 93 -15.22 -11.16 5.90
C GLY A 93 -15.81 -12.18 4.92
N ALA A 94 -17.09 -12.06 4.66
CA ALA A 94 -17.80 -13.00 3.81
C ALA A 94 -17.48 -12.79 2.34
N ALA A 95 -16.83 -13.76 1.78
CA ALA A 95 -16.50 -13.77 0.37
C ALA A 95 -16.84 -15.14 -0.18
N GLY A 96 -17.20 -15.19 -1.43
CA GLY A 96 -17.56 -16.45 -2.03
C GLY A 96 -16.75 -16.72 -3.26
N GLY A 97 -16.69 -17.98 -3.63
CA GLY A 97 -15.93 -18.38 -4.80
C GLY A 97 -16.74 -18.35 -6.07
N ALA A 98 -17.98 -17.91 -5.94
CA ALA A 98 -18.85 -17.76 -7.08
C ALA A 98 -18.56 -16.44 -7.74
N PRO A 99 -18.05 -16.45 -9.00
CA PRO A 99 -17.75 -15.21 -9.72
C PRO A 99 -19.02 -14.46 -10.08
N GLY A 100 -20.01 -15.21 -10.50
CA GLY A 100 -21.26 -14.63 -10.83
C GLY A 100 -22.22 -14.74 -9.70
N GLY A 101 -22.71 -13.61 -9.27
CA GLY A 101 -23.64 -13.55 -8.20
C GLY A 101 -24.47 -12.32 -8.33
N SER A 1 25.68 1.00 20.57
CA SER A 1 24.65 1.93 20.96
C SER A 1 23.29 1.32 20.70
N LYS A 2 22.45 1.20 21.74
CA LYS A 2 21.10 0.71 21.52
C LYS A 2 20.28 1.77 20.80
N GLU A 3 20.63 3.02 21.06
CA GLU A 3 19.91 4.21 20.60
C GLU A 3 19.80 4.21 19.08
N GLU A 4 20.92 4.03 18.42
CA GLU A 4 20.97 3.98 16.97
C GLU A 4 20.29 2.74 16.42
N ASP A 5 20.37 1.65 17.14
CA ASP A 5 19.73 0.41 16.69
C ASP A 5 18.23 0.53 16.74
N GLU A 6 17.73 1.09 17.83
CA GLU A 6 16.31 1.29 18.03
C GLU A 6 15.75 2.22 16.95
N LYS A 7 16.38 3.36 16.76
CA LYS A 7 15.90 4.34 15.79
C LYS A 7 15.99 3.81 14.36
N GLU A 8 17.05 3.07 14.07
CA GLU A 8 17.20 2.56 12.74
C GLU A 8 16.35 1.37 12.44
N SER A 9 16.10 0.53 13.43
CA SER A 9 15.18 -0.58 13.24
C SER A 9 13.79 -0.06 12.93
N GLN A 10 13.47 1.11 13.49
CA GLN A 10 12.22 1.80 13.19
C GLN A 10 12.20 2.21 11.72
N ARG A 11 13.32 2.78 11.24
CA ARG A 11 13.43 3.17 9.83
C ARG A 11 13.39 1.94 8.92
N ILE A 12 14.03 0.86 9.36
CA ILE A 12 14.02 -0.41 8.64
C ILE A 12 12.58 -0.92 8.53
N ALA A 13 11.88 -0.93 9.67
CA ALA A 13 10.50 -1.36 9.75
C ALA A 13 9.60 -0.50 8.88
N SER A 14 9.76 0.82 9.00
CA SER A 14 8.98 1.76 8.20
C SER A 14 9.18 1.49 6.69
N LYS A 15 10.43 1.26 6.29
CA LYS A 15 10.74 0.94 4.91
C LYS A 15 10.11 -0.37 4.50
N ASN A 16 10.35 -1.41 5.29
CA ASN A 16 9.87 -2.77 4.99
C ASN A 16 8.34 -2.80 4.89
N GLN A 17 7.67 -2.15 5.84
CA GLN A 17 6.22 -2.12 5.85
C GLN A 17 5.71 -1.39 4.62
N LEU A 18 6.30 -0.24 4.33
CA LEU A 18 5.93 0.58 3.17
C LEU A 18 6.12 -0.24 1.89
N GLU A 19 7.25 -0.89 1.81
CA GLU A 19 7.65 -1.71 0.69
C GLU A 19 6.65 -2.85 0.48
N SER A 20 6.35 -3.55 1.56
CA SER A 20 5.42 -4.66 1.54
C SER A 20 4.02 -4.20 1.11
N ILE A 21 3.59 -3.02 1.60
CA ILE A 21 2.31 -2.49 1.22
C ILE A 21 2.30 -2.17 -0.28
N ALA A 22 3.39 -1.58 -0.75
CA ALA A 22 3.53 -1.23 -2.17
C ALA A 22 3.39 -2.47 -3.06
N TYR A 23 4.05 -3.56 -2.66
CA TYR A 23 3.94 -4.82 -3.40
C TYR A 23 2.53 -5.38 -3.32
N SER A 24 2.00 -5.44 -2.12
CA SER A 24 0.68 -5.99 -1.88
C SER A 24 -0.39 -5.18 -2.61
N LEU A 25 -0.19 -3.87 -2.69
CA LEU A 25 -1.12 -2.96 -3.33
C LEU A 25 -1.21 -3.32 -4.81
N LYS A 26 -0.04 -3.39 -5.47
CA LYS A 26 0.00 -3.72 -6.90
C LYS A 26 -0.58 -5.11 -7.14
N ASN A 27 -0.18 -6.07 -6.30
CA ASN A 27 -0.65 -7.47 -6.36
C ASN A 27 -2.18 -7.56 -6.28
N THR A 28 -2.76 -6.71 -5.47
CA THR A 28 -4.19 -6.64 -5.32
C THR A 28 -4.84 -6.06 -6.59
N ILE A 29 -4.18 -5.14 -7.24
CA ILE A 29 -4.73 -4.56 -8.45
C ILE A 29 -4.53 -5.56 -9.63
N SER A 30 -3.53 -6.39 -9.52
CA SER A 30 -3.31 -7.46 -10.47
C SER A 30 -4.41 -8.52 -10.32
N GLU A 31 -4.91 -8.66 -9.08
CA GLU A 31 -6.04 -9.50 -8.74
C GLU A 31 -7.30 -8.87 -9.34
N ALA A 32 -7.33 -7.55 -9.34
CA ALA A 32 -8.43 -6.81 -9.89
C ALA A 32 -8.57 -7.06 -11.37
N GLY A 33 -7.54 -6.76 -12.13
CA GLY A 33 -7.62 -6.91 -13.57
C GLY A 33 -8.67 -5.98 -14.14
N ASP A 34 -9.85 -6.51 -14.40
CA ASP A 34 -10.97 -5.72 -14.94
C ASP A 34 -11.90 -5.28 -13.83
N LYS A 35 -11.71 -5.84 -12.63
CA LYS A 35 -12.54 -5.52 -11.46
C LYS A 35 -12.39 -4.04 -11.08
N LEU A 36 -11.20 -3.51 -11.27
CA LEU A 36 -10.95 -2.14 -10.93
C LEU A 36 -10.78 -1.34 -12.21
N GLU A 37 -11.31 -0.14 -12.22
CA GLU A 37 -11.27 0.75 -13.36
C GLU A 37 -9.85 1.24 -13.63
N GLN A 38 -9.54 1.52 -14.89
CA GLN A 38 -8.21 1.95 -15.32
C GLN A 38 -7.73 3.20 -14.60
N ALA A 39 -8.57 4.19 -14.49
CA ALA A 39 -8.19 5.44 -13.83
C ALA A 39 -7.80 5.21 -12.37
N ASP A 40 -8.56 4.37 -11.69
CA ASP A 40 -8.26 4.04 -10.31
C ASP A 40 -7.00 3.22 -10.27
N LYS A 41 -6.95 2.19 -11.14
CA LYS A 41 -5.81 1.28 -11.28
C LYS A 41 -4.51 2.03 -11.46
N ASP A 42 -4.53 3.01 -12.36
CA ASP A 42 -3.36 3.82 -12.65
C ASP A 42 -2.93 4.56 -11.43
N THR A 43 -3.87 5.20 -10.77
CA THR A 43 -3.58 5.98 -9.60
C THR A 43 -2.98 5.11 -8.47
N VAL A 44 -3.55 3.95 -8.21
CA VAL A 44 -3.02 3.09 -7.15
C VAL A 44 -1.68 2.46 -7.47
N THR A 45 -1.58 1.83 -8.62
CA THR A 45 -0.36 1.16 -8.99
C THR A 45 0.80 2.14 -9.18
N LYS A 46 0.51 3.28 -9.78
CA LYS A 46 1.52 4.31 -9.98
C LYS A 46 1.98 4.89 -8.65
N LYS A 47 1.06 5.03 -7.70
CA LYS A 47 1.44 5.48 -6.38
C LYS A 47 2.23 4.39 -5.66
N ALA A 48 1.95 3.15 -5.99
CA ALA A 48 2.71 2.05 -5.47
C ALA A 48 4.14 2.06 -6.05
N GLU A 49 4.24 2.44 -7.33
CA GLU A 49 5.55 2.66 -7.97
C GLU A 49 6.27 3.76 -7.20
N GLU A 50 5.52 4.81 -6.91
CA GLU A 50 5.94 5.96 -6.25
C GLU A 50 6.39 5.64 -4.85
N THR A 51 5.71 4.73 -4.19
CA THR A 51 6.10 4.34 -2.89
C THR A 51 7.46 3.73 -2.82
N ILE A 52 7.74 2.85 -3.75
CA ILE A 52 9.04 2.20 -3.76
C ILE A 52 10.10 3.20 -4.21
N SER A 53 9.76 3.99 -5.23
CA SER A 53 10.63 4.99 -5.78
C SER A 53 11.03 6.04 -4.70
N TRP A 54 10.03 6.55 -3.95
CA TRP A 54 10.25 7.53 -2.90
C TRP A 54 11.20 6.95 -1.87
N LEU A 55 10.96 5.69 -1.52
CA LEU A 55 11.79 4.98 -0.55
C LEU A 55 13.26 4.89 -1.01
N ASP A 56 13.46 4.62 -2.28
CA ASP A 56 14.80 4.42 -2.85
C ASP A 56 15.53 5.74 -2.99
N SER A 57 14.80 6.77 -3.29
CA SER A 57 15.39 8.06 -3.48
C SER A 57 15.43 8.89 -2.18
N ASN A 58 14.71 8.47 -1.17
CA ASN A 58 14.61 9.24 0.07
C ASN A 58 14.89 8.36 1.25
N THR A 59 15.83 7.45 1.08
CA THR A 59 16.22 6.50 2.10
C THR A 59 16.73 7.20 3.40
N THR A 60 17.23 8.43 3.26
CA THR A 60 17.74 9.19 4.39
C THR A 60 16.61 9.96 5.11
N ALA A 61 15.37 9.82 4.62
CA ALA A 61 14.25 10.49 5.22
C ALA A 61 13.93 9.87 6.55
N SER A 62 13.28 10.58 7.39
CA SER A 62 12.95 10.09 8.68
C SER A 62 11.90 8.98 8.60
N LYS A 63 11.87 8.14 9.60
CA LYS A 63 11.01 6.98 9.60
C LYS A 63 9.54 7.40 9.71
N GLU A 64 9.35 8.55 10.31
CA GLU A 64 8.05 9.17 10.44
C GLU A 64 7.53 9.57 9.06
N GLU A 65 8.44 10.02 8.20
CA GLU A 65 8.10 10.45 6.84
C GLU A 65 7.68 9.26 5.99
N PHE A 66 8.35 8.14 6.19
CA PHE A 66 7.98 6.91 5.50
C PHE A 66 6.55 6.51 5.84
N ASP A 67 6.21 6.63 7.11
CA ASP A 67 4.87 6.30 7.60
C ASP A 67 3.82 7.32 7.13
N ASP A 68 4.23 8.57 7.02
CA ASP A 68 3.33 9.66 6.61
C ASP A 68 2.95 9.48 5.16
N LYS A 69 3.94 9.19 4.36
CA LYS A 69 3.77 8.97 2.95
C LYS A 69 3.05 7.62 2.70
N LEU A 70 3.18 6.69 3.65
CA LEU A 70 2.43 5.44 3.63
C LEU A 70 0.95 5.77 3.81
N LYS A 71 0.67 6.73 4.67
CA LYS A 71 -0.69 7.17 4.92
C LYS A 71 -1.22 7.86 3.68
N GLU A 72 -0.37 8.62 2.98
CA GLU A 72 -0.77 9.26 1.71
C GLU A 72 -1.20 8.21 0.70
N LEU A 73 -0.45 7.11 0.67
CA LEU A 73 -0.75 5.98 -0.21
C LEU A 73 -2.14 5.42 0.15
N GLN A 74 -2.34 5.16 1.43
CA GLN A 74 -3.60 4.63 1.94
C GLN A 74 -4.75 5.61 1.78
N ASP A 75 -4.46 6.88 1.93
CA ASP A 75 -5.47 7.96 1.85
C ASP A 75 -6.16 7.95 0.50
N ILE A 76 -5.36 7.86 -0.54
CA ILE A 76 -5.86 7.85 -1.91
C ILE A 76 -6.43 6.47 -2.27
N ALA A 77 -5.80 5.43 -1.78
CA ALA A 77 -6.20 4.06 -2.09
C ALA A 77 -7.44 3.63 -1.33
N ASN A 78 -7.80 4.38 -0.31
CA ASN A 78 -8.96 4.05 0.54
C ASN A 78 -10.29 3.98 -0.27
N PRO A 79 -10.73 5.08 -0.99
CA PRO A 79 -11.98 5.03 -1.79
C PRO A 79 -11.86 4.02 -2.95
N ILE A 80 -10.64 3.83 -3.41
CA ILE A 80 -10.35 2.89 -4.46
C ILE A 80 -10.51 1.45 -3.93
N MET A 81 -10.11 1.22 -2.71
CA MET A 81 -10.30 -0.09 -2.09
C MET A 81 -11.73 -0.32 -1.74
N SER A 82 -12.45 0.75 -1.51
CA SER A 82 -13.86 0.68 -1.24
C SER A 82 -14.56 0.07 -2.46
N LYS A 83 -14.18 0.54 -3.66
CA LYS A 83 -14.73 -0.04 -4.86
C LYS A 83 -14.14 -1.41 -5.14
N LEU A 84 -12.81 -1.56 -5.00
CA LEU A 84 -12.10 -2.82 -5.27
C LEU A 84 -12.75 -4.00 -4.57
N TYR A 85 -12.95 -3.87 -3.27
CA TYR A 85 -13.52 -4.95 -2.50
C TYR A 85 -14.93 -5.27 -2.90
N GLN A 86 -15.75 -4.27 -3.06
CA GLN A 86 -17.16 -4.50 -3.36
C GLN A 86 -17.42 -4.83 -4.82
N ALA A 87 -16.51 -4.45 -5.70
CA ALA A 87 -16.63 -4.76 -7.12
C ALA A 87 -16.43 -6.23 -7.36
N GLY A 88 -15.40 -6.79 -6.74
CA GLY A 88 -15.16 -8.20 -6.89
C GLY A 88 -13.93 -8.64 -6.16
N GLY A 89 -13.64 -7.99 -5.07
CA GLY A 89 -12.47 -8.33 -4.31
C GLY A 89 -12.84 -9.15 -3.13
N ALA A 90 -13.35 -8.49 -2.14
CA ALA A 90 -13.80 -9.12 -0.92
C ALA A 90 -14.81 -8.21 -0.24
N PRO A 91 -16.09 -8.28 -0.65
CA PRO A 91 -17.14 -7.49 -0.06
C PRO A 91 -17.55 -8.10 1.27
N GLY A 92 -16.92 -7.64 2.33
CA GLY A 92 -17.17 -8.17 3.65
C GLY A 92 -16.28 -9.38 3.88
N GLY A 93 -16.36 -10.31 2.96
CA GLY A 93 -15.59 -11.50 2.95
C GLY A 93 -15.47 -11.98 1.53
N ALA A 94 -14.81 -13.08 1.30
CA ALA A 94 -14.63 -13.59 -0.05
C ALA A 94 -14.49 -15.10 -0.03
N ALA A 95 -14.30 -15.67 -1.21
CA ALA A 95 -14.04 -17.09 -1.33
C ALA A 95 -12.68 -17.40 -0.73
N GLY A 96 -11.73 -16.52 -0.97
CA GLY A 96 -10.42 -16.67 -0.39
C GLY A 96 -9.35 -16.46 -1.42
N GLY A 97 -8.79 -17.54 -1.91
CA GLY A 97 -7.74 -17.46 -2.86
C GLY A 97 -7.12 -18.80 -3.07
N ALA A 98 -5.95 -18.82 -3.63
CA ALA A 98 -5.22 -20.03 -3.91
C ALA A 98 -4.16 -20.26 -2.81
N PRO A 99 -3.60 -21.50 -2.68
CA PRO A 99 -2.59 -21.83 -1.65
C PRO A 99 -1.37 -20.88 -1.65
N GLY A 100 -1.00 -20.39 -2.83
CA GLY A 100 0.14 -19.48 -2.95
C GLY A 100 -0.11 -18.14 -2.28
N GLY A 101 -1.35 -17.72 -2.25
CA GLY A 101 -1.69 -16.46 -1.65
C GLY A 101 -2.30 -15.57 -2.69
N SER A 1 24.96 2.08 17.56
CA SER A 1 24.57 2.63 18.85
C SER A 1 23.16 2.12 19.23
N LYS A 2 22.91 1.96 20.53
CA LYS A 2 21.68 1.35 21.05
C LYS A 2 20.40 2.10 20.68
N GLU A 3 20.35 3.39 20.91
CA GLU A 3 19.16 4.18 20.61
C GLU A 3 19.01 4.32 19.10
N GLU A 4 20.15 4.35 18.44
CA GLU A 4 20.24 4.33 17.01
C GLU A 4 19.55 3.07 16.46
N ASP A 5 19.81 1.90 17.09
CA ASP A 5 19.19 0.61 16.67
C ASP A 5 17.70 0.75 16.69
N GLU A 6 17.20 1.28 17.79
CA GLU A 6 15.79 1.49 18.02
C GLU A 6 15.21 2.35 16.89
N LYS A 7 15.85 3.47 16.61
CA LYS A 7 15.46 4.39 15.60
C LYS A 7 15.49 3.73 14.20
N GLU A 8 16.55 2.99 13.92
CA GLU A 8 16.71 2.30 12.66
C GLU A 8 15.63 1.24 12.50
N SER A 9 15.29 0.58 13.58
CA SER A 9 14.26 -0.43 13.58
C SER A 9 12.89 0.19 13.30
N GLN A 10 12.67 1.42 13.76
CA GLN A 10 11.44 2.14 13.48
C GLN A 10 11.38 2.47 11.99
N ARG A 11 12.53 2.78 11.40
CA ARG A 11 12.61 2.99 9.96
C ARG A 11 12.28 1.69 9.26
N ILE A 12 12.91 0.61 9.69
CA ILE A 12 12.69 -0.71 9.10
C ILE A 12 11.20 -1.10 9.16
N ALA A 13 10.59 -0.93 10.31
CA ALA A 13 9.18 -1.28 10.50
C ALA A 13 8.24 -0.50 9.58
N SER A 14 8.47 0.80 9.47
CA SER A 14 7.65 1.63 8.61
C SER A 14 7.97 1.33 7.13
N LYS A 15 9.26 1.22 6.83
CA LYS A 15 9.79 0.92 5.50
C LYS A 15 9.22 -0.38 4.97
N ASN A 16 9.21 -1.42 5.80
CA ASN A 16 8.72 -2.74 5.37
C ASN A 16 7.23 -2.72 5.15
N GLN A 17 6.51 -2.03 6.00
CA GLN A 17 5.07 -1.94 5.87
C GLN A 17 4.73 -1.16 4.61
N LEU A 18 5.44 -0.07 4.43
CA LEU A 18 5.31 0.80 3.30
C LEU A 18 5.59 0.03 1.99
N GLU A 19 6.73 -0.65 1.95
CA GLU A 19 7.13 -1.42 0.80
C GLU A 19 6.13 -2.55 0.50
N SER A 20 5.75 -3.27 1.54
CA SER A 20 4.87 -4.39 1.39
C SER A 20 3.50 -3.97 0.85
N ILE A 21 2.97 -2.87 1.38
CA ILE A 21 1.70 -2.39 0.93
C ILE A 21 1.79 -1.94 -0.53
N ALA A 22 2.86 -1.22 -0.87
CA ALA A 22 3.04 -0.73 -2.23
C ALA A 22 3.10 -1.89 -3.25
N TYR A 23 3.85 -2.95 -2.93
CA TYR A 23 3.93 -4.09 -3.83
C TYR A 23 2.60 -4.83 -3.89
N SER A 24 2.03 -5.11 -2.71
CA SER A 24 0.81 -5.87 -2.63
C SER A 24 -0.35 -5.11 -3.30
N LEU A 25 -0.32 -3.79 -3.21
CA LEU A 25 -1.33 -2.94 -3.83
C LEU A 25 -1.33 -3.14 -5.34
N LYS A 26 -0.15 -2.99 -5.96
CA LYS A 26 -0.04 -3.13 -7.41
C LYS A 26 -0.45 -4.52 -7.85
N ASN A 27 -0.04 -5.49 -7.06
CA ASN A 27 -0.34 -6.89 -7.30
C ASN A 27 -1.86 -7.10 -7.30
N THR A 28 -2.51 -6.62 -6.25
CA THR A 28 -3.94 -6.79 -6.10
C THR A 28 -4.73 -6.09 -7.24
N ILE A 29 -4.26 -4.91 -7.66
CA ILE A 29 -4.95 -4.16 -8.72
C ILE A 29 -4.81 -4.88 -10.07
N SER A 30 -3.63 -5.46 -10.30
CA SER A 30 -3.36 -6.14 -11.57
C SER A 30 -4.14 -7.46 -11.68
N GLU A 31 -4.48 -8.03 -10.53
CA GLU A 31 -5.29 -9.25 -10.51
C GLU A 31 -6.76 -8.91 -10.64
N ALA A 32 -7.11 -7.70 -10.24
CA ALA A 32 -8.48 -7.21 -10.34
C ALA A 32 -8.82 -7.01 -11.80
N GLY A 33 -7.92 -6.35 -12.51
CA GLY A 33 -8.05 -6.15 -13.93
C GLY A 33 -9.27 -5.33 -14.32
N ASP A 34 -10.31 -6.02 -14.76
CA ASP A 34 -11.51 -5.39 -15.30
C ASP A 34 -12.39 -4.87 -14.20
N LYS A 35 -12.17 -5.36 -13.00
CA LYS A 35 -12.99 -5.05 -11.85
C LYS A 35 -12.79 -3.61 -11.32
N LEU A 36 -11.81 -2.90 -11.86
CA LEU A 36 -11.56 -1.53 -11.44
C LEU A 36 -11.42 -0.61 -12.61
N GLU A 37 -11.94 0.59 -12.43
CA GLU A 37 -11.82 1.68 -13.38
C GLU A 37 -10.33 1.96 -13.59
N GLN A 38 -9.96 2.12 -14.86
CA GLN A 38 -8.55 2.28 -15.22
C GLN A 38 -7.92 3.53 -14.62
N ALA A 39 -8.73 4.56 -14.41
CA ALA A 39 -8.25 5.78 -13.80
C ALA A 39 -7.75 5.51 -12.40
N ASP A 40 -8.59 4.92 -11.57
CA ASP A 40 -8.23 4.63 -10.18
C ASP A 40 -7.11 3.62 -10.13
N LYS A 41 -7.15 2.67 -11.05
CA LYS A 41 -6.13 1.66 -11.22
C LYS A 41 -4.77 2.32 -11.39
N ASP A 42 -4.71 3.32 -12.24
CA ASP A 42 -3.47 3.99 -12.55
C ASP A 42 -3.09 4.97 -11.45
N THR A 43 -4.07 5.41 -10.68
CA THR A 43 -3.81 6.30 -9.56
C THR A 43 -3.05 5.55 -8.45
N VAL A 44 -3.60 4.41 -8.02
CA VAL A 44 -2.99 3.61 -6.94
C VAL A 44 -1.62 3.09 -7.30
N THR A 45 -1.52 2.48 -8.44
CA THR A 45 -0.28 1.91 -8.88
C THR A 45 0.81 2.95 -9.11
N LYS A 46 0.45 4.09 -9.70
CA LYS A 46 1.42 5.18 -9.95
C LYS A 46 2.03 5.63 -8.65
N LYS A 47 1.18 5.82 -7.66
CA LYS A 47 1.61 6.22 -6.33
C LYS A 47 2.47 5.11 -5.74
N ALA A 48 2.07 3.89 -5.92
CA ALA A 48 2.81 2.76 -5.40
C ALA A 48 4.20 2.68 -6.03
N GLU A 49 4.28 2.91 -7.32
CA GLU A 49 5.54 2.87 -8.01
C GLU A 49 6.40 4.09 -7.65
N GLU A 50 5.74 5.22 -7.36
CA GLU A 50 6.47 6.42 -6.94
C GLU A 50 7.02 6.16 -5.55
N THR A 51 6.28 5.38 -4.79
CA THR A 51 6.63 4.98 -3.48
C THR A 51 7.85 4.02 -3.49
N ILE A 52 7.82 3.06 -4.42
CA ILE A 52 8.91 2.10 -4.57
C ILE A 52 10.21 2.83 -4.95
N SER A 53 10.10 3.71 -5.92
CA SER A 53 11.24 4.47 -6.37
C SER A 53 11.72 5.44 -5.28
N TRP A 54 10.78 6.04 -4.55
CA TRP A 54 11.09 6.93 -3.44
C TRP A 54 11.93 6.19 -2.41
N LEU A 55 11.52 4.99 -2.08
CA LEU A 55 12.20 4.15 -1.08
C LEU A 55 13.66 3.90 -1.48
N ASP A 56 13.89 3.63 -2.75
CA ASP A 56 15.24 3.33 -3.24
C ASP A 56 16.08 4.59 -3.28
N SER A 57 15.43 5.69 -3.52
CA SER A 57 16.09 6.93 -3.71
C SER A 57 16.35 7.66 -2.38
N ASN A 58 15.50 7.45 -1.40
CA ASN A 58 15.53 8.21 -0.16
C ASN A 58 15.56 7.32 1.06
N THR A 59 16.27 6.24 0.93
CA THR A 59 16.41 5.24 1.96
C THR A 59 16.99 5.82 3.28
N THR A 60 17.76 6.89 3.19
CA THR A 60 18.41 7.50 4.32
C THR A 60 17.46 8.42 5.13
N ALA A 61 16.25 8.65 4.61
CA ALA A 61 15.28 9.51 5.28
C ALA A 61 14.82 8.87 6.58
N SER A 62 14.32 9.63 7.51
CA SER A 62 13.92 9.07 8.78
C SER A 62 12.57 8.35 8.62
N LYS A 63 12.16 7.66 9.68
CA LYS A 63 10.96 6.84 9.65
C LYS A 63 9.71 7.65 9.39
N GLU A 64 9.74 8.92 9.79
CA GLU A 64 8.64 9.85 9.57
C GLU A 64 8.30 10.00 8.10
N GLU A 65 9.31 9.94 7.26
CA GLU A 65 9.08 10.09 5.84
C GLU A 65 8.44 8.83 5.27
N PHE A 66 8.90 7.68 5.72
CA PHE A 66 8.33 6.40 5.30
C PHE A 66 6.90 6.28 5.81
N ASP A 67 6.72 6.69 7.06
CA ASP A 67 5.43 6.67 7.72
C ASP A 67 4.48 7.64 7.03
N ASP A 68 5.03 8.71 6.48
CA ASP A 68 4.23 9.69 5.73
C ASP A 68 3.73 9.06 4.45
N LYS A 69 4.65 8.46 3.68
CA LYS A 69 4.28 7.82 2.42
C LYS A 69 3.26 6.73 2.65
N LEU A 70 3.42 6.00 3.75
CA LEU A 70 2.51 4.94 4.14
C LEU A 70 1.11 5.53 4.35
N LYS A 71 1.03 6.62 5.10
CA LYS A 71 -0.27 7.23 5.38
C LYS A 71 -0.90 7.80 4.10
N GLU A 72 -0.06 8.31 3.20
CA GLU A 72 -0.53 8.80 1.90
C GLU A 72 -1.11 7.63 1.12
N LEU A 73 -0.34 6.56 1.05
CA LEU A 73 -0.70 5.37 0.32
C LEU A 73 -1.99 4.78 0.86
N GLN A 74 -2.13 4.77 2.18
CA GLN A 74 -3.34 4.27 2.83
C GLN A 74 -4.53 5.19 2.55
N ASP A 75 -4.26 6.47 2.39
CA ASP A 75 -5.30 7.46 2.14
C ASP A 75 -5.78 7.39 0.70
N ILE A 76 -4.84 7.45 -0.23
CA ILE A 76 -5.13 7.43 -1.67
C ILE A 76 -5.86 6.15 -2.06
N ALA A 77 -5.43 5.04 -1.51
CA ALA A 77 -6.00 3.76 -1.84
C ALA A 77 -7.28 3.48 -1.05
N ASN A 78 -7.59 4.30 -0.06
CA ASN A 78 -8.74 4.06 0.82
C ASN A 78 -10.08 3.98 0.04
N PRO A 79 -10.49 5.02 -0.75
CA PRO A 79 -11.76 4.99 -1.47
C PRO A 79 -11.74 3.97 -2.61
N ILE A 80 -10.57 3.78 -3.18
CA ILE A 80 -10.37 2.84 -4.28
C ILE A 80 -10.50 1.40 -3.77
N MET A 81 -10.05 1.17 -2.55
CA MET A 81 -10.19 -0.13 -1.94
C MET A 81 -11.60 -0.40 -1.49
N SER A 82 -12.36 0.65 -1.23
CA SER A 82 -13.75 0.49 -0.92
C SER A 82 -14.47 -0.06 -2.16
N LYS A 83 -13.92 0.25 -3.33
CA LYS A 83 -14.38 -0.33 -4.56
C LYS A 83 -13.92 -1.79 -4.67
N LEU A 84 -12.60 -1.99 -4.59
CA LEU A 84 -12.02 -3.28 -4.88
C LEU A 84 -12.33 -4.38 -3.87
N TYR A 85 -12.40 -4.07 -2.59
CA TYR A 85 -12.65 -5.14 -1.60
C TYR A 85 -13.94 -5.89 -1.86
N GLN A 86 -14.98 -5.18 -2.17
CA GLN A 86 -16.26 -5.82 -2.45
C GLN A 86 -16.33 -6.37 -3.88
N ALA A 87 -15.70 -5.69 -4.82
CA ALA A 87 -15.78 -6.06 -6.24
C ALA A 87 -14.79 -7.15 -6.64
N GLY A 88 -13.68 -7.23 -5.94
CA GLY A 88 -12.66 -8.18 -6.29
C GLY A 88 -12.03 -8.70 -5.06
N GLY A 89 -12.85 -9.27 -4.24
CA GLY A 89 -12.43 -9.79 -3.00
C GLY A 89 -13.56 -10.55 -2.34
N ALA A 90 -14.36 -9.82 -1.61
CA ALA A 90 -15.51 -10.32 -0.91
C ALA A 90 -16.17 -9.12 -0.28
N PRO A 91 -17.53 -9.07 -0.21
CA PRO A 91 -18.26 -7.91 0.37
C PRO A 91 -17.67 -7.44 1.70
N GLY A 92 -17.33 -8.37 2.55
CA GLY A 92 -16.76 -8.05 3.83
C GLY A 92 -17.82 -7.70 4.81
N GLY A 93 -18.76 -8.60 4.96
CA GLY A 93 -19.86 -8.38 5.85
C GLY A 93 -20.70 -9.62 5.98
N ALA A 94 -21.74 -9.69 5.19
CA ALA A 94 -22.65 -10.81 5.25
C ALA A 94 -22.38 -11.77 4.12
N ALA A 95 -22.62 -11.30 2.88
CA ALA A 95 -22.45 -12.09 1.64
C ALA A 95 -23.44 -13.25 1.60
N GLY A 96 -24.52 -13.10 2.33
CA GLY A 96 -25.49 -14.14 2.43
C GLY A 96 -26.64 -13.92 1.49
N GLY A 97 -26.77 -14.78 0.55
CA GLY A 97 -27.84 -14.68 -0.40
C GLY A 97 -27.47 -15.38 -1.66
N ALA A 98 -28.41 -15.58 -2.53
CA ALA A 98 -28.15 -16.24 -3.77
C ALA A 98 -29.02 -15.67 -4.87
N PRO A 99 -28.46 -14.81 -5.74
CA PRO A 99 -29.18 -14.23 -6.88
C PRO A 99 -29.15 -15.19 -8.09
N GLY A 100 -29.08 -16.45 -7.77
CA GLY A 100 -28.96 -17.51 -8.71
C GLY A 100 -28.22 -18.62 -8.04
N GLY A 101 -27.12 -18.26 -7.45
CA GLY A 101 -26.32 -19.14 -6.67
C GLY A 101 -25.27 -18.30 -6.00
N SER A 1 22.55 1.10 20.66
CA SER A 1 21.91 1.16 21.94
C SER A 1 20.43 1.01 21.72
N LYS A 2 19.70 0.51 22.72
CA LYS A 2 18.30 0.09 22.58
C LYS A 2 17.41 1.12 21.91
N GLU A 3 17.42 2.32 22.42
CA GLU A 3 16.54 3.37 21.92
C GLU A 3 16.97 3.83 20.53
N GLU A 4 18.28 3.94 20.34
CA GLU A 4 18.84 4.36 19.08
C GLU A 4 18.57 3.29 18.01
N ASP A 5 18.72 2.04 18.39
CA ASP A 5 18.51 0.92 17.50
C ASP A 5 17.04 0.75 17.18
N GLU A 6 16.17 1.06 18.14
CA GLU A 6 14.74 1.04 17.91
C GLU A 6 14.32 2.08 16.89
N LYS A 7 14.99 3.24 16.90
CA LYS A 7 14.73 4.30 15.92
C LYS A 7 15.02 3.75 14.52
N GLU A 8 16.14 3.06 14.41
CA GLU A 8 16.54 2.39 13.18
C GLU A 8 15.56 1.29 12.81
N SER A 9 15.10 0.54 13.80
CA SER A 9 14.18 -0.56 13.56
C SER A 9 12.86 -0.04 12.98
N GLN A 10 12.36 1.06 13.53
CA GLN A 10 11.14 1.69 13.02
C GLN A 10 11.36 2.18 11.61
N ARG A 11 12.56 2.66 11.35
CA ARG A 11 12.95 3.15 10.05
C ARG A 11 12.97 2.00 9.05
N ILE A 12 13.62 0.90 9.42
CA ILE A 12 13.70 -0.31 8.60
C ILE A 12 12.29 -0.82 8.31
N ALA A 13 11.50 -0.93 9.36
CA ALA A 13 10.15 -1.42 9.26
C ALA A 13 9.33 -0.57 8.31
N SER A 14 9.43 0.73 8.44
CA SER A 14 8.69 1.65 7.59
C SER A 14 9.14 1.57 6.12
N LYS A 15 10.45 1.37 5.89
CA LYS A 15 10.98 1.19 4.54
C LYS A 15 10.33 -0.02 3.91
N ASN A 16 10.41 -1.13 4.63
CA ASN A 16 9.90 -2.41 4.16
C ASN A 16 8.40 -2.38 4.05
N GLN A 17 7.76 -1.64 4.93
CA GLN A 17 6.31 -1.53 4.94
C GLN A 17 5.80 -0.85 3.69
N LEU A 18 6.37 0.29 3.31
CA LEU A 18 5.89 0.94 2.10
C LEU A 18 6.28 0.16 0.86
N GLU A 19 7.39 -0.57 0.96
CA GLU A 19 7.85 -1.46 -0.10
C GLU A 19 6.82 -2.57 -0.32
N SER A 20 6.54 -3.29 0.75
CA SER A 20 5.63 -4.41 0.74
C SER A 20 4.23 -3.97 0.33
N ILE A 21 3.76 -2.90 0.93
CA ILE A 21 2.46 -2.37 0.61
C ILE A 21 2.37 -1.92 -0.86
N ALA A 22 3.45 -1.37 -1.40
CA ALA A 22 3.48 -0.95 -2.80
C ALA A 22 3.32 -2.15 -3.73
N TYR A 23 4.08 -3.22 -3.47
CA TYR A 23 3.97 -4.42 -4.31
C TYR A 23 2.62 -5.06 -4.15
N SER A 24 2.15 -5.13 -2.92
CA SER A 24 0.88 -5.70 -2.61
C SER A 24 -0.24 -4.92 -3.30
N LEU A 25 -0.14 -3.59 -3.29
CA LEU A 25 -1.11 -2.73 -3.94
C LEU A 25 -1.18 -3.04 -5.43
N LYS A 26 -0.03 -3.00 -6.09
CA LYS A 26 0.03 -3.26 -7.53
C LYS A 26 -0.51 -4.64 -7.88
N ASN A 27 -0.05 -5.64 -7.14
CA ASN A 27 -0.42 -7.02 -7.38
C ASN A 27 -1.93 -7.25 -7.17
N THR A 28 -2.47 -6.68 -6.10
CA THR A 28 -3.89 -6.84 -5.79
C THR A 28 -4.77 -6.20 -6.87
N ILE A 29 -4.37 -5.00 -7.33
CA ILE A 29 -5.14 -4.30 -8.34
C ILE A 29 -5.01 -5.03 -9.68
N SER A 30 -3.83 -5.57 -9.92
CA SER A 30 -3.55 -6.31 -11.13
C SER A 30 -4.45 -7.55 -11.20
N GLU A 31 -4.55 -8.30 -10.11
CA GLU A 31 -5.40 -9.49 -10.09
C GLU A 31 -6.88 -9.12 -9.99
N ALA A 32 -7.16 -7.90 -9.58
CA ALA A 32 -8.52 -7.41 -9.54
C ALA A 32 -9.04 -7.25 -10.95
N GLY A 33 -8.19 -6.70 -11.81
CA GLY A 33 -8.47 -6.59 -13.22
C GLY A 33 -9.63 -5.69 -13.55
N ASP A 34 -10.80 -6.27 -13.61
CA ASP A 34 -12.01 -5.57 -14.04
C ASP A 34 -12.84 -5.11 -12.87
N LYS A 35 -12.52 -5.62 -11.70
CA LYS A 35 -13.19 -5.22 -10.44
C LYS A 35 -13.04 -3.72 -10.20
N LEU A 36 -11.96 -3.18 -10.70
CA LEU A 36 -11.70 -1.76 -10.67
C LEU A 36 -11.41 -1.35 -12.08
N GLU A 37 -11.87 -0.21 -12.49
CA GLU A 37 -11.67 0.18 -13.85
C GLU A 37 -10.28 0.77 -14.07
N GLN A 38 -9.95 1.05 -15.32
CA GLN A 38 -8.60 1.44 -15.69
C GLN A 38 -8.08 2.70 -14.97
N ALA A 39 -8.94 3.67 -14.74
CA ALA A 39 -8.51 4.91 -14.09
C ALA A 39 -8.17 4.66 -12.62
N ASP A 40 -9.03 3.90 -11.93
CA ASP A 40 -8.77 3.52 -10.52
C ASP A 40 -7.48 2.77 -10.46
N LYS A 41 -7.37 1.78 -11.34
CA LYS A 41 -6.21 0.91 -11.45
C LYS A 41 -4.95 1.73 -11.64
N ASP A 42 -5.03 2.70 -12.50
CA ASP A 42 -3.90 3.55 -12.87
C ASP A 42 -3.47 4.43 -11.70
N THR A 43 -4.43 4.98 -10.97
CA THR A 43 -4.13 5.86 -9.85
C THR A 43 -3.35 5.11 -8.74
N VAL A 44 -3.86 3.96 -8.32
CA VAL A 44 -3.21 3.19 -7.27
C VAL A 44 -1.85 2.64 -7.66
N THR A 45 -1.78 1.99 -8.80
CA THR A 45 -0.55 1.42 -9.26
C THR A 45 0.54 2.48 -9.47
N LYS A 46 0.19 3.59 -10.11
CA LYS A 46 1.15 4.68 -10.32
C LYS A 46 1.59 5.32 -9.02
N LYS A 47 0.76 5.28 -8.01
CA LYS A 47 1.16 5.83 -6.74
C LYS A 47 2.14 4.87 -6.07
N ALA A 48 2.01 3.60 -6.37
CA ALA A 48 2.92 2.60 -5.87
C ALA A 48 4.27 2.77 -6.56
N GLU A 49 4.23 3.10 -7.85
CA GLU A 49 5.42 3.41 -8.65
C GLU A 49 6.19 4.56 -8.00
N GLU A 50 5.43 5.54 -7.53
CA GLU A 50 5.90 6.68 -6.85
C GLU A 50 6.57 6.27 -5.55
N THR A 51 5.90 5.39 -4.85
CA THR A 51 6.35 4.95 -3.56
C THR A 51 7.65 4.11 -3.66
N ILE A 52 7.71 3.25 -4.64
CA ILE A 52 8.88 2.41 -4.86
C ILE A 52 10.10 3.28 -5.24
N SER A 53 9.87 4.23 -6.14
CA SER A 53 10.95 5.12 -6.55
C SER A 53 11.37 6.05 -5.41
N TRP A 54 10.39 6.47 -4.59
CA TRP A 54 10.64 7.30 -3.44
C TRP A 54 11.57 6.57 -2.48
N LEU A 55 11.27 5.30 -2.23
CA LEU A 55 12.05 4.44 -1.35
C LEU A 55 13.48 4.30 -1.85
N ASP A 56 13.64 4.19 -3.14
CA ASP A 56 14.94 4.00 -3.77
C ASP A 56 15.78 5.26 -3.67
N SER A 57 15.13 6.39 -3.76
CA SER A 57 15.82 7.62 -3.71
C SER A 57 16.05 8.06 -2.25
N ASN A 58 15.07 7.84 -1.42
CA ASN A 58 15.09 8.31 -0.04
C ASN A 58 15.47 7.24 0.93
N THR A 59 16.39 6.38 0.56
CA THR A 59 16.89 5.33 1.44
C THR A 59 17.49 5.93 2.72
N THR A 60 18.03 7.13 2.57
CA THR A 60 18.67 7.83 3.64
C THR A 60 17.68 8.72 4.46
N ALA A 61 16.38 8.60 4.19
CA ALA A 61 15.38 9.40 4.89
C ALA A 61 15.11 8.84 6.29
N SER A 62 14.36 9.58 7.08
CA SER A 62 14.07 9.19 8.44
C SER A 62 12.81 8.32 8.49
N LYS A 63 12.63 7.61 9.62
CA LYS A 63 11.49 6.71 9.85
C LYS A 63 10.17 7.42 9.67
N GLU A 64 10.16 8.66 10.08
CA GLU A 64 8.98 9.50 10.05
C GLU A 64 8.56 9.80 8.63
N GLU A 65 9.52 9.88 7.75
CA GLU A 65 9.27 10.19 6.36
C GLU A 65 8.70 9.00 5.63
N PHE A 66 9.17 7.80 5.99
CA PHE A 66 8.64 6.57 5.41
C PHE A 66 7.23 6.36 5.93
N ASP A 67 7.04 6.63 7.21
CA ASP A 67 5.73 6.58 7.87
C ASP A 67 4.76 7.51 7.16
N ASP A 68 5.24 8.72 6.95
CA ASP A 68 4.49 9.79 6.27
C ASP A 68 4.06 9.37 4.87
N LYS A 69 4.97 8.72 4.15
CA LYS A 69 4.66 8.20 2.82
C LYS A 69 3.65 7.08 2.88
N LEU A 70 3.83 6.16 3.83
CA LEU A 70 2.89 5.06 4.00
C LEU A 70 1.48 5.64 4.25
N LYS A 71 1.43 6.67 5.08
CA LYS A 71 0.19 7.36 5.40
C LYS A 71 -0.49 7.91 4.16
N GLU A 72 0.25 8.69 3.36
CA GLU A 72 -0.32 9.33 2.18
C GLU A 72 -0.60 8.33 1.05
N LEU A 73 0.18 7.26 1.01
CA LEU A 73 -0.05 6.18 0.07
C LEU A 73 -1.40 5.53 0.38
N GLN A 74 -1.58 5.14 1.64
CA GLN A 74 -2.80 4.51 2.09
C GLN A 74 -3.99 5.46 2.01
N ASP A 75 -3.74 6.72 2.29
CA ASP A 75 -4.78 7.76 2.28
C ASP A 75 -5.44 7.91 0.90
N ILE A 76 -4.64 7.94 -0.15
CA ILE A 76 -5.16 8.09 -1.51
C ILE A 76 -5.73 6.76 -2.03
N ALA A 77 -5.08 5.66 -1.67
CA ALA A 77 -5.51 4.35 -2.14
C ALA A 77 -6.74 3.84 -1.38
N ASN A 78 -6.99 4.43 -0.22
CA ASN A 78 -8.09 4.04 0.70
C ASN A 78 -9.44 3.79 0.01
N PRO A 79 -10.06 4.81 -0.68
CA PRO A 79 -11.38 4.62 -1.31
C PRO A 79 -11.36 3.52 -2.38
N ILE A 80 -10.28 3.47 -3.13
CA ILE A 80 -10.14 2.50 -4.21
C ILE A 80 -10.00 1.09 -3.63
N MET A 81 -9.25 0.95 -2.55
CA MET A 81 -9.09 -0.33 -1.90
C MET A 81 -10.36 -0.75 -1.20
N SER A 82 -11.06 0.19 -0.58
CA SER A 82 -12.30 -0.11 0.07
C SER A 82 -13.32 -0.55 -0.97
N LYS A 83 -13.27 0.11 -2.13
CA LYS A 83 -14.10 -0.23 -3.25
C LYS A 83 -13.81 -1.67 -3.69
N LEU A 84 -12.53 -2.03 -3.74
CA LEU A 84 -12.09 -3.37 -4.10
C LEU A 84 -12.66 -4.40 -3.11
N TYR A 85 -12.54 -4.12 -1.82
CA TYR A 85 -13.02 -5.03 -0.78
C TYR A 85 -14.54 -5.08 -0.68
N GLN A 86 -15.22 -4.27 -1.46
CA GLN A 86 -16.67 -4.31 -1.49
C GLN A 86 -17.15 -4.89 -2.81
N ALA A 87 -16.51 -4.49 -3.91
CA ALA A 87 -16.84 -4.95 -5.26
C ALA A 87 -16.46 -6.42 -5.44
N GLY A 88 -15.59 -6.88 -4.60
CA GLY A 88 -15.18 -8.25 -4.63
C GLY A 88 -14.99 -8.73 -3.25
N GLY A 89 -15.90 -8.32 -2.39
CA GLY A 89 -15.81 -8.65 -1.02
C GLY A 89 -17.12 -8.48 -0.30
N ALA A 90 -17.16 -7.59 0.63
CA ALA A 90 -18.33 -7.37 1.44
C ALA A 90 -18.55 -5.87 1.64
N PRO A 91 -19.80 -5.41 1.77
CA PRO A 91 -20.11 -3.99 2.00
C PRO A 91 -19.49 -3.49 3.32
N GLY A 92 -19.03 -2.25 3.31
CA GLY A 92 -18.41 -1.67 4.48
C GLY A 92 -19.44 -1.22 5.51
N GLY A 93 -18.98 -0.77 6.65
CA GLY A 93 -19.87 -0.35 7.71
C GLY A 93 -20.30 1.09 7.53
N ALA A 94 -21.02 1.34 6.46
CA ALA A 94 -21.52 2.66 6.16
C ALA A 94 -22.79 2.54 5.35
N ALA A 95 -23.73 3.40 5.65
CA ALA A 95 -24.97 3.46 4.91
C ALA A 95 -24.88 4.57 3.88
N GLY A 96 -23.85 5.38 4.00
CA GLY A 96 -23.60 6.45 3.09
C GLY A 96 -22.27 7.06 3.38
N GLY A 97 -21.82 7.94 2.53
CA GLY A 97 -20.55 8.56 2.74
C GLY A 97 -20.25 9.57 1.65
N ALA A 98 -19.07 9.46 1.08
CA ALA A 98 -18.58 10.36 0.02
C ALA A 98 -18.65 11.84 0.42
N PRO A 99 -17.79 12.28 1.35
CA PRO A 99 -17.73 13.66 1.78
C PRO A 99 -16.63 14.43 1.05
N GLY A 100 -16.23 13.91 -0.08
CA GLY A 100 -15.17 14.51 -0.86
C GLY A 100 -14.27 13.48 -1.48
N GLY A 101 -14.32 12.28 -0.95
CA GLY A 101 -13.53 11.20 -1.43
C GLY A 101 -14.13 9.93 -0.97
N SER A 1 24.93 0.72 18.24
CA SER A 1 24.67 1.36 19.49
C SER A 1 23.17 1.34 19.72
N LYS A 2 22.75 0.90 20.91
CA LYS A 2 21.33 0.60 21.20
C LYS A 2 20.36 1.71 20.79
N GLU A 3 20.64 2.95 21.15
CA GLU A 3 19.77 4.08 20.83
C GLU A 3 19.55 4.20 19.32
N GLU A 4 20.63 4.20 18.55
CA GLU A 4 20.49 4.33 17.14
C GLU A 4 20.02 3.03 16.48
N ASP A 5 20.42 1.91 17.04
CA ASP A 5 19.93 0.59 16.60
C ASP A 5 18.42 0.52 16.70
N GLU A 6 17.87 1.11 17.74
CA GLU A 6 16.43 1.15 17.93
C GLU A 6 15.75 2.04 16.91
N LYS A 7 16.31 3.24 16.65
CA LYS A 7 15.69 4.14 15.66
C LYS A 7 15.72 3.47 14.30
N GLU A 8 16.80 2.75 14.03
CA GLU A 8 16.98 2.04 12.80
C GLU A 8 15.99 0.91 12.69
N SER A 9 15.81 0.16 13.76
CA SER A 9 14.88 -0.96 13.74
C SER A 9 13.44 -0.50 13.56
N GLN A 10 13.08 0.62 14.18
CA GLN A 10 11.75 1.20 13.99
C GLN A 10 11.63 1.65 12.54
N ARG A 11 12.70 2.22 12.05
CA ARG A 11 12.80 2.69 10.68
C ARG A 11 12.68 1.53 9.71
N ILE A 12 13.30 0.40 10.05
CA ILE A 12 13.21 -0.82 9.25
C ILE A 12 11.77 -1.28 9.18
N ALA A 13 11.09 -1.25 10.31
CA ALA A 13 9.70 -1.68 10.37
C ALA A 13 8.81 -0.82 9.46
N SER A 14 8.97 0.48 9.54
CA SER A 14 8.22 1.42 8.71
C SER A 14 8.61 1.24 7.23
N LYS A 15 9.90 1.13 6.96
CA LYS A 15 10.45 0.97 5.61
C LYS A 15 9.97 -0.34 4.98
N ASN A 16 9.95 -1.38 5.79
CA ASN A 16 9.53 -2.70 5.38
C ASN A 16 8.07 -2.69 5.01
N GLN A 17 7.28 -2.06 5.84
CA GLN A 17 5.84 -1.95 5.63
C GLN A 17 5.57 -1.13 4.38
N LEU A 18 6.30 -0.03 4.27
CA LEU A 18 6.18 0.88 3.14
C LEU A 18 6.41 0.13 1.83
N GLU A 19 7.47 -0.64 1.78
CA GLU A 19 7.83 -1.40 0.61
C GLU A 19 6.81 -2.52 0.34
N SER A 20 6.51 -3.32 1.36
CA SER A 20 5.65 -4.47 1.16
C SER A 20 4.20 -4.09 0.83
N ILE A 21 3.67 -3.08 1.50
CA ILE A 21 2.32 -2.63 1.26
C ILE A 21 2.19 -2.06 -0.16
N ALA A 22 3.18 -1.29 -0.59
CA ALA A 22 3.17 -0.69 -1.94
C ALA A 22 3.11 -1.79 -3.01
N TYR A 23 3.90 -2.84 -2.82
CA TYR A 23 3.86 -3.97 -3.74
C TYR A 23 2.56 -4.73 -3.66
N SER A 24 2.09 -4.99 -2.44
CA SER A 24 0.87 -5.73 -2.21
C SER A 24 -0.32 -5.01 -2.85
N LEU A 25 -0.32 -3.70 -2.71
CA LEU A 25 -1.34 -2.84 -3.28
C LEU A 25 -1.42 -3.02 -4.79
N LYS A 26 -0.27 -2.96 -5.45
CA LYS A 26 -0.21 -3.13 -6.89
C LYS A 26 -0.63 -4.54 -7.29
N ASN A 27 -0.15 -5.52 -6.54
CA ASN A 27 -0.48 -6.93 -6.78
C ASN A 27 -1.98 -7.13 -6.71
N THR A 28 -2.58 -6.58 -5.66
CA THR A 28 -4.02 -6.69 -5.42
C THR A 28 -4.84 -6.20 -6.63
N ILE A 29 -4.50 -5.03 -7.17
CA ILE A 29 -5.20 -4.54 -8.34
C ILE A 29 -4.92 -5.42 -9.56
N SER A 30 -3.69 -5.90 -9.68
CA SER A 30 -3.29 -6.75 -10.81
C SER A 30 -4.04 -8.11 -10.80
N GLU A 31 -4.43 -8.56 -9.62
CA GLU A 31 -5.20 -9.79 -9.48
C GLU A 31 -6.60 -9.57 -10.05
N ALA A 32 -7.18 -8.42 -9.68
CA ALA A 32 -8.50 -8.01 -10.15
C ALA A 32 -8.46 -7.71 -11.64
N GLY A 33 -7.46 -6.95 -12.03
CA GLY A 33 -7.21 -6.63 -13.40
C GLY A 33 -8.31 -5.85 -14.08
N ASP A 34 -9.08 -6.54 -14.89
CA ASP A 34 -10.08 -5.95 -15.78
C ASP A 34 -11.34 -5.57 -15.06
N LYS A 35 -11.38 -5.93 -13.82
CA LYS A 35 -12.48 -5.58 -12.97
C LYS A 35 -12.33 -4.16 -12.46
N LEU A 36 -11.12 -3.70 -12.39
CA LEU A 36 -10.87 -2.37 -11.96
C LEU A 36 -10.57 -1.48 -13.14
N GLU A 37 -11.07 -0.28 -13.07
CA GLU A 37 -10.97 0.70 -14.14
C GLU A 37 -9.54 1.22 -14.27
N GLN A 38 -9.11 1.48 -15.50
CA GLN A 38 -7.75 1.92 -15.83
C GLN A 38 -7.27 3.11 -15.00
N ALA A 39 -8.03 4.19 -14.94
CA ALA A 39 -7.55 5.38 -14.23
C ALA A 39 -7.42 5.12 -12.73
N ASP A 40 -8.38 4.38 -12.20
CA ASP A 40 -8.39 4.00 -10.78
C ASP A 40 -7.19 3.13 -10.47
N LYS A 41 -7.05 2.10 -11.27
CA LYS A 41 -5.97 1.15 -11.21
C LYS A 41 -4.62 1.86 -11.35
N ASP A 42 -4.57 2.82 -12.25
CA ASP A 42 -3.36 3.56 -12.49
C ASP A 42 -3.04 4.45 -11.33
N THR A 43 -4.03 5.16 -10.79
CA THR A 43 -3.78 6.07 -9.67
C THR A 43 -3.17 5.30 -8.48
N VAL A 44 -3.73 4.12 -8.21
CA VAL A 44 -3.26 3.29 -7.11
C VAL A 44 -1.84 2.80 -7.34
N THR A 45 -1.58 2.27 -8.51
CA THR A 45 -0.30 1.71 -8.80
C THR A 45 0.78 2.80 -9.00
N LYS A 46 0.38 3.90 -9.58
CA LYS A 46 1.26 5.02 -9.84
C LYS A 46 1.66 5.72 -8.53
N LYS A 47 0.75 5.78 -7.57
CA LYS A 47 1.10 6.30 -6.26
C LYS A 47 2.05 5.32 -5.58
N ALA A 48 1.82 4.03 -5.83
CA ALA A 48 2.66 2.97 -5.30
C ALA A 48 4.06 3.08 -5.89
N GLU A 49 4.12 3.38 -7.18
CA GLU A 49 5.37 3.61 -7.90
C GLU A 49 6.18 4.71 -7.24
N GLU A 50 5.51 5.84 -6.98
CA GLU A 50 6.16 6.98 -6.35
C GLU A 50 6.58 6.64 -4.95
N THR A 51 5.84 5.76 -4.34
CA THR A 51 6.13 5.32 -3.01
C THR A 51 7.42 4.48 -2.97
N ILE A 52 7.55 3.56 -3.91
CA ILE A 52 8.70 2.69 -4.03
C ILE A 52 9.92 3.47 -4.50
N SER A 53 9.76 4.26 -5.55
CA SER A 53 10.82 5.10 -6.08
C SER A 53 11.30 6.11 -5.04
N TRP A 54 10.40 6.52 -4.15
CA TRP A 54 10.74 7.41 -3.05
C TRP A 54 11.71 6.69 -2.13
N LEU A 55 11.41 5.44 -1.82
CA LEU A 55 12.24 4.61 -0.95
C LEU A 55 13.60 4.36 -1.60
N ASP A 56 13.60 4.33 -2.90
CA ASP A 56 14.77 4.08 -3.70
C ASP A 56 15.70 5.30 -3.70
N SER A 57 15.12 6.46 -3.64
CA SER A 57 15.88 7.68 -3.68
C SER A 57 16.16 8.28 -2.29
N ASN A 58 15.20 8.15 -1.41
CA ASN A 58 15.21 8.76 -0.09
C ASN A 58 15.33 7.70 0.96
N THR A 59 16.11 6.70 0.67
CA THR A 59 16.33 5.57 1.55
C THR A 59 16.92 6.07 2.90
N THR A 60 17.69 7.13 2.84
CA THR A 60 18.34 7.71 3.97
C THR A 60 17.42 8.66 4.79
N ALA A 61 16.17 8.77 4.37
CA ALA A 61 15.23 9.68 5.03
C ALA A 61 14.73 9.10 6.35
N SER A 62 13.93 9.89 7.05
CA SER A 62 13.43 9.55 8.35
C SER A 62 12.32 8.51 8.25
N LYS A 63 12.15 7.73 9.31
CA LYS A 63 11.11 6.72 9.35
C LYS A 63 9.74 7.38 9.35
N GLU A 64 9.70 8.58 9.92
CA GLU A 64 8.51 9.42 9.96
C GLU A 64 8.10 9.81 8.54
N GLU A 65 9.08 9.97 7.66
CA GLU A 65 8.82 10.36 6.28
C GLU A 65 8.25 9.17 5.51
N PHE A 66 8.82 7.98 5.76
CA PHE A 66 8.28 6.75 5.17
C PHE A 66 6.83 6.56 5.63
N ASP A 67 6.64 6.79 6.91
CA ASP A 67 5.35 6.67 7.59
C ASP A 67 4.30 7.64 7.02
N ASP A 68 4.71 8.89 6.80
CA ASP A 68 3.80 9.94 6.35
C ASP A 68 3.22 9.63 4.99
N LYS A 69 4.07 9.29 4.03
CA LYS A 69 3.52 8.99 2.74
C LYS A 69 2.83 7.65 2.67
N LEU A 70 3.18 6.73 3.58
CA LEU A 70 2.46 5.45 3.71
C LEU A 70 0.98 5.78 3.97
N LYS A 71 0.77 6.80 4.77
CA LYS A 71 -0.55 7.29 5.08
C LYS A 71 -1.21 7.90 3.85
N GLU A 72 -0.42 8.58 2.99
CA GLU A 72 -0.95 9.07 1.70
C GLU A 72 -1.30 7.88 0.81
N LEU A 73 -0.43 6.88 0.86
CA LEU A 73 -0.55 5.68 0.07
C LEU A 73 -1.86 4.98 0.40
N GLN A 74 -2.16 4.89 1.69
CA GLN A 74 -3.43 4.36 2.14
C GLN A 74 -4.56 5.26 1.67
N ASP A 75 -4.40 6.55 1.89
CA ASP A 75 -5.39 7.59 1.54
C ASP A 75 -5.82 7.54 0.07
N ILE A 76 -4.85 7.49 -0.81
CA ILE A 76 -5.09 7.47 -2.25
C ILE A 76 -5.73 6.15 -2.67
N ALA A 77 -5.32 5.08 -2.03
CA ALA A 77 -5.80 3.75 -2.35
C ALA A 77 -7.20 3.49 -1.83
N ASN A 78 -7.54 4.10 -0.70
CA ASN A 78 -8.84 3.88 0.01
C ASN A 78 -10.08 3.78 -0.90
N PRO A 79 -10.39 4.80 -1.74
CA PRO A 79 -11.56 4.73 -2.65
C PRO A 79 -11.51 3.53 -3.60
N ILE A 80 -10.34 3.27 -4.17
CA ILE A 80 -10.21 2.18 -5.14
C ILE A 80 -10.25 0.82 -4.43
N MET A 81 -9.69 0.80 -3.23
CA MET A 81 -9.76 -0.39 -2.37
C MET A 81 -11.22 -0.70 -2.09
N SER A 82 -12.01 0.35 -1.82
CA SER A 82 -13.41 0.21 -1.49
C SER A 82 -14.18 -0.38 -2.67
N LYS A 83 -13.79 0.02 -3.88
CA LYS A 83 -14.40 -0.50 -5.10
C LYS A 83 -14.20 -2.02 -5.13
N LEU A 84 -12.99 -2.44 -4.83
CA LEU A 84 -12.62 -3.84 -4.88
C LEU A 84 -13.20 -4.63 -3.68
N TYR A 85 -13.35 -4.00 -2.53
CA TYR A 85 -13.94 -4.68 -1.37
C TYR A 85 -15.41 -5.00 -1.56
N GLN A 86 -16.07 -4.30 -2.46
CA GLN A 86 -17.46 -4.57 -2.70
C GLN A 86 -17.70 -5.32 -4.01
N ALA A 87 -16.95 -4.97 -5.05
CA ALA A 87 -17.09 -5.62 -6.36
C ALA A 87 -16.23 -6.88 -6.43
N GLY A 88 -15.72 -7.27 -5.30
CA GLY A 88 -14.91 -8.45 -5.20
C GLY A 88 -15.08 -9.04 -3.85
N GLY A 89 -14.74 -8.28 -2.84
CA GLY A 89 -14.90 -8.70 -1.48
C GLY A 89 -13.70 -9.44 -0.97
N ALA A 90 -13.00 -8.81 -0.02
CA ALA A 90 -11.76 -9.33 0.62
C ALA A 90 -10.85 -10.06 -0.38
N PRO A 91 -10.12 -9.31 -1.23
CA PRO A 91 -9.27 -9.89 -2.28
C PRO A 91 -7.96 -10.48 -1.76
N GLY A 92 -7.75 -10.37 -0.47
CA GLY A 92 -6.56 -10.89 0.14
C GLY A 92 -6.60 -12.39 0.23
N GLY A 93 -5.47 -13.01 0.15
CA GLY A 93 -5.38 -14.43 0.22
C GLY A 93 -4.21 -14.85 1.04
N ALA A 94 -3.38 -15.69 0.50
CA ALA A 94 -2.20 -16.17 1.20
C ALA A 94 -1.00 -16.21 0.26
N ALA A 95 -1.14 -15.51 -0.89
CA ALA A 95 -0.12 -15.44 -1.95
C ALA A 95 0.14 -16.84 -2.51
N GLY A 96 -0.91 -17.66 -2.50
CA GLY A 96 -0.79 -19.02 -2.93
C GLY A 96 -0.85 -19.17 -4.43
N GLY A 97 -1.61 -18.31 -5.08
CA GLY A 97 -1.76 -18.39 -6.51
C GLY A 97 -0.52 -17.93 -7.21
N ALA A 98 0.03 -16.85 -6.72
CA ALA A 98 1.23 -16.30 -7.23
C ALA A 98 2.13 -16.00 -6.06
N PRO A 99 3.18 -16.80 -5.87
CA PRO A 99 4.08 -16.66 -4.72
C PRO A 99 5.11 -15.54 -4.88
N GLY A 100 4.96 -14.75 -5.92
CA GLY A 100 5.88 -13.67 -6.18
C GLY A 100 7.00 -14.15 -7.07
N GLY A 101 7.63 -15.20 -6.63
CA GLY A 101 8.65 -15.83 -7.40
C GLY A 101 8.12 -17.11 -7.95
#